data_1IQP
#
_entry.id   1IQP
#
_cell.length_a   98.361
_cell.length_b   105.608
_cell.length_c   316.898
_cell.angle_alpha   90.00
_cell.angle_beta   90.00
_cell.angle_gamma   90.00
#
_symmetry.space_group_name_H-M   'P 21 21 21'
#
loop_
_entity.id
_entity.type
_entity.pdbx_description
1 polymer RFCS
2 non-polymer "ADENOSINE-5'-DIPHOSPHATE"
3 water water
#
_entity_poly.entity_id   1
_entity_poly.type   'polypeptide(L)'
_entity_poly.pdbx_seq_one_letter_code
;MSEEIREVKVLEKPWVEKYRPQRLDDIVGQEHIVKRLKHYVKTGSMPHLLFAGPPGVGKTTAALALARELFGENWRHNFL
ELNASDERGINVIREKVKEFARTKPIGGASFKIIFLDEADALTQDAQQALRRTMEMFSSNVRFILSCNYSSKIIEPIQSR
CAIFRFRPLRDEDIAKRLRYIAENEGLELTEEGLQAILYIAEGDMRRAINILQAAAALDKKITDENVFMVASRARPEDIR
EMMLLALKGNFLKAREKLREILLKQGLSGEDVLVQMHKEVFNLPIEEPKKVLLADKIGEYNFRLVEGANEIIQLEALLAQ
FTLIGKK
;
_entity_poly.pdbx_strand_id   A,B,C,D,E,F
#
loop_
_chem_comp.id
_chem_comp.type
_chem_comp.name
_chem_comp.formula
ADP non-polymer ADENOSINE-5'-DIPHOSPHATE 'C10 H15 N5 O10 P2'
#
# COMPACT_ATOMS: atom_id res chain seq x y z
N SER A 2 31.73 11.77 55.45
CA SER A 2 30.27 11.61 55.69
C SER A 2 29.93 10.13 55.94
N GLU A 3 28.88 9.89 56.73
CA GLU A 3 28.45 8.53 57.03
C GLU A 3 27.01 8.25 56.62
N GLU A 4 26.86 7.81 55.37
CA GLU A 4 25.56 7.49 54.77
C GLU A 4 25.02 6.16 55.32
N ILE A 5 23.75 5.89 55.05
CA ILE A 5 23.14 4.64 55.51
C ILE A 5 23.57 3.51 54.57
N ARG A 6 23.46 2.26 55.03
CA ARG A 6 23.88 1.10 54.24
C ARG A 6 23.54 1.17 52.77
N GLU A 7 22.29 1.50 52.48
CA GLU A 7 21.78 1.61 51.12
C GLU A 7 22.62 2.50 50.21
N VAL A 8 22.82 3.75 50.64
CA VAL A 8 23.59 4.69 49.85
C VAL A 8 24.98 4.12 49.58
N LYS A 9 25.52 3.41 50.55
CA LYS A 9 26.85 2.81 50.41
C LYS A 9 26.89 1.75 49.32
N VAL A 10 25.84 0.94 49.29
CA VAL A 10 25.71 -0.13 48.30
C VAL A 10 25.65 0.40 46.87
N LEU A 11 24.81 1.39 46.64
CA LEU A 11 24.65 1.99 45.32
C LEU A 11 25.73 3.00 44.96
N GLU A 12 26.74 3.10 45.82
CA GLU A 12 27.82 4.05 45.59
C GLU A 12 28.42 3.85 44.19
N LYS A 13 28.81 2.63 43.90
CA LYS A 13 29.38 2.32 42.59
C LYS A 13 28.85 0.97 42.08
N PRO A 14 28.65 0.85 40.77
CA PRO A 14 28.16 -0.39 40.16
C PRO A 14 29.06 -1.58 40.51
N TRP A 15 28.50 -2.62 41.10
CA TRP A 15 29.27 -3.81 41.45
C TRP A 15 29.91 -4.50 40.26
N VAL A 16 29.33 -4.35 39.07
CA VAL A 16 29.94 -4.98 37.91
C VAL A 16 31.30 -4.35 37.72
N GLU A 17 31.40 -3.07 38.07
CA GLU A 17 32.66 -2.35 37.91
C GLU A 17 33.57 -2.49 39.13
N LYS A 18 32.98 -2.51 40.32
CA LYS A 18 33.74 -2.65 41.54
C LYS A 18 34.48 -3.99 41.51
N TYR A 19 33.77 -5.05 41.15
CA TYR A 19 34.35 -6.37 41.10
C TYR A 19 34.76 -6.88 39.73
N ARG A 20 35.02 -5.96 38.81
CA ARG A 20 35.49 -6.35 37.49
C ARG A 20 36.85 -7.03 37.68
N PRO A 21 37.03 -8.22 37.10
CA PRO A 21 38.31 -8.92 37.27
C PRO A 21 39.51 -8.04 36.93
N GLN A 22 40.43 -7.95 37.88
CA GLN A 22 41.63 -7.13 37.75
C GLN A 22 42.79 -7.88 37.09
N ARG A 23 43.00 -9.11 37.53
CA ARG A 23 44.07 -9.95 37.01
C ARG A 23 43.52 -11.18 36.27
N LEU A 24 44.38 -11.81 35.49
CA LEU A 24 44.01 -12.98 34.72
C LEU A 24 43.46 -14.10 35.60
N ASP A 25 43.91 -14.16 36.86
CA ASP A 25 43.42 -15.19 37.76
C ASP A 25 42.06 -14.77 38.32
N ASP A 26 41.72 -13.51 38.09
CA ASP A 26 40.43 -13.01 38.54
C ASP A 26 39.36 -13.53 37.58
N ILE A 27 39.70 -13.59 36.30
CA ILE A 27 38.80 -14.08 35.27
C ILE A 27 38.30 -15.47 35.59
N VAL A 28 37.02 -15.72 35.31
CA VAL A 28 36.44 -17.03 35.61
C VAL A 28 35.82 -17.78 34.42
N GLY A 29 36.13 -19.07 34.32
CA GLY A 29 35.54 -19.87 33.26
C GLY A 29 36.33 -20.14 32.01
N GLN A 30 37.52 -19.55 31.89
CA GLN A 30 38.31 -19.76 30.69
C GLN A 30 39.67 -20.33 31.06
N GLU A 31 39.70 -21.06 32.17
CA GLU A 31 40.93 -21.67 32.69
C GLU A 31 42.03 -21.98 31.67
N HIS A 32 41.71 -22.74 30.63
CA HIS A 32 42.71 -23.10 29.62
C HIS A 32 43.27 -21.87 28.95
N ILE A 33 42.37 -20.98 28.55
CA ILE A 33 42.74 -19.74 27.89
C ILE A 33 43.57 -18.86 28.83
N VAL A 34 43.12 -18.73 30.08
CA VAL A 34 43.83 -17.91 31.05
C VAL A 34 45.25 -18.42 31.23
N LYS A 35 45.45 -19.73 31.07
CA LYS A 35 46.77 -20.32 31.19
C LYS A 35 47.67 -19.76 30.08
N ARG A 36 47.18 -19.83 28.84
CA ARG A 36 47.96 -19.31 27.72
C ARG A 36 48.27 -17.82 27.92
N LEU A 37 47.31 -17.09 28.45
CA LEU A 37 47.47 -15.66 28.67
C LEU A 37 48.53 -15.31 29.69
N LYS A 38 48.56 -16.06 30.80
CA LYS A 38 49.56 -15.82 31.83
C LYS A 38 50.96 -16.08 31.26
N HIS A 39 51.06 -17.08 30.40
CA HIS A 39 52.36 -17.40 29.82
C HIS A 39 52.94 -16.20 29.12
N TYR A 40 52.09 -15.38 28.51
CA TYR A 40 52.57 -14.19 27.81
C TYR A 40 53.12 -13.16 28.76
N VAL A 41 52.46 -12.96 29.90
CA VAL A 41 52.93 -11.96 30.87
C VAL A 41 54.26 -12.39 31.47
N LYS A 42 54.40 -13.69 31.68
CA LYS A 42 55.61 -14.26 32.25
C LYS A 42 56.80 -13.98 31.34
N THR A 43 56.64 -14.27 30.04
CA THR A 43 57.71 -14.06 29.06
C THR A 43 57.74 -12.65 28.44
N GLY A 44 56.79 -11.80 28.81
CA GLY A 44 56.77 -10.45 28.27
C GLY A 44 56.59 -10.30 26.76
N SER A 45 56.18 -11.35 26.07
CA SER A 45 55.97 -11.27 24.62
C SER A 45 54.76 -12.07 24.13
N MET A 46 54.10 -11.56 23.09
CA MET A 46 52.92 -12.22 22.52
C MET A 46 52.73 -11.82 21.05
N PRO A 47 52.11 -12.71 20.26
CA PRO A 47 51.87 -12.39 18.85
C PRO A 47 50.53 -11.65 18.78
N HIS A 48 50.02 -11.41 17.58
CA HIS A 48 48.73 -10.77 17.45
C HIS A 48 47.73 -11.79 17.99
N LEU A 49 46.65 -11.32 18.59
CA LEU A 49 45.64 -12.22 19.17
C LEU A 49 44.28 -12.15 18.49
N LEU A 50 43.56 -13.26 18.52
CA LEU A 50 42.21 -13.32 17.94
C LEU A 50 41.29 -13.98 18.94
N PHE A 51 40.39 -13.18 19.52
CA PHE A 51 39.42 -13.65 20.50
C PHE A 51 38.11 -13.97 19.80
N ALA A 52 37.63 -15.20 19.98
CA ALA A 52 36.39 -15.63 19.35
C ALA A 52 35.44 -16.23 20.38
N GLY A 53 34.14 -15.95 20.17
CA GLY A 53 33.13 -16.44 21.08
C GLY A 53 32.05 -15.39 21.22
N PRO A 54 31.03 -15.65 22.05
CA PRO A 54 29.93 -14.72 22.28
C PRO A 54 30.31 -13.49 23.13
N PRO A 55 29.38 -12.54 23.26
CA PRO A 55 29.59 -11.30 24.03
C PRO A 55 29.54 -11.56 25.53
N GLY A 56 30.05 -10.60 26.30
CA GLY A 56 30.08 -10.67 27.74
C GLY A 56 30.47 -11.99 28.36
N VAL A 57 31.37 -12.73 27.73
CA VAL A 57 31.73 -14.01 28.31
C VAL A 57 33.19 -14.06 28.80
N GLY A 58 34.00 -13.09 28.39
CA GLY A 58 35.38 -13.02 28.83
C GLY A 58 36.36 -12.28 27.91
N LYS A 59 36.03 -12.18 26.62
CA LYS A 59 36.95 -11.53 25.70
C LYS A 59 37.51 -10.18 26.15
N THR A 60 36.66 -9.17 26.32
CA THR A 60 37.13 -7.85 26.75
C THR A 60 37.81 -7.90 28.12
N THR A 61 37.10 -8.48 29.08
CA THR A 61 37.59 -8.66 30.42
C THR A 61 39.01 -9.21 30.43
N ALA A 62 39.20 -10.32 29.75
CA ALA A 62 40.51 -10.93 29.66
C ALA A 62 41.47 -10.00 28.96
N ALA A 63 41.04 -9.40 27.85
CA ALA A 63 41.92 -8.50 27.12
C ALA A 63 42.45 -7.41 28.05
N LEU A 64 41.55 -6.80 28.82
CA LEU A 64 41.94 -5.75 29.77
C LEU A 64 42.83 -6.33 30.86
N ALA A 65 42.48 -7.51 31.36
CA ALA A 65 43.27 -8.13 32.41
C ALA A 65 44.67 -8.44 31.89
N LEU A 66 44.76 -8.66 30.59
CA LEU A 66 46.04 -8.97 29.98
C LEU A 66 46.89 -7.71 30.01
N ALA A 67 46.27 -6.60 29.62
CA ALA A 67 46.95 -5.32 29.56
C ALA A 67 47.40 -4.85 30.93
N ARG A 68 46.61 -5.15 31.95
CA ARG A 68 46.94 -4.76 33.32
C ARG A 68 48.19 -5.46 33.81
N GLU A 69 48.31 -6.76 33.50
CA GLU A 69 49.48 -7.50 33.94
C GLU A 69 50.71 -7.18 33.10
N LEU A 70 50.53 -6.97 31.81
CA LEU A 70 51.65 -6.62 30.96
C LEU A 70 52.19 -5.23 31.25
N PHE A 71 51.28 -4.26 31.37
CA PHE A 71 51.61 -2.85 31.59
C PHE A 71 51.46 -2.31 33.01
N GLY A 72 50.86 -3.07 33.90
CA GLY A 72 50.68 -2.56 35.24
C GLY A 72 49.91 -1.26 35.19
N GLU A 73 50.23 -0.34 36.10
CA GLU A 73 49.56 0.95 36.19
C GLU A 73 49.55 1.72 34.89
N ASN A 74 50.36 1.30 33.92
CA ASN A 74 50.43 2.00 32.63
C ASN A 74 49.46 1.47 31.56
N TRP A 75 48.66 0.47 31.89
CA TRP A 75 47.76 -0.12 30.91
C TRP A 75 46.89 0.87 30.14
N ARG A 76 46.21 1.77 30.83
CA ARG A 76 45.35 2.73 30.13
C ARG A 76 46.10 3.56 29.07
N HIS A 77 47.40 3.74 29.26
CA HIS A 77 48.21 4.50 28.33
C HIS A 77 48.62 3.63 27.13
N ASN A 78 48.85 2.34 27.38
CA ASN A 78 49.29 1.43 26.34
C ASN A 78 48.21 0.58 25.67
N PHE A 79 46.99 0.63 26.20
CA PHE A 79 45.88 -0.16 25.68
C PHE A 79 44.78 0.67 25.04
N LEU A 80 44.64 0.55 23.72
CA LEU A 80 43.62 1.29 22.97
C LEU A 80 42.52 0.33 22.51
N GLU A 81 41.27 0.72 22.72
CA GLU A 81 40.13 -0.11 22.32
C GLU A 81 39.25 0.59 21.29
N LEU A 82 39.13 -0.01 20.11
CA LEU A 82 38.31 0.55 19.05
C LEU A 82 37.27 -0.48 18.59
N ASN A 83 36.17 -0.01 18.02
CA ASN A 83 35.16 -0.95 17.53
C ASN A 83 35.12 -0.90 16.00
N ALA A 84 35.41 -2.02 15.37
CA ALA A 84 35.44 -2.11 13.92
C ALA A 84 34.14 -1.73 13.21
N SER A 85 33.02 -2.21 13.71
CA SER A 85 31.72 -1.92 13.08
C SER A 85 31.42 -0.43 12.97
N ASP A 86 31.97 0.35 13.90
CA ASP A 86 31.74 1.79 13.88
C ASP A 86 32.59 2.47 12.81
N GLU A 87 32.20 2.28 11.55
CA GLU A 87 32.90 2.84 10.40
C GLU A 87 33.20 4.34 10.52
N ARG A 88 32.16 5.15 10.63
CA ARG A 88 32.32 6.60 10.74
C ARG A 88 33.34 7.00 11.80
N GLY A 89 33.12 6.52 13.03
CA GLY A 89 34.03 6.84 14.12
C GLY A 89 35.45 6.35 13.90
N ILE A 90 35.59 5.07 13.53
CA ILE A 90 36.91 4.47 13.31
C ILE A 90 37.69 5.19 12.21
N ASN A 91 36.99 6.00 11.41
CA ASN A 91 37.62 6.77 10.34
C ASN A 91 37.90 8.19 10.81
N VAL A 92 37.04 8.68 11.71
CA VAL A 92 37.22 10.02 12.26
C VAL A 92 38.11 9.88 13.48
N ILE A 93 38.81 8.75 13.56
CA ILE A 93 39.72 8.45 14.66
C ILE A 93 40.92 7.66 14.16
N ARG A 94 40.99 7.47 12.84
CA ARG A 94 42.11 6.73 12.26
C ARG A 94 43.39 7.49 12.54
N GLU A 95 43.26 8.82 12.57
CA GLU A 95 44.39 9.69 12.83
C GLU A 95 44.94 9.44 14.23
N LYS A 96 44.04 9.38 15.20
CA LYS A 96 44.41 9.12 16.60
C LYS A 96 45.14 7.76 16.68
N VAL A 97 44.62 6.77 15.96
CA VAL A 97 45.19 5.43 15.94
C VAL A 97 46.67 5.45 15.52
N LYS A 98 46.93 6.04 14.36
CA LYS A 98 48.30 6.14 13.86
C LYS A 98 49.16 6.84 14.89
N GLU A 99 48.54 7.73 15.66
CA GLU A 99 49.24 8.48 16.68
C GLU A 99 49.60 7.53 17.82
N PHE A 100 48.66 6.67 18.16
CA PHE A 100 48.86 5.69 19.23
C PHE A 100 49.97 4.74 18.78
N ALA A 101 49.91 4.38 17.50
CA ALA A 101 50.88 3.46 16.92
C ALA A 101 52.21 4.16 16.66
N ARG A 102 52.18 5.49 16.65
CA ARG A 102 53.38 6.27 16.41
C ARG A 102 54.25 6.29 17.67
N THR A 103 53.74 6.93 18.72
CA THR A 103 54.44 7.04 19.99
C THR A 103 54.80 5.71 20.66
N LYS A 104 55.98 5.67 21.27
CA LYS A 104 56.48 4.48 21.96
C LYS A 104 55.67 4.17 23.23
N PRO A 105 55.69 2.91 23.68
CA PRO A 105 54.96 2.51 24.89
C PRO A 105 55.48 3.16 26.17
N ILE A 106 54.55 3.63 27.00
CA ILE A 106 54.89 4.26 28.27
C ILE A 106 55.39 3.22 29.27
N GLY A 107 56.33 3.63 30.12
CA GLY A 107 56.87 2.74 31.14
C GLY A 107 57.94 1.77 30.68
N GLY A 108 58.41 1.94 29.45
CA GLY A 108 59.45 1.07 28.93
C GLY A 108 59.00 -0.28 28.43
N ALA A 109 57.70 -0.46 28.23
CA ALA A 109 57.16 -1.72 27.74
C ALA A 109 57.51 -1.85 26.26
N SER A 110 57.63 -3.08 25.77
CA SER A 110 57.98 -3.28 24.38
C SER A 110 56.91 -2.92 23.34
N PHE A 111 55.64 -3.00 23.70
CA PHE A 111 54.58 -2.68 22.72
C PHE A 111 53.25 -2.23 23.31
N LYS A 112 52.43 -1.64 22.47
CA LYS A 112 51.10 -1.20 22.89
C LYS A 112 50.09 -2.16 22.25
N ILE A 113 48.95 -2.35 22.90
CA ILE A 113 47.92 -3.24 22.33
C ILE A 113 46.71 -2.43 21.85
N ILE A 114 46.25 -2.73 20.65
CA ILE A 114 45.05 -2.09 20.13
C ILE A 114 44.00 -3.18 20.13
N PHE A 115 42.88 -2.92 20.82
CA PHE A 115 41.81 -3.89 20.90
C PHE A 115 40.69 -3.54 19.93
N LEU A 116 40.62 -4.29 18.84
CA LEU A 116 39.60 -4.08 17.81
C LEU A 116 38.39 -4.94 18.10
N ASP A 117 37.33 -4.32 18.59
CA ASP A 117 36.12 -5.05 18.91
C ASP A 117 35.24 -5.24 17.69
N GLU A 118 34.66 -6.44 17.57
CA GLU A 118 33.80 -6.79 16.44
C GLU A 118 34.57 -6.65 15.13
N ALA A 119 35.74 -7.26 15.09
CA ALA A 119 36.59 -7.21 13.90
C ALA A 119 35.98 -7.96 12.73
N ASP A 120 35.02 -8.84 13.00
CA ASP A 120 34.38 -9.61 11.93
C ASP A 120 33.26 -8.84 11.24
N ALA A 121 33.10 -7.57 11.61
CA ALA A 121 32.09 -6.72 11.01
C ALA A 121 32.76 -5.96 9.85
N LEU A 122 34.03 -6.28 9.62
CA LEU A 122 34.80 -5.66 8.54
C LEU A 122 34.65 -6.55 7.31
N THR A 123 34.53 -5.92 6.14
CA THR A 123 34.42 -6.69 4.92
C THR A 123 35.74 -7.36 4.58
N GLN A 124 35.80 -8.01 3.43
CA GLN A 124 37.01 -8.69 3.01
C GLN A 124 38.12 -7.70 2.70
N ASP A 125 37.79 -6.65 1.96
CA ASP A 125 38.77 -5.63 1.62
C ASP A 125 39.22 -4.89 2.87
N ALA A 126 38.26 -4.59 3.75
CA ALA A 126 38.56 -3.89 4.99
C ALA A 126 39.54 -4.72 5.80
N GLN A 127 39.31 -6.04 5.83
CA GLN A 127 40.19 -6.96 6.55
C GLN A 127 41.54 -7.08 5.88
N GLN A 128 41.56 -6.94 4.56
CA GLN A 128 42.80 -7.01 3.80
C GLN A 128 43.65 -5.81 4.16
N ALA A 129 43.00 -4.66 4.34
CA ALA A 129 43.71 -3.44 4.69
C ALA A 129 44.23 -3.49 6.13
N LEU A 130 43.43 -4.06 7.04
CA LEU A 130 43.85 -4.19 8.43
C LEU A 130 45.14 -4.97 8.47
N ARG A 131 45.17 -6.06 7.70
CA ARG A 131 46.34 -6.91 7.62
C ARG A 131 47.56 -6.06 7.29
N ARG A 132 47.40 -5.16 6.33
CA ARG A 132 48.50 -4.29 5.93
C ARG A 132 49.03 -3.52 7.13
N THR A 133 48.14 -2.85 7.84
CA THR A 133 48.55 -2.09 9.01
C THR A 133 48.90 -2.97 10.20
N MET A 134 48.57 -4.25 10.13
CA MET A 134 48.93 -5.13 11.23
C MET A 134 50.42 -5.40 11.11
N GLU A 135 50.88 -5.59 9.89
CA GLU A 135 52.30 -5.85 9.62
C GLU A 135 53.09 -4.55 9.75
N MET A 136 52.52 -3.49 9.19
CA MET A 136 53.16 -2.18 9.22
C MET A 136 53.65 -1.81 10.60
N PHE A 137 52.76 -1.84 11.59
CA PHE A 137 53.13 -1.48 12.96
C PHE A 137 53.39 -2.70 13.85
N SER A 138 53.52 -3.87 13.25
CA SER A 138 53.74 -5.10 14.02
C SER A 138 54.86 -4.98 15.05
N SER A 139 55.79 -4.06 14.83
CA SER A 139 56.92 -3.87 15.74
C SER A 139 56.60 -3.06 17.00
N ASN A 140 55.66 -2.12 16.89
CA ASN A 140 55.28 -1.29 18.04
C ASN A 140 53.94 -1.68 18.67
N VAL A 141 52.94 -2.02 17.87
CA VAL A 141 51.67 -2.42 18.48
C VAL A 141 51.33 -3.87 18.19
N ARG A 142 50.55 -4.44 19.09
CA ARG A 142 50.10 -5.82 19.00
C ARG A 142 48.57 -5.79 18.97
N PHE A 143 47.95 -6.49 18.02
CA PHE A 143 46.50 -6.50 17.92
C PHE A 143 45.77 -7.65 18.62
N ILE A 144 44.62 -7.32 19.20
CA ILE A 144 43.75 -8.31 19.82
C ILE A 144 42.39 -8.09 19.15
N LEU A 145 42.05 -8.99 18.24
CA LEU A 145 40.80 -8.91 17.48
C LEU A 145 39.69 -9.75 18.09
N SER A 146 38.52 -9.13 18.29
CA SER A 146 37.38 -9.83 18.86
C SER A 146 36.33 -10.09 17.80
N CYS A 147 35.74 -11.28 17.84
CA CYS A 147 34.73 -11.67 16.87
C CYS A 147 33.85 -12.78 17.42
N ASN A 148 32.78 -13.10 16.71
CA ASN A 148 31.88 -14.16 17.14
C ASN A 148 32.36 -15.47 16.58
N TYR A 149 32.95 -15.38 15.39
CA TYR A 149 33.49 -16.55 14.72
C TYR A 149 34.79 -16.23 14.04
N SER A 150 35.79 -17.07 14.26
CA SER A 150 37.10 -16.90 13.68
C SER A 150 36.93 -17.11 12.19
N SER A 151 35.97 -17.97 11.84
CA SER A 151 35.67 -18.29 10.45
C SER A 151 35.28 -17.03 9.66
N LYS A 152 35.05 -15.92 10.36
CA LYS A 152 34.68 -14.68 9.68
C LYS A 152 35.88 -13.74 9.46
N ILE A 153 37.06 -14.16 9.93
CA ILE A 153 38.27 -13.36 9.74
C ILE A 153 39.10 -14.08 8.67
N ILE A 154 39.62 -13.32 7.71
CA ILE A 154 40.38 -13.91 6.61
C ILE A 154 41.56 -14.73 7.07
N GLU A 155 41.81 -15.81 6.34
CA GLU A 155 42.90 -16.74 6.62
C GLU A 155 44.23 -16.03 6.84
N PRO A 156 44.57 -15.07 5.98
CA PRO A 156 45.83 -14.34 6.16
C PRO A 156 45.97 -13.81 7.58
N ILE A 157 44.96 -13.05 8.02
CA ILE A 157 44.96 -12.48 9.37
C ILE A 157 44.92 -13.56 10.44
N GLN A 158 44.27 -14.69 10.15
CA GLN A 158 44.22 -15.78 11.12
C GLN A 158 45.58 -16.43 11.28
N SER A 159 46.31 -16.57 10.18
CA SER A 159 47.62 -17.19 10.18
C SER A 159 48.56 -16.46 11.12
N ARG A 160 48.40 -15.14 11.20
CA ARG A 160 49.25 -14.32 12.04
C ARG A 160 48.87 -14.24 13.53
N CYS A 161 47.78 -14.87 13.92
CA CYS A 161 47.34 -14.78 15.30
C CYS A 161 47.31 -16.07 16.11
N ALA A 162 47.18 -15.91 17.42
CA ALA A 162 47.03 -17.01 18.34
C ALA A 162 45.52 -16.99 18.59
N ILE A 163 44.84 -18.05 18.21
CA ILE A 163 43.40 -18.13 18.37
C ILE A 163 42.93 -18.54 19.75
N PHE A 164 41.94 -17.82 20.28
CA PHE A 164 41.36 -18.15 21.58
C PHE A 164 39.84 -18.24 21.41
N ARG A 165 39.28 -19.39 21.76
CA ARG A 165 37.85 -19.57 21.62
C ARG A 165 37.16 -19.61 22.97
N PHE A 166 36.61 -18.46 23.35
CA PHE A 166 35.89 -18.31 24.61
C PHE A 166 34.55 -19.00 24.48
N ARG A 167 34.15 -19.73 25.52
CA ARG A 167 32.87 -20.44 25.51
C ARG A 167 31.90 -19.80 26.53
N PRO A 168 30.64 -20.24 26.53
CA PRO A 168 29.72 -19.64 27.49
C PRO A 168 30.14 -19.97 28.91
N LEU A 169 29.74 -19.13 29.87
CA LEU A 169 30.08 -19.37 31.26
C LEU A 169 29.06 -20.31 31.83
N ARG A 170 29.36 -20.94 32.97
CA ARG A 170 28.41 -21.85 33.58
C ARG A 170 27.96 -21.39 34.96
N ASP A 171 26.75 -21.81 35.35
CA ASP A 171 26.19 -21.43 36.64
C ASP A 171 27.18 -21.50 37.77
N GLU A 172 28.02 -22.53 37.75
CA GLU A 172 29.03 -22.75 38.77
C GLU A 172 30.08 -21.62 38.82
N ASP A 173 30.58 -21.22 37.66
CA ASP A 173 31.58 -20.14 37.63
C ASP A 173 30.90 -18.86 38.10
N ILE A 174 29.73 -18.60 37.55
CA ILE A 174 28.96 -17.42 37.90
C ILE A 174 28.55 -17.44 39.39
N ALA A 175 28.21 -18.62 39.89
CA ALA A 175 27.79 -18.75 41.28
C ALA A 175 28.94 -18.56 42.28
N LYS A 176 30.16 -18.92 41.88
CA LYS A 176 31.29 -18.77 42.79
C LYS A 176 31.59 -17.30 42.96
N ARG A 177 31.56 -16.55 41.85
CA ARG A 177 31.82 -15.13 41.92
C ARG A 177 30.72 -14.42 42.72
N LEU A 178 29.48 -14.86 42.57
CA LEU A 178 28.38 -14.26 43.31
C LEU A 178 28.56 -14.51 44.80
N ARG A 179 29.15 -15.64 45.15
CA ARG A 179 29.37 -15.95 46.56
C ARG A 179 30.48 -15.08 47.11
N TYR A 180 31.50 -14.86 46.30
CA TYR A 180 32.64 -14.04 46.70
C TYR A 180 32.20 -12.62 47.00
N ILE A 181 31.35 -12.07 46.15
CA ILE A 181 30.85 -10.71 46.33
C ILE A 181 29.92 -10.66 47.54
N ALA A 182 29.10 -11.68 47.70
CA ALA A 182 28.17 -11.72 48.82
C ALA A 182 28.95 -11.64 50.14
N GLU A 183 30.08 -12.32 50.17
CA GLU A 183 30.92 -12.35 51.37
C GLU A 183 31.62 -11.02 51.57
N ASN A 184 32.22 -10.49 50.50
CA ASN A 184 32.94 -9.24 50.57
C ASN A 184 32.03 -8.01 50.63
N GLU A 185 30.78 -8.19 51.04
CA GLU A 185 29.82 -7.07 51.13
C GLU A 185 28.85 -7.29 52.30
N GLY A 186 29.10 -8.36 53.06
CA GLY A 186 28.26 -8.67 54.21
C GLY A 186 26.87 -9.15 53.87
N LEU A 187 26.73 -9.86 52.77
CA LEU A 187 25.43 -10.36 52.33
C LEU A 187 25.06 -11.73 52.89
N GLU A 188 23.77 -11.96 52.98
CA GLU A 188 23.23 -13.22 53.44
C GLU A 188 22.65 -13.86 52.17
N LEU A 189 23.51 -14.39 51.31
CA LEU A 189 23.06 -15.00 50.07
C LEU A 189 22.36 -16.32 50.35
N THR A 190 21.04 -16.36 50.16
CA THR A 190 20.30 -17.59 50.39
C THR A 190 20.38 -18.49 49.15
N GLU A 191 20.00 -19.75 49.30
CA GLU A 191 20.04 -20.66 48.17
C GLU A 191 19.00 -20.26 47.14
N GLU A 192 17.78 -20.02 47.62
CA GLU A 192 16.68 -19.64 46.75
C GLU A 192 17.08 -18.37 45.97
N GLY A 193 17.62 -17.40 46.68
CA GLY A 193 18.05 -16.17 46.06
C GLY A 193 19.11 -16.42 45.01
N LEU A 194 20.10 -17.25 45.35
CA LEU A 194 21.16 -17.55 44.41
C LEU A 194 20.62 -18.25 43.16
N GLN A 195 19.83 -19.31 43.35
CA GLN A 195 19.28 -20.03 42.21
C GLN A 195 18.40 -19.11 41.39
N ALA A 196 17.71 -18.20 42.06
CA ALA A 196 16.85 -17.25 41.34
C ALA A 196 17.73 -16.40 40.42
N ILE A 197 18.79 -15.82 40.97
CA ILE A 197 19.69 -15.00 40.19
C ILE A 197 20.21 -15.77 38.99
N LEU A 198 20.82 -16.93 39.25
CA LEU A 198 21.35 -17.77 38.19
C LEU A 198 20.33 -18.02 37.09
N TYR A 199 19.09 -18.28 37.51
CA TYR A 199 18.00 -18.55 36.58
C TYR A 199 17.69 -17.35 35.70
N ILE A 200 17.61 -16.18 36.30
CA ILE A 200 17.29 -14.97 35.57
C ILE A 200 18.44 -14.51 34.68
N ALA A 201 19.66 -14.58 35.20
CA ALA A 201 20.83 -14.13 34.47
C ALA A 201 21.19 -15.06 33.32
N GLU A 202 20.89 -16.33 33.56
CA GLU A 202 21.20 -17.40 32.65
C GLU A 202 22.47 -17.18 31.82
N GLY A 203 23.61 -17.36 32.49
CA GLY A 203 24.90 -17.25 31.84
C GLY A 203 25.52 -15.89 31.67
N ASP A 204 24.80 -14.85 32.04
CA ASP A 204 25.30 -13.48 31.92
C ASP A 204 25.84 -12.99 33.26
N MET A 205 27.17 -13.07 33.43
CA MET A 205 27.85 -12.65 34.65
C MET A 205 27.50 -11.21 35.04
N ARG A 206 27.50 -10.31 34.04
CA ARG A 206 27.20 -8.90 34.25
C ARG A 206 25.80 -8.72 34.84
N ARG A 207 24.81 -9.33 34.19
CA ARG A 207 23.44 -9.25 34.65
C ARG A 207 23.28 -9.87 36.04
N ALA A 208 23.99 -10.96 36.29
CA ALA A 208 23.92 -11.65 37.58
C ALA A 208 24.38 -10.75 38.72
N ILE A 209 25.44 -9.97 38.48
CA ILE A 209 25.94 -9.10 39.54
C ILE A 209 24.98 -7.94 39.80
N ASN A 210 24.44 -7.37 38.72
CA ASN A 210 23.47 -6.26 38.82
C ASN A 210 22.27 -6.69 39.66
N ILE A 211 21.71 -7.86 39.33
CA ILE A 211 20.58 -8.40 40.06
C ILE A 211 20.92 -8.57 41.54
N LEU A 212 22.15 -8.97 41.82
CA LEU A 212 22.57 -9.16 43.20
C LEU A 212 22.70 -7.83 43.91
N GLN A 213 23.33 -6.85 43.28
CA GLN A 213 23.49 -5.54 43.90
C GLN A 213 22.13 -4.91 44.18
N ALA A 214 21.27 -4.90 43.16
CA ALA A 214 19.95 -4.33 43.27
C ALA A 214 19.19 -4.97 44.42
N ALA A 215 19.38 -6.27 44.62
CA ALA A 215 18.70 -6.96 45.70
C ALA A 215 19.36 -6.64 47.05
N ALA A 216 20.65 -6.33 47.05
CA ALA A 216 21.35 -5.99 48.29
C ALA A 216 20.91 -4.62 48.78
N ALA A 217 20.47 -3.79 47.85
CA ALA A 217 20.02 -2.45 48.19
C ALA A 217 18.67 -2.46 48.91
N LEU A 218 17.92 -3.56 48.79
CA LEU A 218 16.65 -3.68 49.46
C LEU A 218 16.85 -4.35 50.81
N ASP A 219 17.87 -5.19 50.89
CA ASP A 219 18.18 -5.90 52.11
C ASP A 219 19.53 -6.58 51.98
N LYS A 220 20.12 -6.98 53.11
CA LYS A 220 21.42 -7.64 53.09
C LYS A 220 21.17 -9.12 52.86
N LYS A 221 19.95 -9.55 53.15
CA LYS A 221 19.56 -10.93 52.97
C LYS A 221 18.95 -11.03 51.57
N ILE A 222 19.62 -11.75 50.69
CA ILE A 222 19.15 -11.91 49.33
C ILE A 222 18.16 -13.07 49.22
N THR A 223 16.89 -12.74 49.02
CA THR A 223 15.86 -13.76 48.89
C THR A 223 15.43 -13.92 47.44
N ASP A 224 14.81 -15.03 47.12
CA ASP A 224 14.35 -15.27 45.76
C ASP A 224 13.18 -14.33 45.46
N GLU A 225 12.65 -13.70 46.50
CA GLU A 225 11.53 -12.78 46.38
C GLU A 225 11.99 -11.43 45.84
N ASN A 226 13.03 -10.89 46.45
CA ASN A 226 13.59 -9.60 46.05
C ASN A 226 14.28 -9.74 44.68
N VAL A 227 14.91 -10.88 44.44
CA VAL A 227 15.61 -11.09 43.19
C VAL A 227 14.63 -10.92 42.04
N PHE A 228 13.51 -11.63 42.12
CA PHE A 228 12.50 -11.54 41.06
C PHE A 228 11.90 -10.16 40.94
N MET A 229 11.74 -9.50 42.08
CA MET A 229 11.20 -8.16 42.06
C MET A 229 12.17 -7.19 41.38
N VAL A 230 13.38 -7.03 41.92
CA VAL A 230 14.34 -6.09 41.31
C VAL A 230 14.60 -6.38 39.86
N ALA A 231 14.43 -7.63 39.45
CA ALA A 231 14.65 -7.98 38.04
C ALA A 231 13.38 -7.73 37.24
N SER A 232 12.32 -7.28 37.92
CA SER A 232 11.08 -6.99 37.23
C SER A 232 10.65 -8.22 36.44
N ARG A 233 10.60 -9.37 37.14
CA ARG A 233 10.19 -10.62 36.50
C ARG A 233 9.21 -11.30 37.44
N ALA A 234 8.22 -11.97 36.87
CA ALA A 234 7.23 -12.68 37.65
C ALA A 234 7.73 -14.09 37.89
N ARG A 235 7.14 -14.78 38.85
CA ARG A 235 7.50 -16.16 39.15
C ARG A 235 7.38 -16.97 37.85
N PRO A 236 8.47 -17.61 37.41
CA PRO A 236 8.48 -18.42 36.18
C PRO A 236 7.35 -19.45 36.10
N GLU A 237 7.01 -20.03 37.23
CA GLU A 237 5.93 -21.00 37.29
C GLU A 237 4.64 -20.29 36.88
N ASP A 238 4.46 -19.06 37.36
CA ASP A 238 3.25 -18.30 37.02
C ASP A 238 3.08 -18.06 35.52
N ILE A 239 4.16 -17.63 34.86
CA ILE A 239 4.09 -17.40 33.43
C ILE A 239 3.77 -18.70 32.70
N ARG A 240 4.38 -19.80 33.12
CA ARG A 240 4.17 -21.10 32.49
C ARG A 240 2.75 -21.60 32.67
N GLU A 241 2.23 -21.42 33.87
CA GLU A 241 0.88 -21.88 34.17
C GLU A 241 -0.11 -21.11 33.30
N MET A 242 0.10 -19.80 33.20
CA MET A 242 -0.76 -18.95 32.41
C MET A 242 -0.80 -19.43 30.97
N MET A 243 0.37 -19.64 30.38
CA MET A 243 0.45 -20.12 29.00
C MET A 243 -0.12 -21.52 28.83
N LEU A 244 0.11 -22.38 29.80
CA LEU A 244 -0.40 -23.74 29.73
C LEU A 244 -1.90 -23.75 29.79
N LEU A 245 -2.45 -22.87 30.62
CA LEU A 245 -3.89 -22.71 30.81
C LEU A 245 -4.49 -22.27 29.49
N ALA A 246 -3.90 -21.24 28.88
CA ALA A 246 -4.42 -20.78 27.60
C ALA A 246 -4.45 -21.94 26.61
N LEU A 247 -3.31 -22.62 26.45
CA LEU A 247 -3.18 -23.74 25.51
C LEU A 247 -4.18 -24.89 25.65
N LYS A 248 -4.59 -25.21 26.88
CA LYS A 248 -5.56 -26.27 27.10
C LYS A 248 -6.97 -25.83 26.68
N GLY A 249 -7.19 -24.53 26.56
CA GLY A 249 -8.50 -24.03 26.18
C GLY A 249 -9.13 -23.21 27.28
N ASN A 250 -8.44 -23.10 28.40
CA ASN A 250 -8.92 -22.32 29.54
C ASN A 250 -8.43 -20.88 29.41
N PHE A 251 -8.94 -20.20 28.39
CA PHE A 251 -8.60 -18.80 28.14
C PHE A 251 -8.91 -17.87 29.32
N LEU A 252 -10.14 -17.98 29.85
CA LEU A 252 -10.54 -17.13 30.98
C LEU A 252 -9.66 -17.33 32.21
N LYS A 253 -9.31 -18.58 32.51
CA LYS A 253 -8.41 -18.83 33.64
C LYS A 253 -7.04 -18.23 33.34
N ALA A 254 -6.57 -18.38 32.10
CA ALA A 254 -5.29 -17.80 31.70
C ALA A 254 -5.36 -16.31 32.05
N ARG A 255 -6.42 -15.66 31.59
CA ARG A 255 -6.63 -14.23 31.82
C ARG A 255 -6.61 -13.89 33.31
N GLU A 256 -7.26 -14.71 34.13
CA GLU A 256 -7.29 -14.47 35.55
C GLU A 256 -5.88 -14.51 36.09
N LYS A 257 -5.12 -15.51 35.67
CA LYS A 257 -3.73 -15.67 36.09
C LYS A 257 -2.92 -14.46 35.68
N LEU A 258 -3.10 -14.00 34.45
CA LEU A 258 -2.39 -12.82 33.97
C LEU A 258 -2.73 -11.65 34.88
N ARG A 259 -3.98 -11.59 35.35
CA ARG A 259 -4.48 -10.53 36.24
C ARG A 259 -3.79 -10.60 37.59
N GLU A 260 -3.76 -11.79 38.17
CA GLU A 260 -3.11 -11.99 39.44
C GLU A 260 -1.66 -11.52 39.31
N ILE A 261 -0.97 -12.02 38.29
CA ILE A 261 0.41 -11.64 38.06
C ILE A 261 0.55 -10.13 38.02
N LEU A 262 -0.22 -9.49 37.16
CA LEU A 262 -0.21 -8.05 36.98
C LEU A 262 -0.57 -7.27 38.26
N LEU A 263 -1.37 -7.90 39.10
CA LEU A 263 -1.81 -7.31 40.34
C LEU A 263 -0.69 -7.37 41.37
N LYS A 264 0.08 -8.44 41.29
CA LYS A 264 1.19 -8.67 42.19
C LYS A 264 2.46 -7.91 41.82
N GLN A 265 2.58 -7.42 40.59
CA GLN A 265 3.82 -6.74 40.26
C GLN A 265 3.82 -5.45 39.45
N GLY A 266 2.97 -5.34 38.44
CA GLY A 266 2.97 -4.10 37.69
C GLY A 266 4.04 -4.05 36.62
N LEU A 267 4.23 -5.20 35.97
CA LEU A 267 5.18 -5.37 34.87
C LEU A 267 4.55 -4.68 33.67
N SER A 268 5.30 -4.59 32.57
CA SER A 268 4.76 -3.99 31.34
C SER A 268 4.39 -5.10 30.32
N GLY A 269 3.72 -4.71 29.25
CA GLY A 269 3.40 -5.70 28.24
C GLY A 269 4.70 -6.38 27.81
N GLU A 270 5.73 -5.58 27.54
CA GLU A 270 6.99 -6.13 27.11
C GLU A 270 7.66 -6.97 28.20
N ASP A 271 7.53 -6.55 29.46
CA ASP A 271 8.13 -7.36 30.51
C ASP A 271 7.57 -8.77 30.42
N VAL A 272 6.23 -8.86 30.37
CA VAL A 272 5.53 -10.13 30.30
C VAL A 272 5.89 -10.90 29.03
N LEU A 273 5.94 -10.21 27.90
CA LEU A 273 6.27 -10.89 26.66
C LEU A 273 7.68 -11.48 26.63
N VAL A 274 8.63 -10.76 27.22
CA VAL A 274 10.00 -11.22 27.30
C VAL A 274 9.97 -12.54 28.03
N GLN A 275 9.38 -12.53 29.23
CA GLN A 275 9.27 -13.75 30.01
C GLN A 275 8.51 -14.87 29.32
N MET A 276 7.41 -14.55 28.64
CA MET A 276 6.64 -15.57 27.94
C MET A 276 7.53 -16.20 26.88
N HIS A 277 8.20 -15.35 26.13
CA HIS A 277 9.10 -15.80 25.08
C HIS A 277 10.12 -16.81 25.63
N LYS A 278 10.54 -16.59 26.87
CA LYS A 278 11.51 -17.49 27.50
C LYS A 278 10.86 -18.76 28.05
N GLU A 279 9.80 -18.61 28.83
CA GLU A 279 9.15 -19.76 29.42
C GLU A 279 8.43 -20.71 28.46
N VAL A 280 8.08 -20.24 27.28
CA VAL A 280 7.38 -21.08 26.32
C VAL A 280 8.28 -22.29 25.97
N PHE A 281 9.59 -22.04 25.99
CA PHE A 281 10.58 -23.07 25.69
C PHE A 281 10.81 -24.10 26.80
N ASN A 282 10.26 -23.81 27.98
CA ASN A 282 10.35 -24.72 29.12
C ASN A 282 9.01 -25.39 29.39
N LEU A 283 8.12 -25.41 28.40
CA LEU A 283 6.82 -26.06 28.57
C LEU A 283 6.88 -27.45 27.97
N PRO A 284 6.24 -28.46 28.60
CA PRO A 284 6.20 -29.86 28.13
C PRO A 284 5.46 -29.94 26.80
N ILE A 285 5.90 -29.14 25.85
CA ILE A 285 5.27 -29.01 24.55
C ILE A 285 6.16 -29.50 23.42
N GLU A 286 5.59 -29.92 22.31
CA GLU A 286 6.39 -30.35 21.18
C GLU A 286 7.11 -29.13 20.60
N GLU A 287 8.39 -29.28 20.28
CA GLU A 287 9.23 -28.20 19.76
C GLU A 287 8.61 -27.29 18.69
N PRO A 288 7.95 -27.86 17.67
CA PRO A 288 7.35 -27.03 16.62
C PRO A 288 6.33 -26.02 17.17
N LYS A 289 5.60 -26.43 18.21
CA LYS A 289 4.64 -25.54 18.87
C LYS A 289 5.40 -24.40 19.52
N LYS A 290 6.48 -24.74 20.22
CA LYS A 290 7.28 -23.74 20.89
C LYS A 290 7.71 -22.65 19.93
N VAL A 291 8.04 -23.07 18.72
CA VAL A 291 8.48 -22.10 17.71
C VAL A 291 7.32 -21.23 17.26
N LEU A 292 6.13 -21.81 17.12
CA LEU A 292 4.97 -21.05 16.70
C LEU A 292 4.73 -19.97 17.75
N LEU A 293 4.45 -20.43 18.97
CA LEU A 293 4.21 -19.57 20.12
C LEU A 293 5.25 -18.46 20.25
N ALA A 294 6.52 -18.81 20.11
CA ALA A 294 7.57 -17.84 20.18
C ALA A 294 7.38 -16.81 19.07
N ASP A 295 7.20 -17.28 17.84
CA ASP A 295 7.03 -16.34 16.73
C ASP A 295 5.86 -15.41 17.03
N LYS A 296 4.80 -15.98 17.54
CA LYS A 296 3.60 -15.22 17.86
C LYS A 296 3.88 -14.12 18.89
N ILE A 297 4.62 -14.45 19.94
CA ILE A 297 4.98 -13.47 20.95
C ILE A 297 5.78 -12.36 20.27
N GLY A 298 6.67 -12.75 19.38
CA GLY A 298 7.46 -11.76 18.67
C GLY A 298 6.56 -10.84 17.89
N GLU A 299 5.55 -11.40 17.26
CA GLU A 299 4.64 -10.60 16.49
C GLU A 299 3.93 -9.55 17.35
N TYR A 300 3.42 -9.98 18.51
CA TYR A 300 2.69 -9.08 19.38
C TYR A 300 3.58 -8.09 20.09
N ASN A 301 4.87 -8.40 20.18
CA ASN A 301 5.82 -7.49 20.82
C ASN A 301 6.03 -6.35 19.84
N PHE A 302 5.97 -6.66 18.55
CA PHE A 302 6.13 -5.63 17.52
C PHE A 302 4.96 -4.63 17.59
N ARG A 303 3.74 -5.12 17.85
CA ARG A 303 2.58 -4.22 17.95
C ARG A 303 2.82 -3.30 19.15
N LEU A 304 3.20 -3.91 20.27
CA LEU A 304 3.48 -3.19 21.50
C LEU A 304 4.51 -2.07 21.23
N VAL A 305 5.66 -2.43 20.66
CA VAL A 305 6.70 -1.46 20.34
C VAL A 305 6.18 -0.34 19.43
N GLU A 306 5.14 -0.61 18.65
CA GLU A 306 4.61 0.43 17.77
C GLU A 306 3.47 1.21 18.39
N GLY A 307 3.26 1.03 19.69
CA GLY A 307 2.21 1.77 20.37
C GLY A 307 0.89 1.10 20.67
N ALA A 308 0.75 -0.18 20.37
CA ALA A 308 -0.49 -0.87 20.66
C ALA A 308 -0.80 -0.86 22.17
N ASN A 309 -2.06 -1.12 22.51
CA ASN A 309 -2.51 -1.17 23.90
C ASN A 309 -1.99 -2.44 24.60
N GLU A 310 -1.19 -2.26 25.64
CA GLU A 310 -0.59 -3.37 26.37
C GLU A 310 -1.51 -4.52 26.78
N ILE A 311 -2.54 -4.21 27.54
CA ILE A 311 -3.43 -5.23 28.03
C ILE A 311 -4.30 -5.87 26.95
N ILE A 312 -4.69 -5.07 25.96
CA ILE A 312 -5.53 -5.60 24.89
C ILE A 312 -4.68 -6.61 24.12
N GLN A 313 -3.42 -6.29 23.88
CA GLN A 313 -2.57 -7.22 23.14
C GLN A 313 -2.22 -8.46 23.96
N LEU A 314 -1.98 -8.29 25.25
CA LEU A 314 -1.69 -9.44 26.09
C LEU A 314 -2.87 -10.41 25.99
N GLU A 315 -4.09 -9.89 26.11
CA GLU A 315 -5.26 -10.74 26.03
C GLU A 315 -5.45 -11.34 24.66
N ALA A 316 -5.17 -10.57 23.61
CA ALA A 316 -5.27 -11.07 22.25
C ALA A 316 -4.23 -12.20 22.10
N LEU A 317 -3.05 -12.02 22.69
CA LEU A 317 -1.99 -13.01 22.62
C LEU A 317 -2.40 -14.29 23.34
N LEU A 318 -2.97 -14.15 24.53
CA LEU A 318 -3.40 -15.36 25.23
C LEU A 318 -4.45 -16.08 24.37
N ALA A 319 -5.27 -15.33 23.64
CA ALA A 319 -6.28 -15.94 22.79
C ALA A 319 -5.59 -16.76 21.70
N GLN A 320 -4.59 -16.17 21.07
CA GLN A 320 -3.80 -16.82 20.02
C GLN A 320 -3.24 -18.14 20.53
N PHE A 321 -2.92 -18.18 21.82
CA PHE A 321 -2.41 -19.39 22.42
C PHE A 321 -3.45 -20.49 22.42
N THR A 322 -4.66 -20.17 22.88
CA THR A 322 -5.70 -21.18 22.95
C THR A 322 -6.14 -21.58 21.52
N LEU A 323 -6.17 -20.62 20.61
CA LEU A 323 -6.51 -20.94 19.24
C LEU A 323 -5.46 -21.92 18.70
N ILE A 324 -4.20 -21.66 19.01
CA ILE A 324 -3.13 -22.55 18.53
C ILE A 324 -3.19 -23.90 19.22
N GLY A 325 -3.43 -23.90 20.52
CA GLY A 325 -3.52 -25.15 21.27
C GLY A 325 -4.55 -26.10 20.72
N LYS A 326 -5.80 -25.64 20.61
CA LYS A 326 -6.88 -26.47 20.09
C LYS A 326 -6.74 -26.56 18.57
N LYS A 327 -5.63 -27.12 18.12
CA LYS A 327 -5.35 -27.26 16.68
C LYS A 327 -4.22 -28.25 16.40
N SER B 2 -19.99 40.84 46.58
CA SER B 2 -19.96 40.40 45.14
C SER B 2 -19.22 39.07 44.99
N GLU B 3 -19.99 37.99 44.89
CA GLU B 3 -19.41 36.65 44.74
C GLU B 3 -19.44 36.17 43.30
N GLU B 4 -18.90 34.97 43.09
CA GLU B 4 -18.83 34.33 41.78
C GLU B 4 -19.77 33.12 41.81
N ILE B 5 -20.25 32.69 40.65
CA ILE B 5 -21.12 31.52 40.64
C ILE B 5 -20.27 30.32 41.08
N ARG B 6 -20.90 29.30 41.67
CA ARG B 6 -20.17 28.14 42.14
C ARG B 6 -19.37 27.48 41.03
N GLU B 7 -19.94 27.44 39.83
CA GLU B 7 -19.24 26.84 38.72
C GLU B 7 -17.89 27.51 38.55
N VAL B 8 -17.81 28.78 38.93
CA VAL B 8 -16.58 29.55 38.81
C VAL B 8 -15.61 29.32 39.96
N LYS B 9 -16.13 29.15 41.17
CA LYS B 9 -15.27 28.93 42.33
C LYS B 9 -14.71 27.53 42.34
N VAL B 10 -15.34 26.63 41.59
CA VAL B 10 -14.92 25.25 41.49
C VAL B 10 -13.72 25.08 40.56
N LEU B 11 -13.62 25.94 39.54
CA LEU B 11 -12.56 25.86 38.53
C LEU B 11 -11.39 26.84 38.63
N GLU B 12 -11.20 27.45 39.80
CA GLU B 12 -10.12 28.41 39.93
C GLU B 12 -8.73 27.76 40.01
N LYS B 13 -8.66 26.63 40.71
CA LYS B 13 -7.40 25.91 40.89
C LYS B 13 -7.68 24.42 40.82
N PRO B 14 -6.82 23.66 40.12
CA PRO B 14 -7.03 22.21 40.03
C PRO B 14 -6.97 21.54 41.37
N TRP B 15 -7.95 20.69 41.66
CA TRP B 15 -7.99 19.99 42.93
C TRP B 15 -6.84 19.00 43.12
N VAL B 16 -6.22 18.57 42.03
CA VAL B 16 -5.11 17.63 42.10
C VAL B 16 -3.97 18.35 42.78
N GLU B 17 -4.01 19.66 42.71
CA GLU B 17 -2.98 20.49 43.32
C GLU B 17 -3.41 20.94 44.71
N LYS B 18 -4.53 21.66 44.78
CA LYS B 18 -5.07 22.16 46.03
C LYS B 18 -5.09 21.07 47.10
N TYR B 19 -5.35 19.82 46.68
CA TYR B 19 -5.40 18.72 47.62
C TYR B 19 -4.23 17.74 47.59
N ARG B 20 -3.17 18.08 46.88
CA ARG B 20 -2.00 17.19 46.83
C ARG B 20 -1.39 17.12 48.21
N PRO B 21 -1.08 15.92 48.70
CA PRO B 21 -0.47 15.80 50.04
C PRO B 21 0.83 16.56 50.17
N GLN B 22 1.03 17.16 51.35
CA GLN B 22 2.21 17.95 51.66
C GLN B 22 3.26 17.16 52.41
N ARG B 23 2.82 16.16 53.17
CA ARG B 23 3.72 15.34 53.95
C ARG B 23 3.70 13.88 53.50
N LEU B 24 4.80 13.18 53.76
CA LEU B 24 4.90 11.77 53.40
C LEU B 24 3.76 11.00 54.07
N ASP B 25 3.48 11.32 55.32
CA ASP B 25 2.43 10.63 56.08
C ASP B 25 1.04 10.81 55.48
N ASP B 26 0.88 11.86 54.69
CA ASP B 26 -0.41 12.15 54.08
C ASP B 26 -0.64 11.32 52.84
N ILE B 27 0.45 10.88 52.22
CA ILE B 27 0.39 10.06 51.00
C ILE B 27 -0.32 8.75 51.31
N VAL B 28 -1.21 8.33 50.41
CA VAL B 28 -1.95 7.09 50.63
C VAL B 28 -1.56 5.91 49.72
N GLY B 29 -1.90 4.71 50.16
CA GLY B 29 -1.64 3.52 49.37
C GLY B 29 -0.23 3.15 48.93
N GLN B 30 0.79 3.87 49.39
CA GLN B 30 2.16 3.54 49.02
C GLN B 30 2.95 3.32 50.30
N GLU B 31 2.33 2.64 51.25
CA GLU B 31 2.89 2.35 52.56
C GLU B 31 4.39 2.15 52.60
N HIS B 32 4.82 0.94 52.25
CA HIS B 32 6.22 0.59 52.27
C HIS B 32 7.13 1.65 51.66
N ILE B 33 6.74 2.20 50.51
CA ILE B 33 7.53 3.25 49.86
C ILE B 33 7.69 4.44 50.80
N VAL B 34 6.57 4.93 51.33
CA VAL B 34 6.59 6.05 52.25
C VAL B 34 7.66 5.84 53.33
N LYS B 35 7.70 4.64 53.92
CA LYS B 35 8.68 4.33 54.94
C LYS B 35 10.13 4.45 54.45
N ARG B 36 10.42 3.92 53.28
CA ARG B 36 11.78 4.01 52.75
C ARG B 36 12.17 5.48 52.66
N LEU B 37 11.29 6.30 52.10
CA LEU B 37 11.56 7.73 51.93
C LEU B 37 11.69 8.48 53.25
N LYS B 38 10.87 8.12 54.22
CA LYS B 38 10.90 8.74 55.53
C LYS B 38 12.26 8.52 56.16
N HIS B 39 12.83 7.34 55.91
CA HIS B 39 14.13 6.99 56.47
C HIS B 39 15.22 7.89 55.90
N TYR B 40 14.99 8.44 54.71
CA TYR B 40 15.97 9.35 54.11
C TYR B 40 15.93 10.71 54.81
N VAL B 41 14.74 11.29 54.97
CA VAL B 41 14.65 12.59 55.61
C VAL B 41 15.10 12.51 57.06
N LYS B 42 14.82 11.37 57.68
CA LYS B 42 15.15 11.14 59.07
C LYS B 42 16.63 10.86 59.31
N THR B 43 17.43 10.82 58.26
CA THR B 43 18.85 10.54 58.40
C THR B 43 19.69 11.47 57.53
N GLY B 44 19.02 12.29 56.72
CA GLY B 44 19.70 13.21 55.85
C GLY B 44 20.52 12.56 54.75
N SER B 45 20.50 11.22 54.73
CA SER B 45 21.24 10.41 53.75
C SER B 45 20.28 9.85 52.68
N MET B 46 20.59 10.09 51.40
CA MET B 46 19.74 9.61 50.30
C MET B 46 20.46 9.46 48.96
N PRO B 47 20.28 8.32 48.26
CA PRO B 47 20.92 8.10 46.97
C PRO B 47 19.98 8.54 45.85
N HIS B 48 20.40 8.33 44.59
CA HIS B 48 19.55 8.67 43.44
C HIS B 48 18.33 7.75 43.50
N LEU B 49 17.20 8.23 42.99
CA LEU B 49 15.98 7.45 43.05
C LEU B 49 15.39 7.09 41.69
N LEU B 50 14.72 5.95 41.63
CA LEU B 50 14.05 5.56 40.40
C LEU B 50 12.61 5.22 40.77
N PHE B 51 11.71 6.13 40.41
CA PHE B 51 10.28 5.96 40.66
C PHE B 51 9.63 5.35 39.42
N ALA B 52 9.17 4.11 39.55
CA ALA B 52 8.52 3.41 38.43
C ALA B 52 7.07 3.15 38.77
N GLY B 53 6.19 3.33 37.80
CA GLY B 53 4.78 3.09 38.04
C GLY B 53 3.94 3.93 37.15
N PRO B 54 2.61 3.79 37.21
CA PRO B 54 1.66 4.56 36.39
C PRO B 54 1.56 6.01 36.81
N PRO B 55 0.91 6.83 35.96
CA PRO B 55 0.73 8.25 36.27
C PRO B 55 -0.40 8.43 37.30
N GLY B 56 -0.31 9.51 38.06
CA GLY B 56 -1.32 9.86 39.04
C GLY B 56 -1.56 8.93 40.20
N VAL B 57 -0.57 8.12 40.57
CA VAL B 57 -0.73 7.20 41.71
C VAL B 57 0.18 7.52 42.89
N GLY B 58 1.03 8.55 42.74
CA GLY B 58 1.90 8.95 43.84
C GLY B 58 3.33 9.37 43.56
N LYS B 59 3.88 9.06 42.38
CA LYS B 59 5.27 9.41 42.08
C LYS B 59 5.69 10.87 42.29
N THR B 60 5.00 11.80 41.63
CA THR B 60 5.27 13.23 41.74
C THR B 60 5.01 13.73 43.17
N THR B 61 3.82 13.44 43.70
CA THR B 61 3.46 13.82 45.05
C THR B 61 4.56 13.38 46.03
N ALA B 62 5.03 12.16 45.85
CA ALA B 62 6.06 11.64 46.71
C ALA B 62 7.35 12.45 46.56
N ALA B 63 7.76 12.66 45.33
CA ALA B 63 8.99 13.42 45.10
C ALA B 63 8.90 14.80 45.76
N LEU B 64 7.75 15.45 45.61
CA LEU B 64 7.52 16.77 46.18
C LEU B 64 7.44 16.71 47.69
N ALA B 65 6.60 15.84 48.21
CA ALA B 65 6.46 15.69 49.66
C ALA B 65 7.85 15.45 50.25
N LEU B 66 8.68 14.68 49.56
CA LEU B 66 10.03 14.38 50.04
C LEU B 66 10.83 15.68 50.12
N ALA B 67 10.81 16.46 49.05
CA ALA B 67 11.54 17.73 49.04
C ALA B 67 11.08 18.61 50.20
N ARG B 68 9.77 18.77 50.36
CA ARG B 68 9.20 19.57 51.43
C ARG B 68 9.76 19.20 52.80
N GLU B 69 9.89 17.89 53.05
CA GLU B 69 10.40 17.42 54.33
C GLU B 69 11.92 17.50 54.43
N LEU B 70 12.57 17.62 53.29
CA LEU B 70 14.03 17.66 53.27
C LEU B 70 14.55 19.09 53.27
N PHE B 71 13.78 20.00 52.67
CA PHE B 71 14.19 21.39 52.56
C PHE B 71 13.24 22.40 53.17
N GLY B 72 12.16 21.93 53.77
CA GLY B 72 11.20 22.86 54.36
C GLY B 72 10.78 23.85 53.29
N GLU B 73 10.60 25.11 53.66
CA GLU B 73 10.19 26.12 52.69
C GLU B 73 11.16 26.22 51.54
N ASN B 74 12.37 25.68 51.72
CA ASN B 74 13.38 25.75 50.66
C ASN B 74 13.18 24.76 49.52
N TRP B 75 12.12 23.96 49.59
CA TRP B 75 11.88 22.97 48.56
C TRP B 75 11.75 23.52 47.14
N ARG B 76 11.15 24.70 46.98
CA ARG B 76 10.99 25.27 45.65
C ARG B 76 12.33 25.73 45.08
N HIS B 77 13.24 26.07 45.99
CA HIS B 77 14.57 26.53 45.60
C HIS B 77 15.49 25.38 45.27
N ASN B 78 15.43 24.32 46.07
CA ASN B 78 16.28 23.16 45.89
C ASN B 78 15.73 21.99 45.08
N PHE B 79 14.48 22.08 44.67
CA PHE B 79 13.85 21.02 43.89
C PHE B 79 13.48 21.52 42.50
N LEU B 80 14.02 20.88 41.47
CA LEU B 80 13.76 21.27 40.09
C LEU B 80 13.15 20.11 39.28
N GLU B 81 12.01 20.37 38.64
CA GLU B 81 11.38 19.33 37.85
C GLU B 81 11.57 19.55 36.37
N LEU B 82 11.94 18.49 35.67
CA LEU B 82 12.18 18.54 34.24
C LEU B 82 11.48 17.38 33.56
N ASN B 83 10.94 17.61 32.37
CA ASN B 83 10.30 16.54 31.63
C ASN B 83 11.30 16.00 30.61
N ALA B 84 11.80 14.79 30.84
CA ALA B 84 12.78 14.18 29.95
C ALA B 84 12.29 14.19 28.50
N SER B 85 10.97 14.15 28.35
CA SER B 85 10.34 14.14 27.03
C SER B 85 10.68 15.47 26.34
N ASP B 86 11.99 15.74 26.31
CA ASP B 86 12.57 16.95 25.73
C ASP B 86 11.59 18.09 25.51
N GLU B 87 11.19 18.72 26.60
CA GLU B 87 10.28 19.85 26.53
C GLU B 87 11.03 20.98 25.84
N ARG B 88 12.07 20.61 25.08
CA ARG B 88 12.90 21.58 24.36
C ARG B 88 14.07 20.87 23.64
N GLY B 89 14.44 19.69 24.14
CA GLY B 89 15.54 18.94 23.55
C GLY B 89 16.51 18.39 24.59
N ILE B 90 16.79 17.09 24.54
CA ILE B 90 17.71 16.43 25.48
C ILE B 90 18.78 17.33 26.09
N ASN B 91 19.60 17.95 25.24
CA ASN B 91 20.68 18.82 25.69
C ASN B 91 20.22 20.12 26.35
N VAL B 92 19.28 20.83 25.72
CA VAL B 92 18.77 22.07 26.28
C VAL B 92 17.99 21.72 27.55
N ILE B 93 18.30 20.54 28.09
CA ILE B 93 17.70 20.02 29.30
C ILE B 93 18.83 19.53 30.19
N ARG B 94 19.94 19.14 29.58
CA ARG B 94 21.10 18.70 30.34
C ARG B 94 21.85 19.98 30.68
N GLU B 95 21.44 21.07 30.04
CA GLU B 95 22.02 22.39 30.26
C GLU B 95 21.39 22.99 31.51
N LYS B 96 20.06 22.93 31.58
CA LYS B 96 19.30 23.46 32.71
C LYS B 96 19.71 22.80 34.01
N VAL B 97 20.20 21.57 33.92
CA VAL B 97 20.65 20.84 35.11
C VAL B 97 22.06 21.28 35.49
N LYS B 98 22.81 21.77 34.51
CA LYS B 98 24.17 22.21 34.78
C LYS B 98 24.16 23.51 35.57
N GLU B 99 23.29 24.43 35.17
CA GLU B 99 23.17 25.71 35.84
C GLU B 99 22.73 25.46 37.28
N PHE B 100 21.66 24.68 37.40
CA PHE B 100 21.07 24.31 38.68
C PHE B 100 22.02 23.53 39.59
N ALA B 101 22.87 22.70 38.99
CA ALA B 101 23.81 21.87 39.77
C ALA B 101 25.11 22.56 40.17
N ARG B 102 25.51 23.56 39.40
CA ARG B 102 26.73 24.30 39.68
C ARG B 102 26.57 25.31 40.81
N THR B 103 25.57 25.09 41.66
CA THR B 103 25.31 26.00 42.76
C THR B 103 25.04 25.26 44.06
N LYS B 104 25.34 25.91 45.17
CA LYS B 104 25.15 25.34 46.48
C LYS B 104 23.68 25.30 46.85
N PRO B 105 23.27 24.29 47.64
CA PRO B 105 21.87 24.19 48.06
C PRO B 105 21.49 25.32 49.02
N ILE B 106 20.24 25.77 48.94
CA ILE B 106 19.74 26.83 49.80
C ILE B 106 19.37 26.28 51.18
N GLY B 107 19.63 27.08 52.22
CA GLY B 107 19.29 26.67 53.57
C GLY B 107 20.30 25.77 54.28
N GLY B 108 21.40 25.45 53.59
CA GLY B 108 22.41 24.60 54.21
C GLY B 108 22.13 23.11 54.17
N ALA B 109 21.43 22.67 53.12
CA ALA B 109 21.11 21.25 52.95
C ALA B 109 22.30 20.64 52.23
N SER B 110 22.50 19.34 52.38
CA SER B 110 23.66 18.70 51.74
C SER B 110 23.57 18.46 50.24
N PHE B 111 22.41 18.67 49.64
CA PHE B 111 22.25 18.45 48.19
C PHE B 111 20.92 18.97 47.66
N LYS B 112 20.83 19.09 46.34
CA LYS B 112 19.59 19.52 45.69
C LYS B 112 19.03 18.34 44.88
N ILE B 113 17.77 18.47 44.47
CA ILE B 113 17.11 17.42 43.72
C ILE B 113 16.63 17.84 42.32
N ILE B 114 16.92 17.00 41.34
CA ILE B 114 16.47 17.21 39.96
C ILE B 114 15.56 16.01 39.70
N PHE B 115 14.27 16.29 39.54
CA PHE B 115 13.27 15.26 39.30
C PHE B 115 13.00 15.16 37.80
N LEU B 116 13.50 14.09 37.19
CA LEU B 116 13.31 13.87 35.76
C LEU B 116 12.00 13.17 35.48
N ASP B 117 11.11 13.83 34.77
CA ASP B 117 9.83 13.24 34.45
C ASP B 117 9.94 12.50 33.12
N GLU B 118 9.35 11.31 33.05
CA GLU B 118 9.37 10.51 31.83
C GLU B 118 10.77 10.18 31.31
N ALA B 119 11.64 9.78 32.22
CA ALA B 119 13.01 9.44 31.87
C ALA B 119 13.05 8.33 30.84
N ASP B 120 12.11 7.40 30.97
CA ASP B 120 12.04 6.26 30.06
C ASP B 120 11.70 6.63 28.63
N ALA B 121 11.54 7.92 28.36
CA ALA B 121 11.24 8.40 27.02
C ALA B 121 12.49 8.76 26.27
N LEU B 122 13.64 8.64 26.91
CA LEU B 122 14.91 8.97 26.29
C LEU B 122 15.49 7.76 25.58
N THR B 123 16.23 8.01 24.51
CA THR B 123 16.86 6.93 23.76
C THR B 123 18.02 6.41 24.61
N GLN B 124 18.62 5.30 24.20
CA GLN B 124 19.74 4.73 24.93
C GLN B 124 20.92 5.69 24.92
N ASP B 125 21.16 6.33 23.78
CA ASP B 125 22.26 7.28 23.70
C ASP B 125 22.04 8.39 24.71
N ALA B 126 20.84 8.96 24.71
CA ALA B 126 20.51 10.03 25.64
C ALA B 126 20.64 9.55 27.09
N GLN B 127 20.05 8.41 27.39
CA GLN B 127 20.11 7.88 28.74
C GLN B 127 21.55 7.65 29.16
N GLN B 128 22.43 7.51 28.18
CA GLN B 128 23.83 7.28 28.47
C GLN B 128 24.49 8.59 28.89
N ALA B 129 24.08 9.69 28.24
CA ALA B 129 24.59 11.03 28.53
C ALA B 129 24.15 11.40 29.94
N LEU B 130 22.88 11.15 30.23
CA LEU B 130 22.32 11.43 31.53
C LEU B 130 23.11 10.72 32.62
N ARG B 131 23.41 9.44 32.42
CA ARG B 131 24.18 8.65 33.39
C ARG B 131 25.45 9.40 33.74
N ARG B 132 26.03 10.08 32.74
CA ARG B 132 27.25 10.85 32.95
C ARG B 132 26.98 12.07 33.82
N THR B 133 26.07 12.92 33.34
CA THR B 133 25.68 14.12 34.07
C THR B 133 25.34 13.72 35.50
N MET B 134 24.71 12.57 35.62
CA MET B 134 24.30 12.02 36.91
C MET B 134 25.51 11.80 37.80
N GLU B 135 26.55 11.17 37.25
CA GLU B 135 27.77 10.88 38.00
C GLU B 135 28.58 12.14 38.26
N MET B 136 28.53 13.06 37.32
CA MET B 136 29.26 14.32 37.46
C MET B 136 28.91 15.10 38.74
N PHE B 137 27.64 15.51 38.86
CA PHE B 137 27.20 16.28 40.02
C PHE B 137 26.61 15.39 41.10
N SER B 138 27.00 14.13 41.11
CA SER B 138 26.48 13.19 42.09
C SER B 138 26.60 13.71 43.52
N SER B 139 27.62 14.52 43.80
CA SER B 139 27.85 15.03 45.15
C SER B 139 26.94 16.19 45.54
N ASN B 140 26.56 17.01 44.57
CA ASN B 140 25.71 18.15 44.86
C ASN B 140 24.22 17.86 44.65
N VAL B 141 23.90 17.30 43.49
CA VAL B 141 22.51 16.97 43.17
C VAL B 141 22.22 15.48 43.41
N ARG B 142 20.94 15.17 43.52
CA ARG B 142 20.47 13.80 43.74
C ARG B 142 19.30 13.74 42.79
N PHE B 143 19.36 12.83 41.82
CA PHE B 143 18.28 12.73 40.83
C PHE B 143 17.15 11.78 41.20
N ILE B 144 15.93 12.17 40.83
CA ILE B 144 14.79 11.29 41.03
C ILE B 144 14.24 11.15 39.63
N LEU B 145 14.44 9.97 39.07
CA LEU B 145 13.99 9.66 37.73
C LEU B 145 12.64 8.98 37.77
N SER B 146 11.70 9.48 36.98
CA SER B 146 10.36 8.93 36.94
C SER B 146 10.13 8.17 35.62
N CYS B 147 9.52 7.00 35.71
CA CYS B 147 9.26 6.18 34.51
C CYS B 147 8.06 5.26 34.70
N ASN B 148 7.48 4.80 33.61
CA ASN B 148 6.35 3.90 33.68
C ASN B 148 6.84 2.54 34.06
N TYR B 149 7.98 2.15 33.51
CA TYR B 149 8.56 0.86 33.83
C TYR B 149 10.07 0.93 33.95
N SER B 150 10.60 0.37 35.02
CA SER B 150 12.04 0.37 35.28
C SER B 150 12.81 -0.32 34.16
N SER B 151 12.23 -1.36 33.59
CA SER B 151 12.85 -2.10 32.49
C SER B 151 13.10 -1.22 31.26
N LYS B 152 12.66 0.03 31.26
CA LYS B 152 12.94 0.86 30.10
C LYS B 152 14.14 1.79 30.32
N ILE B 153 14.70 1.73 31.52
CA ILE B 153 15.87 2.53 31.87
C ILE B 153 17.11 1.65 31.75
N ILE B 154 18.15 2.13 31.09
CA ILE B 154 19.38 1.35 30.92
C ILE B 154 19.98 0.90 32.26
N GLU B 155 20.52 -0.31 32.28
CA GLU B 155 21.10 -0.89 33.49
C GLU B 155 22.15 -0.04 34.22
N PRO B 156 23.00 0.68 33.48
CA PRO B 156 24.00 1.50 34.16
C PRO B 156 23.35 2.48 35.14
N ILE B 157 22.28 3.14 34.72
CA ILE B 157 21.56 4.09 35.57
C ILE B 157 20.80 3.36 36.67
N GLN B 158 20.10 2.30 36.30
CA GLN B 158 19.32 1.52 37.24
C GLN B 158 20.13 1.06 38.46
N SER B 159 21.40 0.74 38.26
CA SER B 159 22.26 0.26 39.35
C SER B 159 22.64 1.33 40.36
N ARG B 160 22.61 2.58 39.93
CA ARG B 160 22.96 3.67 40.83
C ARG B 160 21.73 4.20 41.57
N CYS B 161 20.59 3.58 41.34
CA CYS B 161 19.35 4.02 41.98
C CYS B 161 18.73 3.04 42.96
N ALA B 162 17.87 3.60 43.79
CA ALA B 162 17.11 2.81 44.74
C ALA B 162 15.76 2.75 44.00
N ILE B 163 15.28 1.55 43.74
CA ILE B 163 14.05 1.38 42.99
C ILE B 163 12.75 1.47 43.80
N PHE B 164 11.83 2.32 43.36
CA PHE B 164 10.54 2.45 44.03
C PHE B 164 9.46 2.11 43.02
N ARG B 165 8.68 1.06 43.30
CA ARG B 165 7.63 0.59 42.41
C ARG B 165 6.23 0.98 42.83
N PHE B 166 5.77 2.13 42.36
CA PHE B 166 4.44 2.64 42.68
C PHE B 166 3.32 1.82 42.05
N ARG B 167 2.23 1.65 42.78
CA ARG B 167 1.08 0.87 42.28
C ARG B 167 -0.24 1.63 42.23
N PRO B 168 -1.25 1.05 41.54
CA PRO B 168 -2.53 1.76 41.50
C PRO B 168 -3.12 1.79 42.91
N LEU B 169 -3.99 2.74 43.19
CA LEU B 169 -4.57 2.84 44.52
C LEU B 169 -5.88 2.08 44.63
N ARG B 170 -6.06 1.35 45.73
CA ARG B 170 -7.31 0.61 45.95
C ARG B 170 -8.47 1.61 45.90
N ASP B 171 -9.68 1.11 45.67
CA ASP B 171 -10.82 2.01 45.63
C ASP B 171 -11.10 2.69 46.98
N GLU B 172 -10.93 1.95 48.06
CA GLU B 172 -11.13 2.50 49.39
C GLU B 172 -10.25 3.75 49.54
N ASP B 173 -8.98 3.60 49.20
CA ASP B 173 -8.05 4.71 49.32
C ASP B 173 -8.49 5.91 48.52
N ILE B 174 -8.97 5.66 47.30
CA ILE B 174 -9.41 6.75 46.42
C ILE B 174 -10.75 7.32 46.89
N ALA B 175 -11.63 6.44 47.36
CA ALA B 175 -12.94 6.85 47.86
C ALA B 175 -12.77 7.88 48.99
N LYS B 176 -11.97 7.54 49.99
CA LYS B 176 -11.71 8.42 51.12
C LYS B 176 -11.32 9.80 50.64
N ARG B 177 -10.26 9.87 49.85
CA ARG B 177 -9.79 11.15 49.34
C ARG B 177 -10.92 11.94 48.69
N LEU B 178 -11.66 11.29 47.80
CA LEU B 178 -12.78 11.93 47.11
C LEU B 178 -13.89 12.43 48.02
N ARG B 179 -14.35 11.55 48.93
CA ARG B 179 -15.41 11.94 49.86
C ARG B 179 -14.89 13.09 50.74
N TYR B 180 -13.60 13.07 51.03
CA TYR B 180 -13.00 14.12 51.80
C TYR B 180 -13.12 15.42 51.04
N ILE B 181 -12.66 15.42 49.79
CA ILE B 181 -12.72 16.60 48.96
C ILE B 181 -14.16 17.02 48.74
N ALA B 182 -15.05 16.02 48.67
CA ALA B 182 -16.48 16.30 48.50
C ALA B 182 -16.95 17.06 49.72
N GLU B 183 -16.59 16.55 50.90
CA GLU B 183 -16.96 17.21 52.15
C GLU B 183 -16.46 18.64 52.12
N ASN B 184 -15.16 18.80 51.93
CA ASN B 184 -14.55 20.12 51.92
C ASN B 184 -15.01 21.09 50.83
N GLU B 185 -15.69 20.58 49.80
CA GLU B 185 -16.16 21.45 48.73
C GLU B 185 -17.70 21.55 48.71
N GLY B 186 -18.34 20.93 49.71
CA GLY B 186 -19.78 20.96 49.80
C GLY B 186 -20.50 20.35 48.62
N LEU B 187 -20.03 19.18 48.20
CA LEU B 187 -20.62 18.50 47.06
C LEU B 187 -21.43 17.32 47.56
N GLU B 188 -22.29 16.82 46.69
CA GLU B 188 -23.11 15.67 47.01
C GLU B 188 -22.59 14.49 46.16
N LEU B 189 -21.64 13.75 46.72
CA LEU B 189 -21.07 12.62 46.01
C LEU B 189 -22.01 11.41 46.15
N THR B 190 -22.87 11.21 45.16
CA THR B 190 -23.81 10.10 45.19
C THR B 190 -23.09 8.76 45.07
N GLU B 191 -23.67 7.75 45.69
CA GLU B 191 -23.12 6.41 45.65
C GLU B 191 -22.78 6.04 44.21
N GLU B 192 -23.72 6.31 43.30
CA GLU B 192 -23.54 6.00 41.89
C GLU B 192 -22.40 6.79 41.24
N GLY B 193 -22.37 8.10 41.51
CA GLY B 193 -21.34 8.94 40.94
C GLY B 193 -19.95 8.49 41.37
N LEU B 194 -19.84 8.05 42.63
CA LEU B 194 -18.55 7.61 43.13
C LEU B 194 -18.17 6.30 42.44
N GLN B 195 -19.13 5.39 42.36
CA GLN B 195 -18.88 4.10 41.72
C GLN B 195 -18.42 4.31 40.28
N ALA B 196 -19.00 5.30 39.62
CA ALA B 196 -18.64 5.63 38.24
C ALA B 196 -17.20 6.12 38.22
N ILE B 197 -16.90 7.12 39.05
CA ILE B 197 -15.56 7.68 39.10
C ILE B 197 -14.52 6.56 39.31
N LEU B 198 -14.74 5.72 40.31
CA LEU B 198 -13.81 4.62 40.58
C LEU B 198 -13.66 3.71 39.37
N TYR B 199 -14.77 3.36 38.74
CA TYR B 199 -14.77 2.48 37.59
C TYR B 199 -13.88 3.04 36.48
N ILE B 200 -14.09 4.30 36.16
CA ILE B 200 -13.35 5.00 35.11
C ILE B 200 -11.87 5.24 35.41
N ALA B 201 -11.54 5.53 36.66
CA ALA B 201 -10.17 5.86 37.06
C ALA B 201 -9.22 4.68 37.19
N GLU B 202 -9.78 3.49 37.36
CA GLU B 202 -9.03 2.26 37.52
C GLU B 202 -7.77 2.39 38.40
N GLY B 203 -7.89 3.14 39.49
CA GLY B 203 -6.80 3.29 40.42
C GLY B 203 -5.91 4.51 40.32
N ASP B 204 -6.14 5.35 39.31
CA ASP B 204 -5.35 6.56 39.11
C ASP B 204 -6.02 7.70 39.91
N MET B 205 -5.39 8.06 41.05
CA MET B 205 -5.93 9.10 41.92
C MET B 205 -6.14 10.43 41.20
N ARG B 206 -5.11 10.88 40.49
CA ARG B 206 -5.19 12.12 39.73
C ARG B 206 -6.46 12.13 38.84
N ARG B 207 -6.54 11.13 37.98
CA ARG B 207 -7.66 10.95 37.06
C ARG B 207 -8.99 11.06 37.80
N ALA B 208 -9.10 10.33 38.91
CA ALA B 208 -10.31 10.36 39.73
C ALA B 208 -10.67 11.79 40.16
N ILE B 209 -9.69 12.48 40.75
CA ILE B 209 -9.91 13.83 41.22
C ILE B 209 -10.26 14.77 40.06
N ASN B 210 -9.66 14.55 38.90
CA ASN B 210 -9.95 15.41 37.75
C ASN B 210 -11.38 15.24 37.27
N ILE B 211 -11.89 14.02 37.36
CA ILE B 211 -13.25 13.74 36.95
C ILE B 211 -14.18 14.40 37.96
N LEU B 212 -13.89 14.20 39.23
CA LEU B 212 -14.68 14.80 40.29
C LEU B 212 -14.80 16.30 40.06
N GLN B 213 -13.66 16.95 39.86
CA GLN B 213 -13.66 18.39 39.66
C GLN B 213 -14.50 18.81 38.46
N ALA B 214 -14.22 18.21 37.31
CA ALA B 214 -14.96 18.51 36.09
C ALA B 214 -16.46 18.40 36.33
N ALA B 215 -16.86 17.31 36.97
CA ALA B 215 -18.26 17.03 37.25
C ALA B 215 -18.87 18.02 38.25
N ALA B 216 -18.08 18.43 39.23
CA ALA B 216 -18.56 19.39 40.23
C ALA B 216 -18.80 20.74 39.57
N ALA B 217 -18.01 21.06 38.55
CA ALA B 217 -18.18 22.32 37.83
C ALA B 217 -19.57 22.37 37.19
N LEU B 218 -20.19 21.21 37.02
CA LEU B 218 -21.51 21.12 36.40
C LEU B 218 -22.65 21.02 37.41
N ASP B 219 -22.36 20.69 38.65
CA ASP B 219 -23.44 20.52 39.62
C ASP B 219 -22.94 19.95 40.95
N LYS B 220 -23.23 20.65 42.04
CA LYS B 220 -22.82 20.21 43.37
C LYS B 220 -23.17 18.75 43.60
N LYS B 221 -24.16 18.27 42.84
CA LYS B 221 -24.59 16.88 42.95
C LYS B 221 -23.79 16.08 41.94
N ILE B 222 -22.97 15.16 42.45
CA ILE B 222 -22.13 14.34 41.59
C ILE B 222 -22.87 13.08 41.17
N THR B 223 -23.38 13.11 39.95
CA THR B 223 -24.11 11.96 39.43
C THR B 223 -23.27 11.20 38.39
N ASP B 224 -23.51 9.90 38.29
CA ASP B 224 -22.78 9.07 37.33
C ASP B 224 -23.03 9.56 35.91
N GLU B 225 -24.12 10.27 35.68
CA GLU B 225 -24.41 10.77 34.35
C GLU B 225 -23.39 11.84 33.94
N ASN B 226 -22.96 12.61 34.92
CA ASN B 226 -22.00 13.68 34.69
C ASN B 226 -20.59 13.14 34.68
N VAL B 227 -20.35 12.14 35.52
CA VAL B 227 -19.05 11.51 35.59
C VAL B 227 -18.76 11.02 34.17
N PHE B 228 -19.59 10.11 33.69
CA PHE B 228 -19.42 9.56 32.36
C PHE B 228 -19.30 10.62 31.27
N MET B 229 -20.11 11.67 31.37
CA MET B 229 -20.10 12.75 30.40
C MET B 229 -18.79 13.56 30.35
N VAL B 230 -18.24 13.91 31.50
CA VAL B 230 -17.02 14.70 31.52
C VAL B 230 -15.78 13.82 31.31
N ALA B 231 -15.91 12.52 31.56
CA ALA B 231 -14.79 11.60 31.42
C ALA B 231 -14.69 11.04 29.99
N SER B 232 -15.64 11.43 29.15
CA SER B 232 -15.67 11.01 27.76
C SER B 232 -15.67 9.49 27.61
N ARG B 233 -16.50 8.84 28.40
CA ARG B 233 -16.62 7.39 28.33
C ARG B 233 -18.12 7.09 28.37
N ALA B 234 -18.56 6.05 27.68
CA ALA B 234 -19.97 5.69 27.70
C ALA B 234 -20.09 4.75 28.86
N ARG B 235 -21.30 4.56 29.39
CA ARG B 235 -21.42 3.65 30.50
C ARG B 235 -21.30 2.19 30.09
N PRO B 236 -20.69 1.38 30.94
CA PRO B 236 -20.49 -0.05 30.72
C PRO B 236 -21.66 -0.75 30.05
N GLU B 237 -22.84 -0.58 30.65
CA GLU B 237 -24.07 -1.19 30.14
C GLU B 237 -24.36 -0.85 28.69
N ASP B 238 -24.01 0.37 28.29
CA ASP B 238 -24.22 0.80 26.92
C ASP B 238 -23.26 0.10 25.95
N ILE B 239 -21.99 0.02 26.32
CA ILE B 239 -21.01 -0.66 25.48
C ILE B 239 -21.43 -2.13 25.39
N ARG B 240 -21.88 -2.71 26.51
CA ARG B 240 -22.29 -4.09 26.43
C ARG B 240 -23.51 -4.26 25.52
N GLU B 241 -24.40 -3.27 25.49
CA GLU B 241 -25.58 -3.40 24.64
C GLU B 241 -25.13 -3.48 23.17
N MET B 242 -24.30 -2.53 22.76
CA MET B 242 -23.77 -2.48 21.40
C MET B 242 -23.12 -3.82 21.00
N MET B 243 -22.42 -4.46 21.92
CA MET B 243 -21.81 -5.73 21.56
C MET B 243 -22.84 -6.85 21.41
N LEU B 244 -23.71 -7.02 22.41
CA LEU B 244 -24.76 -8.05 22.34
C LEU B 244 -25.65 -7.82 21.11
N LEU B 245 -25.90 -6.55 20.76
CA LEU B 245 -26.72 -6.28 19.60
C LEU B 245 -26.04 -6.83 18.34
N ALA B 246 -24.77 -6.50 18.16
CA ALA B 246 -24.01 -6.96 17.01
C ALA B 246 -23.86 -8.48 17.03
N LEU B 247 -23.65 -9.01 18.23
CA LEU B 247 -23.43 -10.42 18.44
C LEU B 247 -24.63 -11.33 18.13
N LYS B 248 -25.86 -10.84 18.27
CA LYS B 248 -27.00 -11.71 17.99
C LYS B 248 -27.49 -11.63 16.55
N GLY B 249 -26.92 -10.71 15.78
CA GLY B 249 -27.30 -10.59 14.38
C GLY B 249 -27.70 -9.19 13.99
N ASN B 250 -28.03 -8.37 14.98
CA ASN B 250 -28.46 -7.01 14.72
C ASN B 250 -27.28 -6.08 14.49
N PHE B 251 -26.66 -6.24 13.34
CA PHE B 251 -25.54 -5.40 13.00
C PHE B 251 -25.98 -3.95 12.81
N LEU B 252 -27.07 -3.74 12.08
CA LEU B 252 -27.59 -2.38 11.84
C LEU B 252 -27.88 -1.64 13.13
N LYS B 253 -28.42 -2.36 14.11
CA LYS B 253 -28.70 -1.74 15.39
C LYS B 253 -27.40 -1.34 16.08
N ALA B 254 -26.46 -2.30 16.18
CA ALA B 254 -25.15 -2.08 16.81
C ALA B 254 -24.53 -0.81 16.27
N ARG B 255 -24.56 -0.66 14.95
CA ARG B 255 -24.04 0.53 14.29
C ARG B 255 -24.71 1.77 14.90
N GLU B 256 -26.03 1.75 14.99
CA GLU B 256 -26.80 2.87 15.54
C GLU B 256 -26.32 3.26 16.94
N LYS B 257 -26.30 2.25 17.81
CA LYS B 257 -25.87 2.41 19.17
C LYS B 257 -24.51 3.09 19.15
N LEU B 258 -23.60 2.57 18.32
CA LEU B 258 -22.26 3.14 18.19
C LEU B 258 -22.34 4.62 17.83
N ARG B 259 -23.18 4.93 16.86
CA ARG B 259 -23.38 6.29 16.40
C ARG B 259 -23.83 7.15 17.57
N GLU B 260 -24.77 6.64 18.35
CA GLU B 260 -25.26 7.39 19.50
C GLU B 260 -24.14 7.67 20.49
N ILE B 261 -23.45 6.61 20.94
CA ILE B 261 -22.34 6.74 21.87
C ILE B 261 -21.33 7.79 21.36
N LEU B 262 -20.83 7.61 20.13
CA LEU B 262 -19.87 8.55 19.55
C LEU B 262 -20.33 10.00 19.63
N LEU B 263 -21.56 10.24 19.22
CA LEU B 263 -22.14 11.57 19.23
C LEU B 263 -22.45 12.06 20.63
N LYS B 264 -23.13 11.22 21.40
CA LYS B 264 -23.53 11.54 22.77
C LYS B 264 -22.31 11.88 23.65
N GLN B 265 -21.63 10.84 24.13
CA GLN B 265 -20.47 10.99 25.00
C GLN B 265 -19.20 11.56 24.33
N GLY B 266 -19.11 11.42 23.01
CA GLY B 266 -17.96 11.95 22.29
C GLY B 266 -16.63 11.21 22.43
N LEU B 267 -16.68 9.89 22.58
CA LEU B 267 -15.45 9.10 22.72
C LEU B 267 -14.64 9.13 21.43
N SER B 268 -13.59 8.32 21.41
CA SER B 268 -12.73 8.19 20.22
C SER B 268 -12.76 6.72 19.80
N GLY B 269 -12.18 6.42 18.65
CA GLY B 269 -12.15 5.04 18.21
C GLY B 269 -11.44 4.19 19.26
N GLU B 270 -10.26 4.65 19.67
CA GLU B 270 -9.51 3.92 20.68
C GLU B 270 -10.24 3.83 22.01
N ASP B 271 -10.99 4.87 22.37
CA ASP B 271 -11.77 4.86 23.61
C ASP B 271 -12.83 3.76 23.60
N VAL B 272 -13.55 3.62 22.50
CA VAL B 272 -14.56 2.58 22.39
C VAL B 272 -13.89 1.20 22.45
N LEU B 273 -12.80 1.02 21.73
CA LEU B 273 -12.10 -0.28 21.76
C LEU B 273 -11.67 -0.67 23.17
N VAL B 274 -11.07 0.28 23.88
CA VAL B 274 -10.64 0.01 25.26
C VAL B 274 -11.86 -0.35 26.11
N GLN B 275 -12.97 0.38 25.94
CA GLN B 275 -14.18 0.05 26.67
C GLN B 275 -14.67 -1.37 26.28
N MET B 276 -14.73 -1.67 24.99
CA MET B 276 -15.18 -2.98 24.54
C MET B 276 -14.31 -4.08 25.18
N HIS B 277 -13.00 -3.85 25.24
CA HIS B 277 -12.08 -4.82 25.81
C HIS B 277 -12.40 -5.05 27.29
N LYS B 278 -12.71 -3.95 27.98
CA LYS B 278 -13.03 -3.99 29.40
C LYS B 278 -14.35 -4.70 29.69
N GLU B 279 -15.30 -4.51 28.77
CA GLU B 279 -16.64 -5.07 28.90
C GLU B 279 -16.97 -6.39 28.18
N VAL B 280 -16.16 -6.78 27.20
CA VAL B 280 -16.47 -8.01 26.49
C VAL B 280 -16.47 -9.24 27.39
N PHE B 281 -15.65 -9.24 28.43
CA PHE B 281 -15.60 -10.41 29.32
C PHE B 281 -16.79 -10.50 30.26
N ASN B 282 -17.53 -9.42 30.37
CA ASN B 282 -18.72 -9.37 31.23
C ASN B 282 -20.02 -9.68 30.48
N LEU B 283 -19.90 -10.39 29.36
CA LEU B 283 -21.07 -10.74 28.57
C LEU B 283 -21.47 -12.20 28.80
N PRO B 284 -22.78 -12.51 28.77
CA PRO B 284 -23.28 -13.88 28.97
C PRO B 284 -23.00 -14.66 27.70
N ILE B 285 -21.74 -14.67 27.28
CA ILE B 285 -21.35 -15.35 26.06
C ILE B 285 -20.46 -16.56 26.32
N GLU B 286 -20.43 -17.50 25.38
CA GLU B 286 -19.60 -18.70 25.50
C GLU B 286 -18.10 -18.35 25.45
N GLU B 287 -17.29 -19.05 26.25
CA GLU B 287 -15.85 -18.79 26.29
C GLU B 287 -15.21 -18.81 24.89
N PRO B 288 -15.55 -19.81 24.07
CA PRO B 288 -14.94 -19.83 22.74
C PRO B 288 -15.13 -18.50 21.99
N LYS B 289 -16.25 -17.82 22.25
CA LYS B 289 -16.54 -16.56 21.59
C LYS B 289 -15.65 -15.42 22.10
N LYS B 290 -15.44 -15.39 23.41
CA LYS B 290 -14.62 -14.35 24.00
C LYS B 290 -13.21 -14.47 23.43
N VAL B 291 -12.79 -15.70 23.17
CA VAL B 291 -11.48 -15.97 22.59
C VAL B 291 -11.40 -15.32 21.21
N LEU B 292 -12.42 -15.51 20.39
CA LEU B 292 -12.42 -14.90 19.07
C LEU B 292 -12.58 -13.38 19.16
N LEU B 293 -13.33 -12.91 20.15
CA LEU B 293 -13.50 -11.47 20.25
C LEU B 293 -12.26 -10.76 20.78
N ALA B 294 -11.52 -11.41 21.66
CA ALA B 294 -10.31 -10.83 22.22
C ALA B 294 -9.29 -10.70 21.10
N ASP B 295 -9.22 -11.71 20.24
CA ASP B 295 -8.29 -11.70 19.12
C ASP B 295 -8.64 -10.56 18.17
N LYS B 296 -9.92 -10.34 17.94
CA LYS B 296 -10.35 -9.25 17.05
C LYS B 296 -10.06 -7.85 17.59
N ILE B 297 -10.26 -7.64 18.88
CA ILE B 297 -10.01 -6.33 19.46
C ILE B 297 -8.54 -5.98 19.32
N GLY B 298 -7.69 -7.00 19.49
CA GLY B 298 -6.25 -6.82 19.35
C GLY B 298 -5.91 -6.43 17.91
N GLU B 299 -6.50 -7.14 16.95
CA GLU B 299 -6.23 -6.83 15.57
C GLU B 299 -6.67 -5.40 15.22
N TYR B 300 -7.87 -5.00 15.65
CA TYR B 300 -8.35 -3.65 15.32
C TYR B 300 -7.66 -2.53 16.08
N ASN B 301 -7.14 -2.84 17.26
CA ASN B 301 -6.41 -1.85 18.01
C ASN B 301 -5.21 -1.47 17.13
N PHE B 302 -4.49 -2.48 16.66
CA PHE B 302 -3.32 -2.25 15.85
C PHE B 302 -3.64 -1.47 14.55
N ARG B 303 -4.80 -1.71 13.95
CA ARG B 303 -5.18 -0.97 12.75
C ARG B 303 -5.31 0.53 13.11
N LEU B 304 -5.85 0.81 14.30
CA LEU B 304 -6.00 2.19 14.72
C LEU B 304 -4.64 2.78 14.94
N VAL B 305 -3.76 1.98 15.54
CA VAL B 305 -2.40 2.42 15.80
C VAL B 305 -1.75 2.88 14.51
N GLU B 306 -2.04 2.19 13.41
CA GLU B 306 -1.46 2.53 12.11
C GLU B 306 -2.15 3.71 11.46
N GLY B 307 -3.22 4.19 12.09
CA GLY B 307 -3.91 5.34 11.55
C GLY B 307 -5.05 5.02 10.60
N ALA B 308 -5.70 3.87 10.77
CA ALA B 308 -6.84 3.53 9.93
C ALA B 308 -8.06 4.34 10.39
N ASN B 309 -9.00 4.56 9.49
CA ASN B 309 -10.21 5.30 9.82
C ASN B 309 -11.00 4.65 10.97
N GLU B 310 -11.25 5.41 12.02
CA GLU B 310 -11.95 4.92 13.20
C GLU B 310 -13.39 4.39 13.06
N ILE B 311 -14.27 5.15 12.41
CA ILE B 311 -15.64 4.70 12.25
C ILE B 311 -15.68 3.46 11.36
N ILE B 312 -14.91 3.49 10.28
CA ILE B 312 -14.85 2.37 9.36
C ILE B 312 -14.33 1.13 10.08
N GLN B 313 -13.32 1.30 10.92
CA GLN B 313 -12.79 0.17 11.62
C GLN B 313 -13.72 -0.30 12.72
N LEU B 314 -14.38 0.64 13.40
CA LEU B 314 -15.29 0.27 14.46
C LEU B 314 -16.52 -0.50 13.93
N GLU B 315 -17.10 -0.03 12.83
CA GLU B 315 -18.25 -0.76 12.29
C GLU B 315 -17.79 -2.14 11.81
N ALA B 316 -16.61 -2.17 11.16
CA ALA B 316 -16.02 -3.43 10.66
C ALA B 316 -15.81 -4.43 11.81
N LEU B 317 -15.39 -3.91 12.96
CA LEU B 317 -15.17 -4.74 14.15
C LEU B 317 -16.54 -5.26 14.65
N LEU B 318 -17.57 -4.40 14.59
CA LEU B 318 -18.91 -4.82 15.02
C LEU B 318 -19.40 -5.95 14.11
N ALA B 319 -19.11 -5.82 12.82
CA ALA B 319 -19.49 -6.85 11.85
C ALA B 319 -18.79 -8.17 12.24
N GLN B 320 -17.55 -8.05 12.72
CA GLN B 320 -16.83 -9.23 13.16
C GLN B 320 -17.55 -9.86 14.34
N PHE B 321 -18.24 -9.01 15.11
CA PHE B 321 -19.00 -9.52 16.25
C PHE B 321 -20.21 -10.30 15.72
N THR B 322 -20.84 -9.80 14.66
CA THR B 322 -21.96 -10.51 14.10
C THR B 322 -21.51 -11.86 13.56
N LEU B 323 -20.37 -11.88 12.85
CA LEU B 323 -19.86 -13.14 12.29
C LEU B 323 -19.49 -14.10 13.39
N ILE B 324 -18.71 -13.64 14.36
CA ILE B 324 -18.34 -14.51 15.47
C ILE B 324 -19.62 -14.94 16.21
N GLY B 325 -20.59 -14.04 16.28
CA GLY B 325 -21.85 -14.32 16.94
C GLY B 325 -22.60 -15.56 16.47
N LYS B 326 -22.49 -15.85 15.16
CA LYS B 326 -23.12 -17.02 14.57
C LYS B 326 -22.33 -18.26 15.01
N LYS B 327 -22.53 -18.67 16.26
CA LYS B 327 -21.81 -19.82 16.83
C LYS B 327 -21.43 -20.87 15.81
N LYS C 9 -26.67 42.10 -5.56
CA LYS C 9 -25.27 41.81 -5.15
C LYS C 9 -24.59 40.86 -6.14
N VAL C 10 -23.82 39.91 -5.62
CA VAL C 10 -23.10 38.94 -6.43
C VAL C 10 -22.30 37.92 -5.61
N LEU C 11 -21.37 38.40 -4.80
CA LEU C 11 -20.52 37.55 -3.97
C LEU C 11 -19.58 38.46 -3.18
N GLU C 12 -20.13 39.56 -2.65
CA GLU C 12 -19.35 40.53 -1.90
C GLU C 12 -18.68 39.99 -0.63
N LYS C 13 -19.46 39.30 0.21
CA LYS C 13 -18.95 38.73 1.46
C LYS C 13 -19.48 37.30 1.64
N PRO C 14 -18.64 36.39 2.20
CA PRO C 14 -19.08 35.00 2.41
C PRO C 14 -20.34 34.93 3.28
N TRP C 15 -21.39 34.30 2.76
CA TRP C 15 -22.66 34.17 3.49
C TRP C 15 -22.41 33.81 4.95
N VAL C 16 -21.40 32.98 5.19
CA VAL C 16 -21.03 32.54 6.53
C VAL C 16 -20.81 33.73 7.48
N GLU C 17 -19.78 34.53 7.22
CA GLU C 17 -19.47 35.69 8.04
C GLU C 17 -20.50 36.82 7.92
N LYS C 18 -21.48 36.62 7.05
CA LYS C 18 -22.53 37.61 6.82
C LYS C 18 -23.82 37.27 7.56
N TYR C 19 -24.30 36.04 7.40
CA TYR C 19 -25.52 35.60 8.07
C TYR C 19 -25.18 34.83 9.36
N ARG C 20 -24.22 35.32 10.13
CA ARG C 20 -23.80 34.69 11.39
C ARG C 20 -24.55 35.23 12.61
N PRO C 21 -25.14 34.34 13.43
CA PRO C 21 -25.88 34.74 14.63
C PRO C 21 -25.14 35.76 15.49
N GLN C 22 -25.91 36.68 16.07
CA GLN C 22 -25.36 37.73 16.89
C GLN C 22 -25.82 37.60 18.35
N ARG C 23 -26.86 36.81 18.56
CA ARG C 23 -27.43 36.56 19.88
C ARG C 23 -27.35 35.06 20.20
N LEU C 24 -27.32 34.71 21.48
CA LEU C 24 -27.25 33.31 21.88
C LEU C 24 -28.51 32.55 21.45
N ASP C 25 -29.62 33.27 21.23
CA ASP C 25 -30.85 32.63 20.79
C ASP C 25 -30.93 32.53 19.28
N ASP C 26 -29.99 33.20 18.60
CA ASP C 26 -29.94 33.15 17.14
C ASP C 26 -29.28 31.81 16.81
N ILE C 27 -28.58 31.25 17.79
CA ILE C 27 -27.90 29.97 17.66
C ILE C 27 -28.94 28.86 17.80
N VAL C 28 -28.75 27.77 17.06
CA VAL C 28 -29.67 26.64 17.10
C VAL C 28 -28.95 25.29 17.00
N GLY C 29 -29.48 24.29 17.69
CA GLY C 29 -28.90 22.96 17.63
C GLY C 29 -27.90 22.62 18.72
N GLN C 30 -27.47 23.63 19.49
CA GLN C 30 -26.51 23.41 20.56
C GLN C 30 -27.16 23.82 21.88
N GLU C 31 -28.47 23.65 21.94
CA GLU C 31 -29.30 24.02 23.10
C GLU C 31 -28.73 23.80 24.51
N HIS C 32 -28.19 22.63 24.78
CA HIS C 32 -27.62 22.37 26.10
C HIS C 32 -26.57 23.44 26.38
N ILE C 33 -25.76 23.72 25.36
CA ILE C 33 -24.69 24.70 25.44
C ILE C 33 -25.19 26.13 25.62
N VAL C 34 -26.13 26.55 24.77
CA VAL C 34 -26.67 27.91 24.84
C VAL C 34 -27.26 28.23 26.21
N LYS C 35 -28.03 27.28 26.73
CA LYS C 35 -28.66 27.42 28.04
C LYS C 35 -27.61 27.71 29.12
N ARG C 36 -26.47 27.02 29.02
CA ARG C 36 -25.38 27.21 29.97
C ARG C 36 -24.67 28.53 29.74
N LEU C 37 -24.59 28.96 28.48
CA LEU C 37 -23.94 30.22 28.13
C LEU C 37 -24.74 31.43 28.57
N LYS C 38 -26.07 31.33 28.48
CA LYS C 38 -26.95 32.42 28.90
C LYS C 38 -27.03 32.53 30.42
N HIS C 39 -26.34 31.63 31.12
CA HIS C 39 -26.31 31.67 32.59
C HIS C 39 -25.12 32.54 32.99
N TYR C 40 -24.18 32.71 32.06
CA TYR C 40 -23.00 33.53 32.31
C TYR C 40 -23.36 35.00 32.17
N VAL C 41 -24.14 35.29 31.13
CA VAL C 41 -24.59 36.66 30.88
C VAL C 41 -25.51 37.12 32.01
N LYS C 42 -26.38 36.21 32.46
CA LYS C 42 -27.33 36.46 33.53
C LYS C 42 -26.69 36.81 34.88
N THR C 43 -25.53 36.25 35.18
CA THR C 43 -24.86 36.52 36.45
C THR C 43 -23.60 37.40 36.33
N GLY C 44 -23.12 37.60 35.12
CA GLY C 44 -21.93 38.42 34.92
C GLY C 44 -20.68 37.77 35.47
N SER C 45 -20.77 36.45 35.70
CA SER C 45 -19.66 35.67 36.23
C SER C 45 -19.41 34.49 35.31
N MET C 46 -18.15 34.25 34.96
CA MET C 46 -17.80 33.12 34.12
C MET C 46 -16.31 32.82 34.18
N PRO C 47 -15.96 31.52 34.08
CA PRO C 47 -14.57 31.04 34.13
C PRO C 47 -14.03 30.88 32.71
N HIS C 48 -12.82 30.34 32.59
CA HIS C 48 -12.21 30.10 31.29
C HIS C 48 -13.09 29.05 30.62
N LEU C 49 -13.41 29.24 29.34
CA LEU C 49 -14.26 28.28 28.65
C LEU C 49 -13.46 27.46 27.64
N LEU C 50 -13.87 26.21 27.45
CA LEU C 50 -13.22 25.32 26.49
C LEU C 50 -14.24 24.75 25.50
N PHE C 51 -14.12 25.17 24.25
CA PHE C 51 -15.01 24.71 23.18
C PHE C 51 -14.32 23.62 22.34
N ALA C 52 -14.93 22.45 22.28
CA ALA C 52 -14.36 21.35 21.51
C ALA C 52 -15.41 20.76 20.58
N GLY C 53 -15.01 20.46 19.35
CA GLY C 53 -15.95 19.90 18.40
C GLY C 53 -15.52 20.20 16.98
N PRO C 54 -16.35 19.86 15.98
CA PRO C 54 -16.04 20.11 14.56
C PRO C 54 -16.22 21.58 14.21
N PRO C 55 -15.77 21.98 13.01
CA PRO C 55 -15.90 23.37 12.56
C PRO C 55 -17.31 23.61 12.04
N GLY C 56 -17.73 24.87 12.02
CA GLY C 56 -19.05 25.22 11.53
C GLY C 56 -20.23 24.65 12.31
N VAL C 57 -20.04 24.34 13.58
CA VAL C 57 -21.14 23.80 14.37
C VAL C 57 -21.65 24.73 15.46
N GLY C 58 -20.96 25.86 15.66
CA GLY C 58 -21.40 26.81 16.66
C GLY C 58 -20.36 27.43 17.58
N LYS C 59 -19.15 26.88 17.57
CA LYS C 59 -18.07 27.35 18.43
C LYS C 59 -17.79 28.85 18.43
N THR C 60 -17.41 29.42 17.28
CA THR C 60 -17.12 30.85 17.20
C THR C 60 -18.39 31.72 17.23
N THR C 61 -19.48 31.20 16.68
CA THR C 61 -20.75 31.91 16.68
C THR C 61 -21.13 32.23 18.12
N ALA C 62 -20.89 31.26 18.99
CA ALA C 62 -21.18 31.39 20.42
C ALA C 62 -20.16 32.31 21.10
N ALA C 63 -18.90 32.22 20.67
CA ALA C 63 -17.84 33.04 21.24
C ALA C 63 -18.18 34.53 21.05
N LEU C 64 -18.67 34.88 19.86
CA LEU C 64 -19.04 36.25 19.56
C LEU C 64 -20.37 36.59 20.22
N ALA C 65 -21.40 35.81 19.88
CA ALA C 65 -22.73 36.00 20.43
C ALA C 65 -22.73 36.22 21.95
N LEU C 66 -21.81 35.54 22.65
CA LEU C 66 -21.70 35.64 24.10
C LEU C 66 -21.07 36.98 24.51
N ALA C 67 -19.94 37.31 23.90
CA ALA C 67 -19.23 38.55 24.18
C ALA C 67 -20.07 39.79 23.90
N ARG C 68 -21.05 39.63 23.01
CA ARG C 68 -21.93 40.75 22.66
C ARG C 68 -22.90 41.03 23.81
N GLU C 69 -23.41 39.97 24.42
CA GLU C 69 -24.35 40.11 25.53
C GLU C 69 -23.68 40.44 26.86
N LEU C 70 -22.38 40.23 26.95
CA LEU C 70 -21.65 40.52 28.18
C LEU C 70 -21.02 41.92 28.16
N PHE C 71 -20.99 42.54 26.98
CA PHE C 71 -20.41 43.86 26.83
C PHE C 71 -21.28 44.85 26.06
N GLY C 72 -22.30 44.34 25.38
CA GLY C 72 -23.18 45.20 24.60
C GLY C 72 -22.46 45.83 23.43
N GLU C 73 -23.08 46.83 22.81
CA GLU C 73 -22.49 47.53 21.66
C GLU C 73 -21.00 47.80 21.87
N ASN C 74 -20.62 47.88 23.15
CA ASN C 74 -19.23 48.12 23.54
C ASN C 74 -18.60 46.76 23.86
N TRP C 75 -18.14 46.05 22.84
CA TRP C 75 -17.52 44.74 23.04
C TRP C 75 -16.37 44.48 22.07
N ARG C 76 -16.23 45.39 21.10
CA ARG C 76 -15.18 45.28 20.08
C ARG C 76 -13.76 45.37 20.66
N HIS C 77 -13.63 45.85 21.90
CA HIS C 77 -12.33 45.92 22.54
C HIS C 77 -12.25 44.88 23.66
N ASN C 78 -13.38 44.66 24.32
CA ASN C 78 -13.45 43.68 25.40
C ASN C 78 -13.49 42.27 24.79
N PHE C 79 -12.88 42.12 23.61
CA PHE C 79 -12.85 40.83 22.93
C PHE C 79 -11.68 40.73 21.93
N LEU C 80 -10.50 40.36 22.42
CA LEU C 80 -9.31 40.21 21.58
C LEU C 80 -9.31 38.82 20.94
N GLU C 81 -9.69 38.74 19.66
CA GLU C 81 -9.76 37.46 18.98
C GLU C 81 -8.42 37.07 18.32
N LEU C 82 -7.87 35.93 18.74
CA LEU C 82 -6.61 35.44 18.22
C LEU C 82 -6.80 34.04 17.60
N ASN C 83 -5.80 33.58 16.84
CA ASN C 83 -5.85 32.26 16.22
C ASN C 83 -4.53 31.54 16.48
N ALA C 84 -4.59 30.54 17.36
CA ALA C 84 -3.43 29.76 17.77
C ALA C 84 -2.44 29.32 16.69
N SER C 85 -2.92 29.10 15.47
CA SER C 85 -2.02 28.69 14.38
C SER C 85 -1.14 29.85 13.90
N ASP C 86 -0.85 30.77 14.82
CA ASP C 86 -0.04 31.95 14.54
C ASP C 86 1.44 31.71 14.24
N GLU C 87 2.11 32.80 13.85
CA GLU C 87 3.53 32.80 13.49
C GLU C 87 4.41 32.04 14.47
N ARG C 88 4.78 30.82 14.09
CA ARG C 88 5.62 29.92 14.88
C ARG C 88 6.41 30.56 16.03
N GLY C 89 5.73 30.79 17.15
CA GLY C 89 6.37 31.41 18.30
C GLY C 89 5.38 32.10 19.21
N ILE C 90 5.20 31.54 20.41
CA ILE C 90 4.27 32.09 21.40
C ILE C 90 4.86 33.31 22.13
N ASN C 91 6.08 33.71 21.73
CA ASN C 91 6.73 34.87 22.34
C ASN C 91 5.97 36.14 21.91
N VAL C 92 5.06 35.95 20.96
CA VAL C 92 4.22 37.04 20.45
C VAL C 92 2.88 36.98 21.19
N ILE C 93 2.65 35.87 21.88
CA ILE C 93 1.41 35.62 22.63
C ILE C 93 1.44 36.10 24.09
N ARG C 94 2.60 36.56 24.55
CA ARG C 94 2.73 37.05 25.93
C ARG C 94 2.82 38.57 25.98
N GLU C 95 3.30 39.18 24.89
CA GLU C 95 3.43 40.62 24.79
C GLU C 95 2.10 41.25 24.38
N LYS C 96 1.42 40.60 23.44
CA LYS C 96 0.11 41.08 22.95
C LYS C 96 -0.95 40.97 24.06
N VAL C 97 -0.73 40.03 24.98
CA VAL C 97 -1.63 39.79 26.09
C VAL C 97 -1.18 40.55 27.35
N LYS C 98 0.13 40.78 27.48
CA LYS C 98 0.68 41.47 28.63
C LYS C 98 -0.01 42.81 28.83
N GLU C 99 -0.44 43.41 27.73
CA GLU C 99 -1.09 44.72 27.80
C GLU C 99 -2.60 44.69 27.60
N PHE C 100 -3.12 43.58 27.07
CA PHE C 100 -4.57 43.46 26.85
C PHE C 100 -5.32 43.21 28.15
N ALA C 101 -4.80 42.27 28.94
CA ALA C 101 -5.43 41.92 30.22
C ALA C 101 -4.81 42.73 31.35
N ARG C 102 -4.20 43.85 30.98
CA ARG C 102 -3.59 44.75 31.95
C ARG C 102 -4.50 45.98 31.97
N THR C 103 -5.21 46.15 30.85
CA THR C 103 -6.16 47.24 30.67
C THR C 103 -7.56 46.71 31.00
N LYS C 104 -7.99 46.94 32.24
CA LYS C 104 -9.31 46.48 32.69
C LYS C 104 -10.45 46.99 31.81
N PRO C 105 -11.61 46.33 31.89
CA PRO C 105 -12.80 46.70 31.11
C PRO C 105 -13.66 47.85 31.65
N ILE C 106 -14.52 48.35 30.77
CA ILE C 106 -15.46 49.43 31.08
C ILE C 106 -16.60 49.28 30.07
N GLY C 107 -17.81 49.59 30.52
CA GLY C 107 -18.97 49.46 29.66
C GLY C 107 -19.51 48.04 29.76
N GLY C 108 -18.62 47.06 29.63
CA GLY C 108 -19.03 45.67 29.71
C GLY C 108 -19.03 45.12 31.13
N ALA C 109 -18.67 43.85 31.27
CA ALA C 109 -18.62 43.17 32.57
C ALA C 109 -17.38 43.52 33.38
N SER C 110 -16.99 42.59 34.25
CA SER C 110 -15.83 42.78 35.12
C SER C 110 -14.57 42.15 34.54
N PHE C 111 -14.61 41.80 33.25
CA PHE C 111 -13.47 41.17 32.62
C PHE C 111 -13.47 41.28 31.10
N LYS C 112 -12.40 40.79 30.48
CA LYS C 112 -12.27 40.80 29.03
C LYS C 112 -12.13 39.35 28.56
N ILE C 113 -12.43 39.12 27.29
CA ILE C 113 -12.34 37.78 26.72
C ILE C 113 -11.35 37.70 25.56
N ILE C 114 -10.47 36.68 25.60
CA ILE C 114 -9.51 36.46 24.52
C ILE C 114 -9.88 35.13 23.87
N PHE C 115 -10.48 35.20 22.69
CA PHE C 115 -10.89 33.99 21.96
C PHE C 115 -9.71 33.44 21.16
N LEU C 116 -9.11 32.36 21.66
CA LEU C 116 -7.98 31.73 21.01
C LEU C 116 -8.40 30.55 20.15
N ASP C 117 -8.80 30.85 18.92
CA ASP C 117 -9.25 29.85 17.96
C ASP C 117 -8.18 28.80 17.66
N GLU C 118 -8.58 27.52 17.67
CA GLU C 118 -7.68 26.40 17.39
C GLU C 118 -6.54 26.29 18.41
N ALA C 119 -6.90 26.28 19.69
CA ALA C 119 -5.94 26.19 20.78
C ALA C 119 -5.24 24.83 20.86
N ASP C 120 -5.89 23.78 20.36
CA ASP C 120 -5.32 22.44 20.40
C ASP C 120 -4.19 22.26 19.38
N ALA C 121 -3.82 23.35 18.72
CA ALA C 121 -2.75 23.32 17.72
C ALA C 121 -1.39 23.64 18.34
N LEU C 122 -1.40 24.25 19.52
CA LEU C 122 -0.16 24.60 20.21
C LEU C 122 0.55 23.34 20.68
N THR C 123 1.86 23.43 20.86
CA THR C 123 2.65 22.29 21.33
C THR C 123 2.63 22.29 22.86
N GLN C 124 2.96 21.13 23.43
CA GLN C 124 3.00 20.97 24.89
C GLN C 124 3.49 22.21 25.62
N ASP C 125 4.72 22.63 25.28
CA ASP C 125 5.35 23.78 25.90
C ASP C 125 4.58 25.07 25.69
N ALA C 126 4.08 25.27 24.47
CA ALA C 126 3.32 26.47 24.16
C ALA C 126 2.05 26.52 25.03
N GLN C 127 1.42 25.37 25.20
CA GLN C 127 0.21 25.26 26.01
C GLN C 127 0.51 25.49 27.49
N GLN C 128 1.67 25.05 27.94
CA GLN C 128 2.04 25.22 29.33
C GLN C 128 2.32 26.70 29.63
N ALA C 129 2.72 27.44 28.60
CA ALA C 129 3.01 28.86 28.73
C ALA C 129 1.67 29.60 28.78
N LEU C 130 0.69 29.06 28.05
CA LEU C 130 -0.66 29.62 27.99
C LEU C 130 -1.37 29.38 29.32
N ARG C 131 -0.84 28.44 30.08
CA ARG C 131 -1.40 28.08 31.38
C ARG C 131 -0.97 29.06 32.46
N ARG C 132 0.16 29.73 32.25
CA ARG C 132 0.67 30.69 33.21
C ARG C 132 0.08 32.05 32.83
N THR C 133 -0.04 32.27 31.52
CA THR C 133 -0.59 33.51 31.00
C THR C 133 -2.06 33.57 31.38
N MET C 134 -2.70 32.41 31.34
CA MET C 134 -4.11 32.26 31.68
C MET C 134 -4.30 32.59 33.16
N GLU C 135 -3.33 32.17 33.96
CA GLU C 135 -3.35 32.40 35.41
C GLU C 135 -2.81 33.79 35.76
N MET C 136 -1.96 34.32 34.90
CA MET C 136 -1.35 35.64 35.09
C MET C 136 -2.40 36.73 35.15
N PHE C 137 -3.19 36.82 34.08
CA PHE C 137 -4.25 37.81 33.98
C PHE C 137 -5.61 37.17 34.18
N SER C 138 -5.68 36.22 35.10
CA SER C 138 -6.90 35.50 35.43
C SER C 138 -8.02 36.43 35.91
N SER C 139 -7.68 37.37 36.79
CA SER C 139 -8.65 38.30 37.34
C SER C 139 -9.09 39.35 36.33
N ASN C 140 -8.24 39.63 35.36
CA ASN C 140 -8.54 40.62 34.34
C ASN C 140 -9.33 40.01 33.19
N VAL C 141 -8.72 39.06 32.52
CA VAL C 141 -9.31 38.38 31.37
C VAL C 141 -9.77 36.94 31.64
N ARG C 142 -10.58 36.43 30.72
CA ARG C 142 -11.12 35.07 30.77
C ARG C 142 -10.95 34.48 29.37
N PHE C 143 -10.28 33.33 29.29
CA PHE C 143 -10.05 32.70 28.00
C PHE C 143 -11.17 31.80 27.48
N ILE C 144 -11.29 31.75 26.16
CA ILE C 144 -12.26 30.90 25.47
C ILE C 144 -11.45 30.18 24.39
N LEU C 145 -10.93 29.01 24.75
CA LEU C 145 -10.12 28.20 23.87
C LEU C 145 -11.00 27.32 22.98
N SER C 146 -10.71 27.34 21.67
CA SER C 146 -11.47 26.54 20.72
C SER C 146 -10.56 25.43 20.19
N CYS C 147 -11.08 24.19 20.21
CA CYS C 147 -10.31 23.05 19.74
C CYS C 147 -11.21 22.02 19.09
N ASN C 148 -10.59 20.98 18.53
CA ASN C 148 -11.30 19.90 17.87
C ASN C 148 -11.60 18.81 18.89
N TYR C 149 -10.61 18.49 19.71
CA TYR C 149 -10.75 17.48 20.75
C TYR C 149 -10.09 18.00 22.01
N SER C 150 -10.84 18.07 23.10
CA SER C 150 -10.32 18.54 24.36
C SER C 150 -9.18 17.67 24.85
N SER C 151 -9.04 16.49 24.23
CA SER C 151 -7.97 15.55 24.59
C SER C 151 -6.63 16.01 24.03
N LYS C 152 -6.63 17.11 23.30
CA LYS C 152 -5.41 17.65 22.73
C LYS C 152 -4.86 18.75 23.65
N ILE C 153 -5.70 19.21 24.56
CA ILE C 153 -5.31 20.25 25.51
C ILE C 153 -4.85 19.63 26.85
N ILE C 154 -3.77 20.18 27.40
CA ILE C 154 -3.22 19.69 28.66
C ILE C 154 -4.19 19.83 29.84
N GLU C 155 -4.25 18.79 30.67
CA GLU C 155 -5.14 18.75 31.82
C GLU C 155 -5.12 19.97 32.74
N PRO C 156 -3.94 20.57 32.95
CA PRO C 156 -3.90 21.75 33.81
C PRO C 156 -4.75 22.89 33.28
N ILE C 157 -5.12 22.81 32.01
CA ILE C 157 -5.96 23.84 31.41
C ILE C 157 -7.39 23.33 31.29
N GLN C 158 -7.55 22.02 31.29
CA GLN C 158 -8.89 21.42 31.20
C GLN C 158 -9.61 21.54 32.53
N SER C 159 -8.86 21.39 33.61
CA SER C 159 -9.41 21.46 34.96
C SER C 159 -9.80 22.88 35.37
N ARG C 160 -9.29 23.87 34.64
CA ARG C 160 -9.57 25.26 34.94
C ARG C 160 -10.69 25.79 34.03
N CYS C 161 -11.06 24.96 33.06
CA CYS C 161 -12.08 25.31 32.08
C CYS C 161 -13.42 24.63 32.26
N ALA C 162 -14.48 25.36 31.90
CA ALA C 162 -15.82 24.81 31.91
C ALA C 162 -15.83 24.24 30.49
N ILE C 163 -16.06 22.94 30.35
CA ILE C 163 -16.03 22.30 29.03
C ILE C 163 -17.37 22.18 28.32
N PHE C 164 -17.40 22.56 27.04
CA PHE C 164 -18.63 22.46 26.25
C PHE C 164 -18.32 21.68 24.98
N ARG C 165 -19.04 20.58 24.76
CA ARG C 165 -18.84 19.75 23.58
C ARG C 165 -19.87 20.04 22.48
N PHE C 166 -19.47 20.79 21.45
CA PHE C 166 -20.36 21.15 20.35
C PHE C 166 -20.52 20.01 19.32
N ARG C 167 -21.71 19.44 19.25
CA ARG C 167 -22.01 18.34 18.34
C ARG C 167 -22.38 18.86 16.94
N PRO C 168 -22.45 17.96 15.94
CA PRO C 168 -22.82 18.38 14.57
C PRO C 168 -24.31 18.75 14.52
N LEU C 169 -24.66 19.71 13.67
CA LEU C 169 -26.04 20.15 13.55
C LEU C 169 -26.94 19.18 12.79
N ARG C 170 -28.21 19.12 13.17
CA ARG C 170 -29.17 18.24 12.54
C ARG C 170 -29.61 18.84 11.20
N ASP C 171 -30.17 18.00 10.33
CA ASP C 171 -30.61 18.45 9.02
C ASP C 171 -31.70 19.51 9.05
N GLU C 172 -32.74 19.28 9.85
CA GLU C 172 -33.84 20.23 9.97
C GLU C 172 -33.32 21.62 10.36
N ASP C 173 -32.37 21.66 11.30
CA ASP C 173 -31.78 22.92 11.76
C ASP C 173 -31.01 23.64 10.65
N ILE C 174 -30.03 22.94 10.09
CA ILE C 174 -29.21 23.52 9.02
C ILE C 174 -30.07 23.98 7.85
N ALA C 175 -30.92 23.09 7.35
CA ALA C 175 -31.79 23.39 6.22
C ALA C 175 -32.43 24.77 6.32
N LYS C 176 -33.38 24.91 7.25
CA LYS C 176 -34.10 26.17 7.45
C LYS C 176 -33.23 27.42 7.37
N ARG C 177 -32.02 27.34 7.91
CA ARG C 177 -31.09 28.46 7.89
C ARG C 177 -30.68 28.79 6.45
N LEU C 178 -30.42 27.75 5.66
CA LEU C 178 -30.05 27.94 4.26
C LEU C 178 -31.17 28.71 3.57
N ARG C 179 -32.41 28.24 3.81
CA ARG C 179 -33.61 28.86 3.24
C ARG C 179 -33.70 30.35 3.55
N TYR C 180 -33.57 30.69 4.83
CA TYR C 180 -33.63 32.07 5.30
C TYR C 180 -32.44 32.87 4.78
N ILE C 181 -31.75 32.32 3.78
CA ILE C 181 -30.62 33.00 3.19
C ILE C 181 -30.88 33.05 1.69
N ALA C 182 -31.59 32.03 1.21
CA ALA C 182 -31.95 31.92 -0.20
C ALA C 182 -33.08 32.91 -0.47
N GLU C 183 -34.10 32.85 0.38
CA GLU C 183 -35.25 33.74 0.26
C GLU C 183 -34.91 35.13 0.76
N ASN C 184 -33.67 35.56 0.54
CA ASN C 184 -33.20 36.88 0.96
C ASN C 184 -31.86 37.20 0.32
N GLU C 185 -31.55 36.50 -0.76
CA GLU C 185 -30.31 36.69 -1.50
C GLU C 185 -30.58 36.33 -2.97
N GLY C 186 -31.86 36.20 -3.30
CA GLY C 186 -32.26 35.86 -4.66
C GLY C 186 -31.86 34.44 -4.99
N LEU C 187 -32.53 33.47 -4.37
CA LEU C 187 -32.21 32.05 -4.60
C LEU C 187 -33.40 31.10 -4.65
N GLU C 188 -33.22 30.02 -5.42
CA GLU C 188 -34.22 28.97 -5.59
C GLU C 188 -33.69 27.69 -4.94
N LEU C 189 -34.22 27.36 -3.76
CA LEU C 189 -33.78 26.15 -3.06
C LEU C 189 -34.73 24.99 -3.34
N THR C 190 -34.51 24.33 -4.47
CA THR C 190 -35.32 23.19 -4.90
C THR C 190 -35.16 22.05 -3.88
N GLU C 191 -35.80 20.91 -4.15
CA GLU C 191 -35.69 19.78 -3.23
C GLU C 191 -34.44 18.94 -3.52
N GLU C 192 -34.07 18.81 -4.79
CA GLU C 192 -32.90 18.03 -5.18
C GLU C 192 -31.62 18.67 -4.61
N GLY C 193 -31.59 20.00 -4.62
CA GLY C 193 -30.42 20.72 -4.13
C GLY C 193 -30.32 20.80 -2.62
N LEU C 194 -31.47 20.89 -1.95
CA LEU C 194 -31.46 20.94 -0.49
C LEU C 194 -30.90 19.63 0.03
N GLN C 195 -31.64 18.54 -0.20
CA GLN C 195 -31.21 17.23 0.23
C GLN C 195 -29.77 16.95 -0.18
N ALA C 196 -29.29 17.74 -1.14
CA ALA C 196 -27.92 17.61 -1.64
C ALA C 196 -26.94 18.31 -0.70
N ILE C 197 -27.12 19.61 -0.50
CA ILE C 197 -26.25 20.38 0.38
C ILE C 197 -26.16 19.69 1.74
N LEU C 198 -27.31 19.29 2.28
CA LEU C 198 -27.37 18.62 3.58
C LEU C 198 -26.53 17.33 3.58
N TYR C 199 -26.79 16.46 2.61
CA TYR C 199 -26.09 15.18 2.47
C TYR C 199 -24.56 15.30 2.50
N ILE C 200 -24.01 16.38 1.94
CA ILE C 200 -22.56 16.56 1.88
C ILE C 200 -21.93 17.26 3.10
N ALA C 201 -22.70 18.13 3.75
CA ALA C 201 -22.20 18.84 4.91
C ALA C 201 -22.21 17.99 6.17
N GLU C 202 -23.13 17.02 6.20
CA GLU C 202 -23.26 16.11 7.33
C GLU C 202 -23.29 16.81 8.68
N GLY C 203 -24.05 17.90 8.78
CA GLY C 203 -24.14 18.62 10.03
C GLY C 203 -23.25 19.84 10.14
N ASP C 204 -22.34 20.01 9.18
CA ASP C 204 -21.45 21.16 9.19
C ASP C 204 -22.21 22.33 8.57
N MET C 205 -22.55 23.33 9.38
CA MET C 205 -23.30 24.50 8.90
C MET C 205 -22.50 25.46 8.03
N ARG C 206 -21.21 25.63 8.30
CA ARG C 206 -20.40 26.52 7.48
C ARG C 206 -20.27 25.92 6.09
N ARG C 207 -20.05 24.61 6.04
CA ARG C 207 -19.91 23.88 4.80
C ARG C 207 -21.20 23.99 3.97
N ALA C 208 -22.34 23.73 4.60
CA ALA C 208 -23.65 23.80 3.94
C ALA C 208 -24.01 25.22 3.50
N ILE C 209 -23.22 26.19 3.94
CA ILE C 209 -23.45 27.58 3.58
C ILE C 209 -22.50 27.93 2.45
N ASN C 210 -21.33 27.28 2.42
CA ASN C 210 -20.36 27.53 1.35
C ASN C 210 -20.77 26.74 0.10
N ILE C 211 -21.54 25.68 0.31
CA ILE C 211 -22.02 24.84 -0.78
C ILE C 211 -23.28 25.47 -1.40
N LEU C 212 -24.12 26.06 -0.56
CA LEU C 212 -25.34 26.72 -1.02
C LEU C 212 -24.94 27.90 -1.89
N GLN C 213 -23.94 28.65 -1.43
CA GLN C 213 -23.42 29.83 -2.12
C GLN C 213 -22.75 29.46 -3.44
N ALA C 214 -21.67 28.69 -3.35
CA ALA C 214 -20.91 28.26 -4.53
C ALA C 214 -21.81 27.65 -5.62
N ALA C 215 -22.86 26.93 -5.20
CA ALA C 215 -23.80 26.32 -6.14
C ALA C 215 -24.76 27.37 -6.72
N ALA C 216 -24.88 28.49 -6.01
CA ALA C 216 -25.73 29.60 -6.47
C ALA C 216 -24.83 30.56 -7.23
N ALA C 217 -23.52 30.36 -7.10
CA ALA C 217 -22.52 31.19 -7.78
C ALA C 217 -22.54 30.89 -9.27
N LEU C 218 -23.49 30.05 -9.68
CA LEU C 218 -23.68 29.66 -11.06
C LEU C 218 -25.06 30.18 -11.48
N ASP C 219 -25.93 30.35 -10.49
CA ASP C 219 -27.29 30.85 -10.69
C ASP C 219 -28.14 30.57 -9.45
N LYS C 220 -29.03 31.50 -9.13
CA LYS C 220 -29.90 31.38 -7.96
C LYS C 220 -30.57 30.00 -7.88
N LYS C 221 -30.77 29.37 -9.03
CA LYS C 221 -31.39 28.05 -9.08
C LYS C 221 -30.40 26.99 -8.56
N ILE C 222 -30.72 26.41 -7.41
CA ILE C 222 -29.87 25.39 -6.81
C ILE C 222 -30.32 23.99 -7.23
N THR C 223 -29.57 23.38 -8.15
CA THR C 223 -29.89 22.05 -8.64
C THR C 223 -28.98 21.00 -8.02
N ASP C 224 -29.48 19.78 -7.89
CA ASP C 224 -28.70 18.68 -7.31
C ASP C 224 -27.39 18.51 -8.06
N GLU C 225 -27.36 18.95 -9.30
CA GLU C 225 -26.15 18.84 -10.13
C GLU C 225 -25.14 19.93 -9.74
N ASN C 226 -25.59 21.18 -9.69
CA ASN C 226 -24.74 22.31 -9.33
C ASN C 226 -24.07 22.06 -7.99
N VAL C 227 -24.78 21.35 -7.10
CA VAL C 227 -24.28 21.04 -5.77
C VAL C 227 -23.06 20.11 -5.86
N PHE C 228 -23.29 18.85 -6.18
CA PHE C 228 -22.19 17.88 -6.29
C PHE C 228 -21.07 18.41 -7.17
N MET C 229 -21.43 19.19 -8.19
CA MET C 229 -20.47 19.74 -9.13
C MET C 229 -19.45 20.62 -8.39
N VAL C 230 -19.93 21.71 -7.81
CA VAL C 230 -19.05 22.64 -7.08
C VAL C 230 -18.17 21.90 -6.07
N ALA C 231 -18.79 21.05 -5.25
CA ALA C 231 -18.09 20.28 -4.24
C ALA C 231 -17.25 19.17 -4.86
N SER C 232 -16.58 18.39 -4.02
CA SER C 232 -15.75 17.28 -4.50
C SER C 232 -16.54 15.98 -4.59
N ARG C 233 -17.28 15.69 -3.53
CA ARG C 233 -18.10 14.47 -3.44
C ARG C 233 -18.77 14.15 -4.76
N ALA C 234 -18.78 12.88 -5.14
CA ALA C 234 -19.38 12.44 -6.38
C ALA C 234 -20.88 12.19 -6.20
N ARG C 235 -21.56 11.84 -7.29
CA ARG C 235 -22.99 11.58 -7.26
C ARG C 235 -23.30 10.29 -6.50
N PRO C 236 -23.84 10.42 -5.28
CA PRO C 236 -24.21 9.28 -4.43
C PRO C 236 -24.87 8.14 -5.21
N GLU C 237 -25.61 8.54 -6.25
CA GLU C 237 -26.32 7.60 -7.11
C GLU C 237 -25.34 6.75 -7.91
N ASP C 238 -24.26 7.39 -8.32
CA ASP C 238 -23.21 6.71 -9.08
C ASP C 238 -22.53 5.67 -8.17
N ILE C 239 -21.96 6.13 -7.07
CA ILE C 239 -21.31 5.25 -6.09
C ILE C 239 -22.22 4.06 -5.80
N ARG C 240 -23.50 4.35 -5.58
CA ARG C 240 -24.48 3.33 -5.25
C ARG C 240 -24.70 2.35 -6.41
N GLU C 241 -24.72 2.87 -7.63
CA GLU C 241 -24.90 2.03 -8.82
C GLU C 241 -23.70 1.09 -8.94
N MET C 242 -22.51 1.68 -8.96
CA MET C 242 -21.25 0.93 -9.03
C MET C 242 -21.25 -0.28 -8.11
N MET C 243 -21.66 -0.08 -6.86
CA MET C 243 -21.68 -1.18 -5.89
C MET C 243 -22.74 -2.21 -6.25
N LEU C 244 -23.91 -1.76 -6.66
CA LEU C 244 -24.98 -2.68 -7.04
C LEU C 244 -24.52 -3.50 -8.25
N LEU C 245 -23.92 -2.83 -9.24
CA LEU C 245 -23.38 -3.54 -10.41
C LEU C 245 -22.50 -4.65 -9.88
N ALA C 246 -21.51 -4.27 -9.08
CA ALA C 246 -20.56 -5.19 -8.48
C ALA C 246 -21.27 -6.30 -7.73
N LEU C 247 -22.22 -5.93 -6.88
CA LEU C 247 -22.97 -6.89 -6.10
C LEU C 247 -23.83 -7.79 -6.97
N LYS C 248 -24.42 -7.20 -8.00
CA LYS C 248 -25.28 -7.91 -8.95
C LYS C 248 -24.50 -9.00 -9.66
N GLY C 249 -23.17 -8.87 -9.66
CA GLY C 249 -22.33 -9.87 -10.29
C GLY C 249 -21.62 -9.36 -11.52
N ASN C 250 -21.83 -8.08 -11.86
CA ASN C 250 -21.20 -7.50 -13.03
C ASN C 250 -19.96 -6.69 -12.67
N PHE C 251 -18.89 -7.41 -12.38
CA PHE C 251 -17.62 -6.81 -12.00
C PHE C 251 -17.07 -5.90 -13.09
N LEU C 252 -17.17 -6.36 -14.33
CA LEU C 252 -16.67 -5.59 -15.46
C LEU C 252 -17.31 -4.22 -15.61
N LYS C 253 -18.63 -4.17 -15.56
CA LYS C 253 -19.29 -2.89 -15.72
C LYS C 253 -19.00 -1.99 -14.52
N ALA C 254 -19.04 -2.56 -13.31
CA ALA C 254 -18.76 -1.78 -12.10
C ALA C 254 -17.38 -1.15 -12.24
N ARG C 255 -16.40 -1.98 -12.59
CA ARG C 255 -15.01 -1.54 -12.78
C ARG C 255 -15.05 -0.34 -13.72
N GLU C 256 -15.94 -0.45 -14.70
CA GLU C 256 -16.13 0.60 -15.71
C GLU C 256 -16.63 1.87 -15.06
N LYS C 257 -17.75 1.76 -14.33
CA LYS C 257 -18.33 2.91 -13.65
C LYS C 257 -17.33 3.58 -12.72
N LEU C 258 -16.55 2.78 -12.00
CA LEU C 258 -15.54 3.30 -11.07
C LEU C 258 -14.62 4.24 -11.81
N ARG C 259 -14.03 3.73 -12.89
CA ARG C 259 -13.12 4.53 -13.71
C ARG C 259 -13.82 5.85 -14.01
N GLU C 260 -15.07 5.77 -14.43
CA GLU C 260 -15.85 6.97 -14.74
C GLU C 260 -15.61 7.98 -13.63
N ILE C 261 -16.23 7.69 -12.49
CA ILE C 261 -16.16 8.49 -11.28
C ILE C 261 -14.78 9.12 -11.10
N LEU C 262 -13.76 8.27 -11.05
CA LEU C 262 -12.40 8.76 -10.89
C LEU C 262 -12.04 9.69 -12.04
N LEU C 263 -12.29 9.23 -13.26
CA LEU C 263 -12.00 10.02 -14.46
C LEU C 263 -12.72 11.34 -14.39
N LYS C 264 -13.95 11.31 -13.88
CA LYS C 264 -14.75 12.52 -13.76
C LYS C 264 -14.24 13.37 -12.59
N GLN C 265 -14.78 13.09 -11.40
CA GLN C 265 -14.47 13.80 -10.18
C GLN C 265 -12.97 13.86 -9.86
N GLY C 266 -12.20 12.90 -10.36
CA GLY C 266 -10.78 12.89 -10.08
C GLY C 266 -10.56 12.76 -8.58
N LEU C 267 -11.13 11.70 -8.01
CA LEU C 267 -11.04 11.44 -6.57
C LEU C 267 -9.92 10.47 -6.19
N SER C 268 -9.73 10.27 -4.90
CA SER C 268 -8.69 9.37 -4.40
C SER C 268 -9.29 8.05 -3.94
N GLY C 269 -8.41 7.08 -3.68
CA GLY C 269 -8.84 5.78 -3.23
C GLY C 269 -9.59 5.86 -1.91
N GLU C 270 -9.24 6.84 -1.08
CA GLU C 270 -9.91 7.00 0.20
C GLU C 270 -11.25 7.73 0.13
N ASP C 271 -11.34 8.75 -0.71
CA ASP C 271 -12.59 9.51 -0.86
C ASP C 271 -13.64 8.54 -1.35
N VAL C 272 -13.35 7.89 -2.47
CA VAL C 272 -14.27 6.92 -3.04
C VAL C 272 -14.63 5.92 -1.96
N LEU C 273 -13.61 5.52 -1.21
CA LEU C 273 -13.76 4.54 -0.14
C LEU C 273 -14.71 4.98 0.98
N VAL C 274 -14.63 6.23 1.39
CA VAL C 274 -15.53 6.74 2.43
C VAL C 274 -16.95 6.76 1.84
N GLN C 275 -17.07 7.29 0.63
CA GLN C 275 -18.36 7.35 -0.04
C GLN C 275 -19.01 5.97 -0.11
N MET C 276 -18.22 4.96 -0.43
CA MET C 276 -18.78 3.63 -0.49
C MET C 276 -19.29 3.31 0.90
N HIS C 277 -18.45 3.52 1.91
CA HIS C 277 -18.79 3.27 3.31
C HIS C 277 -20.15 3.85 3.64
N LYS C 278 -20.37 5.09 3.23
CA LYS C 278 -21.62 5.78 3.48
C LYS C 278 -22.86 5.17 2.80
N GLU C 279 -22.74 4.80 1.53
CA GLU C 279 -23.87 4.24 0.81
C GLU C 279 -24.17 2.77 1.10
N VAL C 280 -23.19 2.05 1.62
CA VAL C 280 -23.40 0.64 1.92
C VAL C 280 -24.69 0.37 2.69
N PHE C 281 -24.97 1.18 3.70
CA PHE C 281 -26.17 0.97 4.51
C PHE C 281 -27.44 1.49 3.85
N ASN C 282 -27.24 2.36 2.84
CA ASN C 282 -28.30 2.94 2.03
C ASN C 282 -28.50 2.06 0.79
N LEU C 283 -28.41 0.74 0.95
CA LEU C 283 -28.56 -0.20 -0.16
C LEU C 283 -29.65 -1.23 0.04
N PRO C 284 -30.41 -1.50 -1.03
CA PRO C 284 -31.52 -2.46 -1.12
C PRO C 284 -31.15 -3.90 -0.78
N ILE C 285 -30.02 -4.12 -0.11
CA ILE C 285 -29.63 -5.49 0.20
C ILE C 285 -29.94 -5.91 1.63
N GLU C 286 -30.05 -7.22 1.83
CA GLU C 286 -30.33 -7.75 3.15
C GLU C 286 -29.19 -7.40 4.11
N GLU C 287 -29.51 -7.33 5.40
CA GLU C 287 -28.53 -6.99 6.42
C GLU C 287 -27.24 -7.82 6.39
N PRO C 288 -27.35 -9.15 6.34
CA PRO C 288 -26.13 -9.97 6.33
C PRO C 288 -25.10 -9.55 5.28
N LYS C 289 -25.56 -9.00 4.16
CA LYS C 289 -24.65 -8.56 3.12
C LYS C 289 -23.93 -7.31 3.62
N LYS C 290 -24.65 -6.47 4.34
CA LYS C 290 -24.07 -5.23 4.86
C LYS C 290 -23.00 -5.58 5.90
N VAL C 291 -23.16 -6.70 6.57
CA VAL C 291 -22.17 -7.15 7.53
C VAL C 291 -20.85 -7.39 6.77
N LEU C 292 -20.93 -8.26 5.76
CA LEU C 292 -19.78 -8.61 4.93
C LEU C 292 -19.17 -7.42 4.19
N LEU C 293 -19.98 -6.50 3.72
CA LEU C 293 -19.43 -5.33 3.03
C LEU C 293 -18.67 -4.48 4.05
N ALA C 294 -19.34 -4.19 5.17
CA ALA C 294 -18.75 -3.38 6.23
C ALA C 294 -17.37 -3.92 6.57
N ASP C 295 -17.29 -5.24 6.71
CA ASP C 295 -16.03 -5.91 7.01
C ASP C 295 -15.02 -5.71 5.89
N LYS C 296 -15.48 -5.88 4.66
CA LYS C 296 -14.63 -5.72 3.49
C LYS C 296 -14.17 -4.27 3.25
N ILE C 297 -14.98 -3.31 3.66
CA ILE C 297 -14.60 -1.92 3.49
C ILE C 297 -13.47 -1.63 4.47
N GLY C 298 -13.66 -2.09 5.69
CA GLY C 298 -12.66 -1.88 6.73
C GLY C 298 -11.35 -2.48 6.33
N GLU C 299 -11.38 -3.71 5.83
CA GLU C 299 -10.19 -4.42 5.41
C GLU C 299 -9.37 -3.61 4.37
N TYR C 300 -10.04 -3.08 3.35
CA TYR C 300 -9.36 -2.31 2.33
C TYR C 300 -8.94 -0.93 2.76
N ASN C 301 -9.60 -0.36 3.76
CA ASN C 301 -9.17 0.94 4.26
C ASN C 301 -7.85 0.64 4.98
N PHE C 302 -7.79 -0.52 5.64
CA PHE C 302 -6.58 -0.91 6.34
C PHE C 302 -5.42 -1.15 5.37
N ARG C 303 -5.71 -1.82 4.26
CA ARG C 303 -4.70 -2.08 3.24
C ARG C 303 -4.12 -0.76 2.73
N LEU C 304 -4.98 0.18 2.40
CA LEU C 304 -4.54 1.48 1.89
C LEU C 304 -3.71 2.17 2.95
N VAL C 305 -4.21 2.17 4.17
CA VAL C 305 -3.50 2.81 5.27
C VAL C 305 -2.12 2.19 5.48
N GLU C 306 -2.09 0.87 5.69
CA GLU C 306 -0.84 0.15 5.90
C GLU C 306 0.15 0.41 4.76
N GLY C 307 -0.36 0.36 3.54
CA GLY C 307 0.49 0.60 2.39
C GLY C 307 1.16 1.95 2.41
N ALA C 308 0.50 2.95 2.99
CA ALA C 308 1.06 4.29 3.05
C ALA C 308 1.82 4.64 4.32
N ASN C 309 1.79 3.76 5.32
CA ASN C 309 2.50 4.04 6.56
C ASN C 309 3.93 3.57 6.34
N GLU C 310 4.76 4.46 5.82
CA GLU C 310 6.13 4.12 5.50
C GLU C 310 7.02 3.77 6.71
N ILE C 311 6.70 4.32 7.86
CA ILE C 311 7.46 4.02 9.06
C ILE C 311 7.14 2.61 9.56
N ILE C 312 5.86 2.25 9.66
CA ILE C 312 5.50 0.91 10.09
C ILE C 312 6.08 -0.19 9.17
N GLN C 313 5.95 -0.01 7.86
CA GLN C 313 6.48 -0.95 6.89
C GLN C 313 7.98 -1.13 7.06
N LEU C 314 8.69 0.00 7.17
CA LEU C 314 10.14 -0.02 7.34
C LEU C 314 10.59 -0.68 8.64
N GLU C 315 9.88 -0.42 9.73
CA GLU C 315 10.25 -1.03 11.00
C GLU C 315 9.84 -2.50 11.00
N ALA C 316 8.86 -2.86 10.19
CA ALA C 316 8.43 -4.24 10.09
C ALA C 316 9.56 -4.98 9.40
N LEU C 317 10.15 -4.32 8.42
CA LEU C 317 11.26 -4.88 7.65
C LEU C 317 12.51 -5.06 8.53
N LEU C 318 12.79 -4.08 9.39
CA LEU C 318 13.93 -4.18 10.30
C LEU C 318 13.69 -5.34 11.27
N ALA C 319 12.45 -5.50 11.71
CA ALA C 319 12.09 -6.57 12.62
C ALA C 319 12.36 -7.90 11.92
N GLN C 320 12.16 -7.92 10.60
CA GLN C 320 12.41 -9.13 9.81
C GLN C 320 13.92 -9.44 9.75
N PHE C 321 14.74 -8.39 9.66
CA PHE C 321 16.19 -8.52 9.65
C PHE C 321 16.60 -9.23 10.92
N THR C 322 16.02 -8.75 12.02
CA THR C 322 16.29 -9.32 13.31
C THR C 322 16.03 -10.83 13.25
N LEU C 323 14.99 -11.24 12.54
CA LEU C 323 14.67 -12.64 12.42
C LEU C 323 15.73 -13.33 11.56
N ILE C 324 15.99 -12.79 10.37
CA ILE C 324 16.99 -13.33 9.47
C ILE C 324 18.35 -13.29 10.14
N GLY C 325 18.53 -12.28 11.00
CA GLY C 325 19.78 -12.14 11.72
C GLY C 325 20.11 -13.38 12.53
N LYS C 326 19.14 -13.92 13.27
CA LYS C 326 19.34 -15.13 14.06
C LYS C 326 19.65 -16.31 13.14
N LYS C 327 20.72 -16.18 12.35
CA LYS C 327 21.16 -17.21 11.40
C LYS C 327 20.04 -18.13 10.91
N SER D 2 -25.89 -21.66 -61.68
CA SER D 2 -27.11 -20.89 -61.30
C SER D 2 -27.28 -20.86 -59.79
N GLU D 3 -26.39 -21.55 -59.09
CA GLU D 3 -26.44 -21.62 -57.63
C GLU D 3 -25.11 -21.36 -56.93
N GLU D 4 -25.20 -20.85 -55.70
CA GLU D 4 -24.03 -20.57 -54.90
C GLU D 4 -23.56 -21.92 -54.35
N ILE D 5 -22.36 -21.95 -53.78
CA ILE D 5 -21.83 -23.19 -53.23
C ILE D 5 -22.66 -23.56 -51.99
N ARG D 6 -22.52 -24.78 -51.50
CA ARG D 6 -23.28 -25.23 -50.33
C ARG D 6 -23.08 -24.28 -49.14
N GLU D 7 -21.83 -23.90 -48.88
CA GLU D 7 -21.48 -23.02 -47.78
C GLU D 7 -22.32 -21.75 -47.74
N VAL D 8 -22.57 -21.17 -48.92
CA VAL D 8 -23.35 -19.94 -49.01
C VAL D 8 -24.84 -20.12 -48.76
N LYS D 9 -25.40 -21.25 -49.18
CA LYS D 9 -26.84 -21.50 -48.97
C LYS D 9 -27.16 -21.49 -47.47
N VAL D 10 -26.43 -22.32 -46.73
CA VAL D 10 -26.64 -22.42 -45.29
C VAL D 10 -26.55 -21.08 -44.56
N LEU D 11 -25.43 -20.38 -44.74
CA LEU D 11 -25.20 -19.11 -44.07
C LEU D 11 -26.09 -17.92 -44.43
N GLU D 12 -26.52 -17.82 -45.68
CA GLU D 12 -27.34 -16.70 -46.14
C GLU D 12 -28.32 -16.13 -45.13
N LYS D 13 -29.00 -17.00 -44.39
CA LYS D 13 -29.93 -16.55 -43.37
C LYS D 13 -29.73 -17.38 -42.10
N PRO D 14 -29.79 -16.73 -40.94
CA PRO D 14 -29.60 -17.46 -39.68
C PRO D 14 -30.74 -18.46 -39.42
N TRP D 15 -30.38 -19.74 -39.35
CA TRP D 15 -31.36 -20.80 -39.11
C TRP D 15 -32.24 -20.53 -37.89
N VAL D 16 -31.72 -19.74 -36.95
CA VAL D 16 -32.46 -19.41 -35.75
C VAL D 16 -33.70 -18.59 -36.09
N GLU D 17 -33.73 -18.05 -37.30
CA GLU D 17 -34.86 -17.26 -37.78
C GLU D 17 -35.64 -18.10 -38.79
N LYS D 18 -34.89 -18.83 -39.62
CA LYS D 18 -35.44 -19.69 -40.66
C LYS D 18 -36.26 -20.83 -40.08
N TYR D 19 -36.18 -21.00 -38.76
CA TYR D 19 -36.92 -22.07 -38.07
C TYR D 19 -37.58 -21.49 -36.82
N ARG D 20 -37.99 -20.23 -36.91
CA ARG D 20 -38.63 -19.53 -35.81
C ARG D 20 -40.15 -19.53 -35.92
N PRO D 21 -40.85 -20.06 -34.90
CA PRO D 21 -42.31 -20.09 -34.92
C PRO D 21 -42.82 -18.66 -35.17
N GLN D 22 -43.20 -18.39 -36.42
CA GLN D 22 -43.66 -17.06 -36.81
C GLN D 22 -45.02 -16.68 -36.25
N ARG D 23 -45.81 -17.68 -35.86
CA ARG D 23 -47.15 -17.44 -35.33
C ARG D 23 -47.34 -18.06 -33.93
N LEU D 24 -48.27 -17.49 -33.16
CA LEU D 24 -48.57 -17.98 -31.82
C LEU D 24 -49.02 -19.44 -31.87
N ASP D 25 -49.81 -19.77 -32.88
CA ASP D 25 -50.35 -21.12 -33.04
C ASP D 25 -49.37 -22.10 -33.70
N ASP D 26 -48.08 -21.76 -33.68
CA ASP D 26 -47.05 -22.61 -34.29
C ASP D 26 -46.06 -23.13 -33.24
N ILE D 27 -46.20 -22.66 -32.00
CA ILE D 27 -45.31 -23.07 -30.91
C ILE D 27 -45.63 -24.45 -30.37
N VAL D 28 -44.58 -25.20 -30.01
CA VAL D 28 -44.72 -26.55 -29.48
C VAL D 28 -43.99 -26.67 -28.13
N GLY D 29 -44.59 -27.43 -27.21
CA GLY D 29 -43.98 -27.62 -25.90
C GLY D 29 -44.65 -26.81 -24.79
N GLN D 30 -44.69 -25.50 -24.97
CA GLN D 30 -45.31 -24.60 -23.99
C GLN D 30 -46.71 -24.22 -24.50
N GLU D 31 -47.66 -25.14 -24.34
CA GLU D 31 -49.03 -24.92 -24.80
C GLU D 31 -49.86 -23.99 -23.93
N HIS D 32 -49.89 -24.29 -22.62
CA HIS D 32 -50.65 -23.49 -21.67
C HIS D 32 -50.34 -22.00 -21.77
N ILE D 33 -49.06 -21.70 -21.95
CA ILE D 33 -48.60 -20.32 -22.07
C ILE D 33 -49.19 -19.66 -23.31
N VAL D 34 -48.91 -20.25 -24.48
CA VAL D 34 -49.38 -19.72 -25.77
C VAL D 34 -50.88 -19.37 -25.80
N LYS D 35 -51.71 -20.28 -25.29
CA LYS D 35 -53.16 -20.06 -25.26
C LYS D 35 -53.52 -18.75 -24.57
N ARG D 36 -52.80 -18.44 -23.48
CA ARG D 36 -53.02 -17.20 -22.74
C ARG D 36 -52.68 -16.00 -23.61
N LEU D 37 -51.64 -16.17 -24.43
CA LEU D 37 -51.17 -15.13 -25.35
C LEU D 37 -52.20 -14.90 -26.46
N LYS D 38 -52.95 -15.94 -26.81
CA LYS D 38 -53.96 -15.83 -27.84
C LYS D 38 -55.21 -15.12 -27.32
N HIS D 39 -55.29 -14.96 -26.00
CA HIS D 39 -56.41 -14.27 -25.38
C HIS D 39 -56.27 -12.75 -25.56
N TYR D 40 -55.04 -12.28 -25.69
CA TYR D 40 -54.76 -10.85 -25.86
C TYR D 40 -54.81 -10.44 -27.34
N VAL D 41 -54.55 -11.39 -28.23
CA VAL D 41 -54.56 -11.13 -29.67
C VAL D 41 -56.01 -11.07 -30.16
N LYS D 42 -56.84 -11.95 -29.60
CA LYS D 42 -58.25 -12.03 -29.96
C LYS D 42 -59.11 -11.16 -29.04
N THR D 43 -58.46 -10.32 -28.23
CA THR D 43 -59.16 -9.41 -27.32
C THR D 43 -58.65 -7.97 -27.52
N GLY D 44 -57.48 -7.85 -28.14
CA GLY D 44 -56.91 -6.53 -28.39
C GLY D 44 -56.27 -5.87 -27.18
N SER D 45 -56.64 -6.33 -25.98
CA SER D 45 -56.11 -5.78 -24.72
C SER D 45 -55.08 -6.68 -24.05
N MET D 46 -53.94 -6.09 -23.69
CA MET D 46 -52.86 -6.82 -23.04
C MET D 46 -52.04 -5.91 -22.13
N PRO D 47 -51.78 -6.36 -20.90
CA PRO D 47 -51.01 -5.65 -19.87
C PRO D 47 -49.50 -5.84 -20.04
N HIS D 48 -48.71 -5.12 -19.24
CA HIS D 48 -47.26 -5.27 -19.30
C HIS D 48 -46.97 -6.72 -18.96
N LEU D 49 -45.94 -7.30 -19.55
CA LEU D 49 -45.62 -8.70 -19.29
C LEU D 49 -44.23 -8.94 -18.72
N LEU D 50 -44.02 -10.17 -18.24
CA LEU D 50 -42.75 -10.56 -17.67
C LEU D 50 -42.58 -12.07 -17.85
N PHE D 51 -41.68 -12.47 -18.76
CA PHE D 51 -41.41 -13.87 -19.04
C PHE D 51 -40.29 -14.40 -18.16
N ALA D 52 -40.50 -15.59 -17.60
CA ALA D 52 -39.51 -16.21 -16.72
C ALA D 52 -39.07 -17.59 -17.18
N GLY D 53 -37.77 -17.76 -17.38
CA GLY D 53 -37.25 -19.04 -17.82
C GLY D 53 -35.86 -18.96 -18.43
N PRO D 54 -35.29 -20.10 -18.83
CA PRO D 54 -33.95 -20.16 -19.43
C PRO D 54 -33.91 -19.47 -20.79
N PRO D 55 -32.69 -19.19 -21.29
CA PRO D 55 -32.47 -18.53 -22.59
C PRO D 55 -32.79 -19.46 -23.76
N GLY D 56 -33.43 -18.90 -24.79
CA GLY D 56 -33.77 -19.68 -25.95
C GLY D 56 -34.63 -20.90 -25.65
N VAL D 57 -35.64 -20.71 -24.80
CA VAL D 57 -36.55 -21.80 -24.43
C VAL D 57 -37.97 -21.46 -24.89
N GLY D 58 -38.20 -20.20 -25.24
CA GLY D 58 -39.50 -19.78 -25.70
C GLY D 58 -39.77 -18.30 -25.53
N LYS D 59 -39.01 -17.67 -24.64
CA LYS D 59 -39.17 -16.26 -24.35
C LYS D 59 -39.28 -15.34 -25.56
N THR D 60 -38.21 -15.25 -26.35
CA THR D 60 -38.19 -14.38 -27.52
C THR D 60 -39.10 -14.81 -28.67
N THR D 61 -39.00 -16.07 -29.10
CA THR D 61 -39.82 -16.55 -30.21
C THR D 61 -41.31 -16.31 -29.96
N ALA D 62 -41.72 -16.42 -28.69
CA ALA D 62 -43.13 -16.22 -28.33
C ALA D 62 -43.49 -14.73 -28.37
N ALA D 63 -42.63 -13.90 -27.82
CA ALA D 63 -42.87 -12.46 -27.82
C ALA D 63 -42.96 -11.94 -29.26
N LEU D 64 -42.04 -12.40 -30.11
CA LEU D 64 -41.99 -11.98 -31.51
C LEU D 64 -43.26 -12.36 -32.26
N ALA D 65 -43.76 -13.57 -31.99
CA ALA D 65 -44.98 -14.05 -32.63
C ALA D 65 -46.16 -13.18 -32.23
N LEU D 66 -46.12 -12.67 -31.00
CA LEU D 66 -47.19 -11.82 -30.47
C LEU D 66 -47.21 -10.44 -31.13
N ALA D 67 -46.19 -10.15 -31.94
CA ALA D 67 -46.12 -8.88 -32.64
C ALA D 67 -46.52 -9.05 -34.10
N ARG D 68 -46.83 -10.29 -34.50
CA ARG D 68 -47.24 -10.57 -35.86
C ARG D 68 -48.76 -10.67 -35.92
N GLU D 69 -49.36 -11.03 -34.79
CA GLU D 69 -50.81 -11.17 -34.69
C GLU D 69 -51.46 -9.98 -33.97
N LEU D 70 -50.78 -8.84 -33.99
CA LEU D 70 -51.30 -7.63 -33.36
C LEU D 70 -50.85 -6.40 -34.14
N PHE D 71 -50.14 -6.64 -35.24
CA PHE D 71 -49.64 -5.56 -36.09
C PHE D 71 -49.76 -5.95 -37.56
N GLY D 72 -49.79 -7.26 -37.81
CA GLY D 72 -49.90 -7.77 -39.16
C GLY D 72 -48.57 -8.24 -39.74
N GLU D 73 -48.05 -7.47 -40.69
CA GLU D 73 -46.78 -7.78 -41.35
C GLU D 73 -45.72 -6.76 -40.90
N ASN D 74 -46.19 -5.72 -40.21
CA ASN D 74 -45.33 -4.66 -39.69
C ASN D 74 -44.93 -4.95 -38.25
N TRP D 75 -44.61 -6.21 -37.99
CA TRP D 75 -44.20 -6.65 -36.67
C TRP D 75 -42.85 -6.01 -36.34
N ARG D 76 -42.42 -5.08 -37.20
CA ARG D 76 -41.15 -4.38 -37.02
C ARG D 76 -41.31 -2.88 -36.81
N HIS D 77 -42.52 -2.37 -36.99
CA HIS D 77 -42.72 -0.93 -36.81
C HIS D 77 -43.47 -0.66 -35.52
N ASN D 78 -43.80 -1.74 -34.81
CA ASN D 78 -44.52 -1.63 -33.55
C ASN D 78 -43.88 -2.57 -32.52
N PHE D 79 -42.62 -2.94 -32.76
CA PHE D 79 -41.92 -3.85 -31.88
C PHE D 79 -40.44 -3.48 -31.71
N LEU D 80 -40.13 -2.86 -30.58
CA LEU D 80 -38.78 -2.46 -30.25
C LEU D 80 -38.04 -3.67 -29.68
N GLU D 81 -36.74 -3.55 -29.45
CA GLU D 81 -35.98 -4.67 -28.91
C GLU D 81 -34.65 -4.17 -28.34
N LEU D 82 -34.61 -3.97 -27.03
CA LEU D 82 -33.41 -3.50 -26.35
C LEU D 82 -32.93 -4.53 -25.34
N ASN D 83 -31.63 -4.50 -25.05
CA ASN D 83 -31.05 -5.44 -24.08
C ASN D 83 -30.53 -4.69 -22.85
N ALA D 84 -31.24 -4.82 -21.74
CA ALA D 84 -30.88 -4.16 -20.50
C ALA D 84 -29.42 -4.38 -20.08
N SER D 85 -28.87 -5.55 -20.43
CA SER D 85 -27.49 -5.88 -20.08
C SER D 85 -26.45 -5.34 -21.07
N ASP D 86 -26.86 -5.15 -22.32
CA ASP D 86 -25.96 -4.64 -23.35
C ASP D 86 -26.03 -3.11 -23.42
N GLU D 87 -27.04 -2.56 -22.75
CA GLU D 87 -27.24 -1.11 -22.73
C GLU D 87 -26.51 -0.43 -21.56
N ARG D 88 -26.17 0.84 -21.75
CA ARG D 88 -25.49 1.63 -20.71
C ARG D 88 -26.20 1.42 -19.38
N GLY D 89 -27.32 2.11 -19.21
CA GLY D 89 -28.11 2.00 -17.99
C GLY D 89 -29.56 2.34 -18.23
N ILE D 90 -30.25 2.83 -17.19
CA ILE D 90 -31.66 3.19 -17.31
C ILE D 90 -31.91 4.61 -17.82
N ASN D 91 -31.04 5.06 -18.71
CA ASN D 91 -31.17 6.39 -19.31
C ASN D 91 -31.14 6.24 -20.83
N VAL D 92 -30.05 5.69 -21.35
CA VAL D 92 -29.95 5.46 -22.78
C VAL D 92 -31.16 4.62 -23.16
N ILE D 93 -31.62 3.79 -22.22
CA ILE D 93 -32.78 2.93 -22.45
C ILE D 93 -34.07 3.76 -22.39
N ARG D 94 -34.22 4.58 -21.35
CA ARG D 94 -35.41 5.43 -21.19
C ARG D 94 -35.55 6.37 -22.38
N GLU D 95 -34.40 6.78 -22.93
CA GLU D 95 -34.37 7.69 -24.08
C GLU D 95 -34.89 6.97 -25.32
N LYS D 96 -34.52 5.70 -25.47
CA LYS D 96 -34.95 4.89 -26.60
C LYS D 96 -36.46 4.64 -26.57
N VAL D 97 -37.06 4.78 -25.39
CA VAL D 97 -38.50 4.56 -25.24
C VAL D 97 -39.25 5.87 -25.49
N LYS D 98 -38.52 6.98 -25.43
CA LYS D 98 -39.11 8.30 -25.67
C LYS D 98 -39.10 8.63 -27.16
N GLU D 99 -38.31 7.88 -27.92
CA GLU D 99 -38.21 8.08 -29.36
C GLU D 99 -39.02 7.01 -30.11
N PHE D 100 -39.38 5.94 -29.40
CA PHE D 100 -40.16 4.86 -29.99
C PHE D 100 -41.65 5.06 -29.75
N ALA D 101 -42.02 5.26 -28.49
CA ALA D 101 -43.42 5.49 -28.12
C ALA D 101 -43.83 6.92 -28.51
N ARG D 102 -42.83 7.73 -28.84
CA ARG D 102 -43.03 9.11 -29.25
C ARG D 102 -44.11 9.20 -30.33
N THR D 103 -43.87 8.52 -31.45
CA THR D 103 -44.83 8.52 -32.55
C THR D 103 -45.75 7.28 -32.47
N LYS D 104 -47.06 7.54 -32.42
CA LYS D 104 -48.06 6.48 -32.34
C LYS D 104 -47.74 5.32 -33.30
N PRO D 105 -48.17 4.11 -32.94
CA PRO D 105 -47.95 2.89 -33.72
C PRO D 105 -48.39 3.03 -35.18
N ILE D 106 -47.60 2.48 -36.10
CA ILE D 106 -47.93 2.54 -37.51
C ILE D 106 -49.31 1.91 -37.76
N GLY D 107 -50.13 2.62 -38.53
CA GLY D 107 -51.46 2.14 -38.84
C GLY D 107 -52.40 2.20 -37.64
N GLY D 108 -53.51 1.47 -37.73
CA GLY D 108 -54.47 1.45 -36.65
C GLY D 108 -54.03 0.48 -35.58
N ALA D 109 -52.98 0.85 -34.86
CA ALA D 109 -52.43 0.00 -33.81
C ALA D 109 -52.68 0.59 -32.43
N SER D 110 -53.37 -0.19 -31.57
CA SER D 110 -53.70 0.23 -30.22
C SER D 110 -52.47 0.69 -29.42
N PHE D 111 -51.32 0.06 -29.67
CA PHE D 111 -50.08 0.40 -28.96
C PHE D 111 -48.89 -0.32 -29.56
N LYS D 112 -47.69 0.06 -29.12
CA LYS D 112 -46.47 -0.57 -29.61
C LYS D 112 -45.96 -1.54 -28.54
N ILE D 113 -44.79 -2.12 -28.76
CA ILE D 113 -44.23 -3.06 -27.80
C ILE D 113 -42.71 -2.99 -27.71
N ILE D 114 -42.21 -2.91 -26.48
CA ILE D 114 -40.78 -2.85 -26.22
C ILE D 114 -40.34 -4.12 -25.51
N PHE D 115 -39.67 -5.01 -26.24
CA PHE D 115 -39.20 -6.25 -25.66
C PHE D 115 -37.85 -6.00 -25.01
N LEU D 116 -37.86 -5.77 -23.70
CA LEU D 116 -36.62 -5.53 -22.95
C LEU D 116 -36.06 -6.88 -22.55
N ASP D 117 -35.00 -7.30 -23.23
CA ASP D 117 -34.37 -8.58 -22.92
C ASP D 117 -33.44 -8.43 -21.72
N GLU D 118 -33.28 -9.51 -20.95
CA GLU D 118 -32.42 -9.52 -19.76
C GLU D 118 -32.70 -8.34 -18.83
N ALA D 119 -33.97 -8.06 -18.59
CA ALA D 119 -34.35 -6.96 -17.71
C ALA D 119 -33.87 -7.18 -16.28
N ASP D 120 -33.83 -8.44 -15.85
CA ASP D 120 -33.39 -8.77 -14.50
C ASP D 120 -31.87 -8.66 -14.36
N ALA D 121 -31.25 -7.92 -15.27
CA ALA D 121 -29.81 -7.70 -15.26
C ALA D 121 -29.55 -6.28 -14.77
N LEU D 122 -30.63 -5.52 -14.57
CA LEU D 122 -30.55 -4.16 -14.07
C LEU D 122 -30.54 -4.21 -12.55
N THR D 123 -29.93 -3.21 -11.93
CA THR D 123 -29.88 -3.15 -10.47
C THR D 123 -31.29 -2.79 -10.00
N GLN D 124 -31.54 -2.86 -8.69
CA GLN D 124 -32.86 -2.51 -8.19
C GLN D 124 -33.14 -1.02 -8.25
N ASP D 125 -32.10 -0.19 -8.10
CA ASP D 125 -32.30 1.27 -8.18
C ASP D 125 -32.72 1.56 -9.62
N ALA D 126 -32.27 0.70 -10.53
CA ALA D 126 -32.58 0.81 -11.95
C ALA D 126 -33.97 0.25 -12.23
N GLN D 127 -34.28 -0.89 -11.63
CA GLN D 127 -35.59 -1.51 -11.81
C GLN D 127 -36.70 -0.57 -11.35
N GLN D 128 -36.31 0.46 -10.60
CA GLN D 128 -37.26 1.45 -10.10
C GLN D 128 -37.55 2.42 -11.26
N ALA D 129 -36.49 3.02 -11.79
CA ALA D 129 -36.60 3.97 -12.90
C ALA D 129 -37.39 3.37 -14.06
N LEU D 130 -37.21 2.06 -14.27
CA LEU D 130 -37.91 1.37 -15.34
C LEU D 130 -39.40 1.35 -15.02
N ARG D 131 -39.73 0.95 -13.79
CA ARG D 131 -41.12 0.89 -13.33
C ARG D 131 -41.76 2.26 -13.52
N ARG D 132 -40.94 3.30 -13.34
CA ARG D 132 -41.41 4.67 -13.51
C ARG D 132 -41.67 4.94 -14.99
N THR D 133 -40.76 4.48 -15.85
CA THR D 133 -40.90 4.69 -17.28
C THR D 133 -41.98 3.80 -17.92
N MET D 134 -42.14 2.58 -17.40
CA MET D 134 -43.14 1.64 -17.91
C MET D 134 -44.56 2.21 -17.86
N GLU D 135 -44.86 2.91 -16.76
CA GLU D 135 -46.18 3.51 -16.54
C GLU D 135 -46.40 4.82 -17.29
N MET D 136 -45.42 5.73 -17.20
CA MET D 136 -45.55 7.03 -17.83
C MET D 136 -46.00 6.95 -19.28
N PHE D 137 -45.50 5.96 -20.02
CA PHE D 137 -45.87 5.78 -21.41
C PHE D 137 -46.89 4.65 -21.57
N SER D 138 -47.19 3.96 -20.46
CA SER D 138 -48.11 2.83 -20.42
C SER D 138 -49.21 2.84 -21.49
N SER D 139 -49.74 4.03 -21.75
CA SER D 139 -50.79 4.22 -22.73
C SER D 139 -50.42 3.74 -24.15
N ASN D 140 -49.47 4.42 -24.76
CA ASN D 140 -49.05 4.10 -26.13
C ASN D 140 -48.13 2.88 -26.30
N VAL D 141 -47.40 2.53 -25.25
CA VAL D 141 -46.48 1.40 -25.34
C VAL D 141 -46.58 0.39 -24.20
N ARG D 142 -46.56 -0.89 -24.57
CA ARG D 142 -46.61 -1.98 -23.61
C ARG D 142 -45.22 -2.63 -23.57
N PHE D 143 -44.87 -3.22 -22.43
CA PHE D 143 -43.56 -3.86 -22.28
C PHE D 143 -43.63 -5.38 -22.05
N ILE D 144 -42.58 -6.07 -22.46
CA ILE D 144 -42.48 -7.52 -22.28
C ILE D 144 -41.11 -7.79 -21.69
N LEU D 145 -40.95 -7.46 -20.40
CA LEU D 145 -39.70 -7.64 -19.69
C LEU D 145 -39.25 -9.10 -19.67
N SER D 146 -38.01 -9.35 -20.10
CA SER D 146 -37.49 -10.71 -20.12
C SER D 146 -36.55 -10.94 -18.94
N CYS D 147 -36.73 -12.06 -18.25
CA CYS D 147 -35.90 -12.39 -17.09
C CYS D 147 -35.60 -13.88 -17.00
N ASN D 148 -34.73 -14.23 -16.06
CA ASN D 148 -34.31 -15.62 -15.84
C ASN D 148 -35.06 -16.21 -14.66
N TYR D 149 -35.40 -15.33 -13.72
CA TYR D 149 -36.15 -15.70 -12.52
C TYR D 149 -37.06 -14.53 -12.17
N SER D 150 -38.35 -14.81 -11.98
CA SER D 150 -39.31 -13.76 -11.64
C SER D 150 -38.89 -13.08 -10.33
N SER D 151 -38.25 -13.85 -9.46
CA SER D 151 -37.79 -13.36 -8.17
C SER D 151 -36.73 -12.25 -8.29
N LYS D 152 -36.00 -12.23 -9.39
CA LYS D 152 -34.97 -11.21 -9.60
C LYS D 152 -35.56 -9.87 -10.05
N ILE D 153 -36.89 -9.84 -10.16
CA ILE D 153 -37.60 -8.62 -10.55
C ILE D 153 -38.21 -8.09 -9.27
N ILE D 154 -38.23 -6.78 -9.11
CA ILE D 154 -38.80 -6.15 -7.91
C ILE D 154 -40.31 -6.28 -7.79
N GLU D 155 -40.86 -5.74 -6.70
CA GLU D 155 -42.30 -5.77 -6.43
C GLU D 155 -43.09 -4.80 -7.31
N PRO D 156 -42.70 -3.51 -7.30
CA PRO D 156 -43.43 -2.54 -8.12
C PRO D 156 -43.68 -3.06 -9.53
N ILE D 157 -42.67 -3.69 -10.12
CA ILE D 157 -42.77 -4.24 -11.46
C ILE D 157 -43.70 -5.45 -11.54
N GLN D 158 -43.25 -6.58 -11.01
CA GLN D 158 -44.02 -7.83 -11.01
C GLN D 158 -45.54 -7.71 -10.83
N SER D 159 -45.97 -6.89 -9.88
CA SER D 159 -47.40 -6.72 -9.61
C SER D 159 -48.17 -6.16 -10.82
N ARG D 160 -47.46 -5.49 -11.72
CA ARG D 160 -48.07 -4.91 -12.90
C ARG D 160 -47.95 -5.77 -14.16
N CYS D 161 -47.33 -6.95 -14.04
CA CYS D 161 -47.14 -7.82 -15.20
C CYS D 161 -47.87 -9.16 -15.11
N ALA D 162 -48.15 -9.73 -16.28
CA ALA D 162 -48.80 -11.02 -16.37
C ALA D 162 -47.64 -12.00 -16.44
N ILE D 163 -47.34 -12.65 -15.32
CA ILE D 163 -46.21 -13.59 -15.26
C ILE D 163 -46.38 -14.87 -16.07
N PHE D 164 -45.51 -15.05 -17.07
CA PHE D 164 -45.51 -16.26 -17.88
C PHE D 164 -44.19 -16.97 -17.58
N ARG D 165 -44.27 -18.22 -17.17
CA ARG D 165 -43.06 -18.97 -16.85
C ARG D 165 -42.83 -20.08 -17.88
N PHE D 166 -41.63 -20.12 -18.45
CA PHE D 166 -41.28 -21.14 -19.45
C PHE D 166 -40.36 -22.19 -18.84
N ARG D 167 -40.69 -23.46 -19.08
CA ARG D 167 -39.91 -24.58 -18.58
C ARG D 167 -38.74 -24.98 -19.48
N PRO D 168 -37.57 -25.26 -18.88
CA PRO D 168 -36.36 -25.66 -19.61
C PRO D 168 -36.66 -26.87 -20.51
N LEU D 169 -36.46 -26.70 -21.81
CA LEU D 169 -36.70 -27.79 -22.74
C LEU D 169 -35.76 -28.93 -22.41
N ARG D 170 -36.27 -30.16 -22.43
CA ARG D 170 -35.41 -31.29 -22.11
C ARG D 170 -34.21 -31.31 -23.06
N ASP D 171 -33.18 -32.03 -22.66
CA ASP D 171 -31.97 -32.14 -23.45
C ASP D 171 -32.26 -32.90 -24.75
N GLU D 172 -32.85 -34.08 -24.63
CA GLU D 172 -33.19 -34.88 -25.81
C GLU D 172 -34.49 -34.33 -26.42
N ASP D 173 -34.88 -33.15 -25.95
CA ASP D 173 -36.08 -32.48 -26.42
C ASP D 173 -35.68 -31.56 -27.58
N ILE D 174 -34.71 -30.68 -27.33
CA ILE D 174 -34.23 -29.78 -28.36
C ILE D 174 -33.55 -30.65 -29.40
N ALA D 175 -33.14 -31.84 -28.98
CA ALA D 175 -32.49 -32.80 -29.87
C ALA D 175 -33.46 -33.12 -31.01
N LYS D 176 -34.75 -33.13 -30.69
CA LYS D 176 -35.75 -33.38 -31.70
C LYS D 176 -35.63 -32.28 -32.75
N ARG D 177 -35.79 -31.04 -32.33
CA ARG D 177 -35.69 -29.90 -33.24
C ARG D 177 -34.29 -29.76 -33.82
N LEU D 178 -33.47 -30.77 -33.62
CA LEU D 178 -32.11 -30.79 -34.13
C LEU D 178 -32.01 -31.79 -35.29
N ARG D 179 -32.23 -33.06 -34.98
CA ARG D 179 -32.18 -34.11 -36.00
C ARG D 179 -33.10 -33.72 -37.14
N TYR D 180 -34.13 -32.93 -36.80
CA TYR D 180 -35.09 -32.46 -37.79
C TYR D 180 -34.32 -31.58 -38.76
N ILE D 181 -34.05 -30.35 -38.33
CA ILE D 181 -33.32 -29.39 -39.15
C ILE D 181 -32.11 -30.02 -39.81
N ALA D 182 -31.48 -30.98 -39.12
CA ALA D 182 -30.30 -31.65 -39.66
C ALA D 182 -30.62 -32.53 -40.86
N GLU D 183 -31.86 -33.00 -40.93
CA GLU D 183 -32.30 -33.85 -42.04
C GLU D 183 -33.04 -32.99 -43.08
N ASN D 184 -33.63 -31.90 -42.60
CA ASN D 184 -34.37 -30.97 -43.45
C ASN D 184 -33.38 -30.04 -44.18
N GLU D 185 -32.13 -30.08 -43.76
CA GLU D 185 -31.10 -29.25 -44.37
C GLU D 185 -29.99 -30.13 -44.94
N GLY D 186 -30.25 -31.43 -44.99
CA GLY D 186 -29.27 -32.36 -45.53
C GLY D 186 -27.98 -32.36 -44.75
N LEU D 187 -27.96 -33.10 -43.64
CA LEU D 187 -26.79 -33.19 -42.77
C LEU D 187 -26.66 -34.57 -42.16
N GLU D 188 -25.42 -35.05 -42.11
CA GLU D 188 -25.12 -36.35 -41.52
C GLU D 188 -24.81 -36.11 -40.05
N LEU D 189 -25.72 -35.43 -39.36
CA LEU D 189 -25.58 -35.10 -37.94
C LEU D 189 -25.14 -36.28 -37.08
N THR D 190 -23.83 -36.48 -36.96
CA THR D 190 -23.30 -37.58 -36.16
C THR D 190 -23.82 -37.51 -34.73
N GLU D 191 -23.91 -38.67 -34.08
CA GLU D 191 -24.40 -38.75 -32.71
C GLU D 191 -23.48 -38.00 -31.75
N GLU D 192 -22.17 -38.21 -31.91
CA GLU D 192 -21.20 -37.52 -31.06
C GLU D 192 -21.51 -36.04 -31.16
N GLY D 193 -21.35 -35.48 -32.36
CA GLY D 193 -21.62 -34.08 -32.60
C GLY D 193 -22.92 -33.59 -31.99
N LEU D 194 -23.98 -34.36 -32.14
CA LEU D 194 -25.28 -33.97 -31.57
C LEU D 194 -25.10 -33.74 -30.09
N GLN D 195 -24.45 -34.70 -29.44
CA GLN D 195 -24.19 -34.65 -28.00
C GLN D 195 -23.28 -33.47 -27.67
N ALA D 196 -22.30 -33.25 -28.53
CA ALA D 196 -21.35 -32.15 -28.36
C ALA D 196 -22.09 -30.81 -28.36
N ILE D 197 -23.07 -30.67 -29.25
CA ILE D 197 -23.85 -29.43 -29.33
C ILE D 197 -24.65 -29.26 -28.04
N LEU D 198 -25.27 -30.36 -27.60
CA LEU D 198 -26.09 -30.39 -26.39
C LEU D 198 -25.32 -29.96 -25.13
N TYR D 199 -24.10 -30.46 -25.01
CA TYR D 199 -23.24 -30.16 -23.86
C TYR D 199 -22.90 -28.67 -23.80
N ILE D 200 -22.66 -28.06 -24.95
CA ILE D 200 -22.31 -26.65 -25.03
C ILE D 200 -23.53 -25.73 -25.02
N ALA D 201 -24.64 -26.21 -25.58
CA ALA D 201 -25.88 -25.42 -25.64
C ALA D 201 -26.43 -25.13 -24.26
N GLU D 202 -26.25 -26.10 -23.35
CA GLU D 202 -26.71 -25.99 -21.96
C GLU D 202 -28.18 -25.57 -21.84
N GLY D 203 -29.05 -26.20 -22.62
CA GLY D 203 -30.47 -25.88 -22.56
C GLY D 203 -30.96 -24.72 -23.43
N ASP D 204 -30.05 -24.02 -24.10
CA ASP D 204 -30.45 -22.90 -24.97
C ASP D 204 -30.56 -23.39 -26.41
N MET D 205 -31.77 -23.30 -26.97
CA MET D 205 -32.03 -23.75 -28.35
C MET D 205 -31.30 -22.85 -29.33
N ARG D 206 -31.43 -21.53 -29.14
CA ARG D 206 -30.78 -20.56 -30.02
C ARG D 206 -29.32 -20.91 -30.22
N ARG D 207 -28.62 -21.10 -29.11
CA ARG D 207 -27.21 -21.44 -29.17
C ARG D 207 -26.98 -22.77 -29.87
N ALA D 208 -27.90 -23.72 -29.66
CA ALA D 208 -27.79 -25.04 -30.28
C ALA D 208 -27.95 -24.95 -31.79
N ILE D 209 -28.85 -24.07 -32.25
CA ILE D 209 -29.06 -23.89 -33.68
C ILE D 209 -27.84 -23.19 -34.27
N ASN D 210 -27.42 -22.09 -33.65
CA ASN D 210 -26.26 -21.35 -34.12
C ASN D 210 -25.03 -22.26 -34.29
N ILE D 211 -24.89 -23.24 -33.41
CA ILE D 211 -23.76 -24.17 -33.47
C ILE D 211 -23.85 -25.16 -34.62
N LEU D 212 -25.06 -25.63 -34.91
CA LEU D 212 -25.25 -26.58 -35.99
C LEU D 212 -25.02 -25.86 -37.32
N GLN D 213 -25.61 -24.68 -37.45
CA GLN D 213 -25.48 -23.87 -38.67
C GLN D 213 -24.01 -23.57 -38.94
N ALA D 214 -23.27 -23.21 -37.90
CA ALA D 214 -21.85 -22.92 -38.04
C ALA D 214 -21.08 -24.21 -38.31
N ALA D 215 -21.53 -25.31 -37.70
CA ALA D 215 -20.88 -26.59 -37.88
C ALA D 215 -21.18 -27.15 -39.27
N ALA D 216 -22.42 -26.96 -39.72
CA ALA D 216 -22.86 -27.42 -41.03
C ALA D 216 -22.12 -26.68 -42.14
N ALA D 217 -21.79 -25.43 -41.88
CA ALA D 217 -21.08 -24.61 -42.85
C ALA D 217 -19.64 -25.13 -42.98
N LEU D 218 -19.20 -25.87 -41.96
CA LEU D 218 -17.85 -26.43 -41.94
C LEU D 218 -17.82 -27.75 -42.71
N ASP D 219 -18.97 -28.40 -42.80
CA ASP D 219 -19.11 -29.67 -43.51
C ASP D 219 -20.53 -30.18 -43.38
N LYS D 220 -20.90 -31.11 -44.27
CA LYS D 220 -22.24 -31.71 -44.26
C LYS D 220 -22.40 -32.56 -43.02
N LYS D 221 -21.33 -33.25 -42.66
CA LYS D 221 -21.31 -34.13 -41.49
C LYS D 221 -21.07 -33.32 -40.22
N ILE D 222 -22.13 -33.13 -39.42
CA ILE D 222 -22.01 -32.39 -38.17
C ILE D 222 -21.25 -33.20 -37.13
N THR D 223 -19.92 -33.16 -37.20
CA THR D 223 -19.06 -33.89 -36.29
C THR D 223 -18.74 -33.12 -35.02
N ASP D 224 -18.16 -33.81 -34.04
CA ASP D 224 -17.80 -33.18 -32.77
C ASP D 224 -16.56 -32.29 -32.89
N GLU D 225 -15.62 -32.67 -33.75
CA GLU D 225 -14.43 -31.85 -33.93
C GLU D 225 -14.85 -30.48 -34.47
N ASN D 226 -15.86 -30.48 -35.34
CA ASN D 226 -16.36 -29.24 -35.93
C ASN D 226 -17.32 -28.45 -35.04
N VAL D 227 -17.93 -29.10 -34.06
CA VAL D 227 -18.84 -28.39 -33.16
C VAL D 227 -18.02 -27.59 -32.16
N PHE D 228 -16.86 -28.14 -31.81
CA PHE D 228 -15.97 -27.48 -30.86
C PHE D 228 -15.23 -26.34 -31.54
N MET D 229 -14.62 -26.62 -32.69
CA MET D 229 -13.87 -25.61 -33.44
C MET D 229 -14.68 -24.32 -33.66
N VAL D 230 -15.96 -24.48 -33.96
CA VAL D 230 -16.82 -23.33 -34.20
C VAL D 230 -17.34 -22.75 -32.90
N ALA D 231 -17.53 -23.61 -31.91
CA ALA D 231 -18.03 -23.19 -30.60
C ALA D 231 -16.95 -22.42 -29.83
N SER D 232 -15.71 -22.57 -30.27
CA SER D 232 -14.57 -21.92 -29.64
C SER D 232 -14.31 -22.53 -28.27
N ARG D 233 -14.63 -23.81 -28.15
CA ARG D 233 -14.42 -24.55 -26.92
C ARG D 233 -13.59 -25.80 -27.14
N ALA D 234 -13.21 -26.45 -26.05
CA ALA D 234 -12.42 -27.66 -26.12
C ALA D 234 -13.25 -28.79 -25.52
N ARG D 235 -12.87 -30.04 -25.82
CA ARG D 235 -13.59 -31.18 -25.29
C ARG D 235 -13.52 -31.12 -23.76
N PRO D 236 -14.68 -31.14 -23.07
CA PRO D 236 -14.69 -31.09 -21.61
C PRO D 236 -13.71 -32.10 -21.01
N GLU D 237 -13.61 -33.27 -21.63
CA GLU D 237 -12.70 -34.29 -21.15
C GLU D 237 -11.30 -33.70 -21.16
N ASP D 238 -10.98 -32.96 -22.21
CA ASP D 238 -9.66 -32.35 -22.34
C ASP D 238 -9.38 -31.30 -21.27
N ILE D 239 -10.39 -30.55 -20.87
CA ILE D 239 -10.20 -29.55 -19.84
C ILE D 239 -9.94 -30.23 -18.52
N ARG D 240 -10.89 -31.07 -18.11
CA ARG D 240 -10.80 -31.82 -16.85
C ARG D 240 -9.54 -32.64 -16.77
N GLU D 241 -9.19 -33.31 -17.85
CA GLU D 241 -7.98 -34.12 -17.87
C GLU D 241 -6.79 -33.22 -17.54
N MET D 242 -6.81 -31.99 -18.05
CA MET D 242 -5.75 -31.01 -17.81
C MET D 242 -5.75 -30.61 -16.34
N MET D 243 -6.92 -30.30 -15.80
CA MET D 243 -7.00 -29.91 -14.40
C MET D 243 -6.64 -31.08 -13.48
N LEU D 244 -7.15 -32.26 -13.81
CA LEU D 244 -6.88 -33.46 -13.02
C LEU D 244 -5.38 -33.76 -13.09
N LEU D 245 -4.83 -33.69 -14.29
CA LEU D 245 -3.41 -33.95 -14.49
C LEU D 245 -2.57 -33.04 -13.58
N ALA D 246 -3.07 -31.82 -13.34
CA ALA D 246 -2.37 -30.86 -12.49
C ALA D 246 -2.47 -31.26 -11.01
N LEU D 247 -3.70 -31.49 -10.56
CA LEU D 247 -3.93 -31.89 -9.18
C LEU D 247 -3.06 -33.09 -8.80
N LYS D 248 -3.00 -34.08 -9.68
CA LYS D 248 -2.20 -35.26 -9.41
C LYS D 248 -0.71 -34.94 -9.30
N GLY D 249 -0.31 -33.73 -9.70
CA GLY D 249 1.08 -33.36 -9.63
C GLY D 249 1.84 -33.52 -10.93
N ASN D 250 1.11 -33.75 -12.01
CA ASN D 250 1.72 -33.91 -13.32
C ASN D 250 1.80 -32.57 -14.05
N PHE D 251 2.16 -31.52 -13.31
CA PHE D 251 2.29 -30.17 -13.84
C PHE D 251 2.74 -30.10 -15.29
N LEU D 252 3.89 -30.69 -15.58
CA LEU D 252 4.44 -30.70 -16.94
C LEU D 252 3.44 -31.15 -18.01
N LYS D 253 2.72 -32.25 -17.72
CA LYS D 253 1.73 -32.78 -18.64
C LYS D 253 0.55 -31.82 -18.79
N ALA D 254 0.15 -31.20 -17.70
CA ALA D 254 -0.97 -30.27 -17.72
C ALA D 254 -0.62 -29.12 -18.67
N ARG D 255 0.63 -28.68 -18.60
CA ARG D 255 1.10 -27.60 -19.46
C ARG D 255 0.86 -27.95 -20.91
N GLU D 256 1.41 -29.08 -21.35
CA GLU D 256 1.27 -29.50 -22.72
C GLU D 256 -0.19 -29.60 -23.14
N LYS D 257 -1.06 -30.01 -22.23
CA LYS D 257 -2.46 -30.11 -22.57
C LYS D 257 -2.97 -28.71 -22.87
N LEU D 258 -2.55 -27.75 -22.05
CA LEU D 258 -2.93 -26.36 -22.23
C LEU D 258 -2.39 -25.85 -23.57
N ARG D 259 -1.13 -26.16 -23.83
CA ARG D 259 -0.51 -25.74 -25.08
C ARG D 259 -1.31 -26.28 -26.24
N GLU D 260 -1.52 -27.60 -26.23
CA GLU D 260 -2.28 -28.22 -27.31
C GLU D 260 -3.61 -27.51 -27.48
N ILE D 261 -4.43 -27.47 -26.44
CA ILE D 261 -5.72 -26.81 -26.54
C ILE D 261 -5.53 -25.42 -27.12
N LEU D 262 -4.69 -24.62 -26.47
CA LEU D 262 -4.43 -23.26 -26.92
C LEU D 262 -4.02 -23.21 -28.41
N LEU D 263 -3.07 -24.05 -28.79
CA LEU D 263 -2.59 -24.09 -30.18
C LEU D 263 -3.67 -24.51 -31.18
N LYS D 264 -4.23 -25.70 -30.98
CA LYS D 264 -5.28 -26.20 -31.86
C LYS D 264 -6.53 -25.33 -31.80
N GLN D 265 -7.43 -25.63 -30.88
CA GLN D 265 -8.68 -24.89 -30.77
C GLN D 265 -8.60 -23.36 -30.76
N GLY D 266 -7.39 -22.82 -30.62
CA GLY D 266 -7.22 -21.37 -30.62
C GLY D 266 -8.06 -20.55 -29.65
N LEU D 267 -8.29 -21.09 -28.46
CA LEU D 267 -9.10 -20.43 -27.42
C LEU D 267 -8.39 -19.23 -26.79
N SER D 268 -9.16 -18.44 -26.04
CA SER D 268 -8.57 -17.29 -25.37
C SER D 268 -8.38 -17.65 -23.91
N GLY D 269 -7.59 -16.85 -23.20
CA GLY D 269 -7.39 -17.11 -21.79
C GLY D 269 -8.76 -17.12 -21.12
N GLU D 270 -9.56 -16.09 -21.37
CA GLU D 270 -10.89 -16.02 -20.78
C GLU D 270 -11.67 -17.26 -21.17
N ASP D 271 -11.54 -17.69 -22.41
CA ASP D 271 -12.23 -18.89 -22.87
C ASP D 271 -11.86 -20.06 -21.97
N VAL D 272 -10.57 -20.34 -21.89
CA VAL D 272 -10.06 -21.42 -21.07
C VAL D 272 -10.53 -21.29 -19.62
N LEU D 273 -10.21 -20.16 -18.99
CA LEU D 273 -10.61 -19.93 -17.62
C LEU D 273 -12.10 -20.18 -17.41
N VAL D 274 -12.90 -19.90 -18.43
CA VAL D 274 -14.34 -20.09 -18.32
C VAL D 274 -14.69 -21.56 -18.33
N GLN D 275 -13.98 -22.34 -19.14
CA GLN D 275 -14.25 -23.77 -19.21
C GLN D 275 -13.69 -24.47 -17.98
N MET D 276 -12.57 -23.97 -17.48
CA MET D 276 -11.94 -24.54 -16.29
C MET D 276 -12.88 -24.39 -15.12
N HIS D 277 -13.48 -23.20 -15.03
CA HIS D 277 -14.41 -22.90 -13.95
C HIS D 277 -15.69 -23.71 -14.05
N LYS D 278 -15.98 -24.24 -15.23
CA LYS D 278 -17.19 -25.04 -15.44
C LYS D 278 -16.92 -26.53 -15.31
N GLU D 279 -15.73 -26.96 -15.68
CA GLU D 279 -15.37 -28.38 -15.58
C GLU D 279 -14.70 -28.70 -14.24
N VAL D 280 -14.64 -27.74 -13.34
CA VAL D 280 -14.00 -27.99 -12.06
C VAL D 280 -14.96 -28.71 -11.12
N PHE D 281 -16.25 -28.61 -11.39
CA PHE D 281 -17.28 -29.24 -10.57
C PHE D 281 -17.67 -30.64 -11.02
N ASN D 282 -17.09 -31.09 -12.11
CA ASN D 282 -17.38 -32.42 -12.65
C ASN D 282 -16.13 -33.22 -12.42
N LEU D 283 -15.36 -32.80 -11.43
CA LEU D 283 -14.11 -33.47 -11.09
C LEU D 283 -14.30 -34.48 -9.96
N PRO D 284 -13.62 -35.64 -10.05
CA PRO D 284 -13.70 -36.69 -9.04
C PRO D 284 -12.96 -36.11 -7.85
N ILE D 285 -13.53 -35.05 -7.28
CA ILE D 285 -12.89 -34.36 -6.17
C ILE D 285 -13.89 -33.83 -5.15
N GLU D 286 -13.42 -33.75 -3.91
CA GLU D 286 -14.23 -33.25 -2.81
C GLU D 286 -14.64 -31.80 -3.02
N GLU D 287 -15.86 -31.46 -2.60
CA GLU D 287 -16.37 -30.11 -2.74
C GLU D 287 -15.43 -29.01 -2.23
N PRO D 288 -14.79 -29.22 -1.07
CA PRO D 288 -13.87 -28.23 -0.50
C PRO D 288 -12.79 -27.80 -1.49
N LYS D 289 -12.25 -28.77 -2.22
CA LYS D 289 -11.22 -28.46 -3.21
C LYS D 289 -11.86 -27.78 -4.42
N LYS D 290 -13.12 -28.12 -4.69
CA LYS D 290 -13.82 -27.53 -5.81
C LYS D 290 -13.99 -26.02 -5.61
N VAL D 291 -14.32 -25.60 -4.40
CA VAL D 291 -14.50 -24.18 -4.15
C VAL D 291 -13.16 -23.46 -4.15
N LEU D 292 -12.14 -24.10 -3.59
CA LEU D 292 -10.82 -23.48 -3.56
C LEU D 292 -10.37 -23.24 -4.99
N LEU D 293 -10.38 -24.30 -5.78
CA LEU D 293 -9.97 -24.22 -7.17
C LEU D 293 -10.79 -23.17 -7.90
N ALA D 294 -12.09 -23.17 -7.66
CA ALA D 294 -12.97 -22.22 -8.32
C ALA D 294 -12.58 -20.80 -7.99
N ASP D 295 -12.08 -20.57 -6.78
CA ASP D 295 -11.69 -19.22 -6.38
C ASP D 295 -10.33 -18.84 -6.98
N LYS D 296 -9.45 -19.83 -7.15
CA LYS D 296 -8.13 -19.59 -7.75
C LYS D 296 -8.31 -19.14 -9.20
N ILE D 297 -9.24 -19.78 -9.89
CA ILE D 297 -9.53 -19.44 -11.27
C ILE D 297 -9.93 -17.96 -11.32
N GLY D 298 -10.78 -17.54 -10.37
CA GLY D 298 -11.18 -16.15 -10.36
C GLY D 298 -10.08 -15.19 -9.98
N GLU D 299 -9.16 -15.66 -9.14
CA GLU D 299 -8.05 -14.83 -8.69
C GLU D 299 -7.13 -14.53 -9.87
N TYR D 300 -6.79 -15.57 -10.61
CA TYR D 300 -5.91 -15.40 -11.76
C TYR D 300 -6.57 -14.65 -12.91
N ASN D 301 -7.89 -14.74 -12.98
CA ASN D 301 -8.60 -14.01 -14.01
C ASN D 301 -8.53 -12.52 -13.65
N PHE D 302 -8.58 -12.22 -12.36
CA PHE D 302 -8.48 -10.83 -11.91
C PHE D 302 -7.15 -10.26 -12.41
N ARG D 303 -6.09 -11.07 -12.27
CA ARG D 303 -4.73 -10.70 -12.69
C ARG D 303 -4.72 -10.41 -14.18
N LEU D 304 -5.43 -11.26 -14.93
CA LEU D 304 -5.53 -11.11 -16.36
C LEU D 304 -6.27 -9.83 -16.68
N VAL D 305 -7.42 -9.62 -16.04
CA VAL D 305 -8.20 -8.42 -16.26
C VAL D 305 -7.36 -7.18 -15.96
N GLU D 306 -6.43 -7.32 -15.02
CA GLU D 306 -5.60 -6.20 -14.59
C GLU D 306 -4.29 -5.99 -15.36
N GLY D 307 -4.07 -6.78 -16.41
CA GLY D 307 -2.86 -6.62 -17.20
C GLY D 307 -1.79 -7.70 -17.15
N ALA D 308 -1.96 -8.72 -16.29
CA ALA D 308 -0.95 -9.78 -16.20
C ALA D 308 -0.77 -10.52 -17.53
N ASN D 309 0.36 -11.19 -17.68
CA ASN D 309 0.68 -11.96 -18.87
C ASN D 309 -0.12 -13.25 -18.88
N GLU D 310 -0.85 -13.49 -19.97
CA GLU D 310 -1.69 -14.68 -20.11
C GLU D 310 -1.03 -16.05 -19.97
N ILE D 311 -0.04 -16.34 -20.78
CA ILE D 311 0.57 -17.65 -20.68
C ILE D 311 1.24 -17.85 -19.33
N ILE D 312 1.88 -16.80 -18.81
CA ILE D 312 2.54 -16.88 -17.51
C ILE D 312 1.53 -17.15 -16.40
N GLN D 313 0.43 -16.40 -16.40
CA GLN D 313 -0.58 -16.57 -15.39
C GLN D 313 -1.31 -17.89 -15.54
N LEU D 314 -1.65 -18.23 -16.78
CA LEU D 314 -2.38 -19.48 -17.04
C LEU D 314 -1.59 -20.67 -16.53
N GLU D 315 -0.28 -20.62 -16.67
CA GLU D 315 0.56 -21.71 -16.21
C GLU D 315 0.77 -21.62 -14.71
N ALA D 316 0.74 -20.40 -14.19
CA ALA D 316 0.90 -20.21 -12.76
C ALA D 316 -0.30 -20.88 -12.12
N LEU D 317 -1.46 -20.74 -12.76
CA LEU D 317 -2.71 -21.31 -12.27
C LEU D 317 -2.61 -22.84 -12.22
N LEU D 318 -1.96 -23.42 -13.22
CA LEU D 318 -1.80 -24.86 -13.24
C LEU D 318 -0.98 -25.28 -12.03
N ALA D 319 0.06 -24.50 -11.73
CA ALA D 319 0.94 -24.80 -10.61
C ALA D 319 0.17 -24.72 -9.29
N GLN D 320 -0.76 -23.75 -9.20
CA GLN D 320 -1.57 -23.63 -7.99
C GLN D 320 -2.33 -24.92 -7.85
N PHE D 321 -2.71 -25.50 -8.98
CA PHE D 321 -3.44 -26.75 -8.94
C PHE D 321 -2.54 -27.86 -8.41
N THR D 322 -1.33 -27.94 -8.93
CA THR D 322 -0.40 -28.96 -8.45
C THR D 322 -0.20 -28.78 -6.94
N LEU D 323 -0.06 -27.53 -6.50
CA LEU D 323 0.16 -27.22 -5.09
C LEU D 323 -1.06 -27.53 -4.25
N ILE D 324 -2.23 -27.18 -4.75
CA ILE D 324 -3.45 -27.44 -3.99
C ILE D 324 -3.75 -28.94 -3.91
N GLY D 325 -3.31 -29.70 -4.90
CA GLY D 325 -3.53 -31.12 -4.87
C GLY D 325 -2.77 -31.72 -3.70
N LYS D 326 -1.51 -31.33 -3.55
CA LYS D 326 -0.68 -31.84 -2.45
C LYS D 326 -1.33 -31.65 -1.07
N LYS D 327 -1.74 -30.41 -0.77
CA LYS D 327 -2.35 -30.13 0.53
C LYS D 327 -3.47 -31.09 0.90
N SER E 2 25.66 10.10 -53.83
CA SER E 2 24.41 10.45 -54.57
C SER E 2 23.17 10.10 -53.77
N GLU E 3 22.97 8.80 -53.57
CA GLU E 3 21.83 8.28 -52.83
C GLU E 3 21.95 8.51 -51.33
N GLU E 4 21.00 7.93 -50.59
CA GLU E 4 20.98 8.03 -49.13
C GLU E 4 21.99 7.00 -48.62
N ILE E 5 22.03 6.82 -47.30
CA ILE E 5 22.93 5.84 -46.71
C ILE E 5 22.24 4.47 -46.71
N ARG E 6 23.02 3.39 -46.61
CA ARG E 6 22.44 2.05 -46.63
C ARG E 6 21.39 1.86 -45.54
N GLU E 7 21.60 2.54 -44.43
CA GLU E 7 20.69 2.45 -43.29
C GLU E 7 19.28 2.90 -43.65
N VAL E 8 19.16 4.11 -44.18
CA VAL E 8 17.84 4.65 -44.56
C VAL E 8 17.21 3.87 -45.71
N LYS E 9 18.03 3.26 -46.55
CA LYS E 9 17.53 2.49 -47.69
C LYS E 9 16.72 1.28 -47.24
N VAL E 10 17.17 0.64 -46.17
CA VAL E 10 16.50 -0.54 -45.63
C VAL E 10 15.34 -0.21 -44.69
N LEU E 11 15.36 0.98 -44.11
CA LEU E 11 14.32 1.42 -43.17
C LEU E 11 13.12 2.12 -43.81
N GLU E 12 13.28 2.59 -45.04
CA GLU E 12 12.21 3.31 -45.73
C GLU E 12 10.90 2.53 -45.93
N LYS E 13 10.99 1.33 -46.48
CA LYS E 13 9.80 0.52 -46.73
C LYS E 13 9.84 -0.77 -45.93
N PRO E 14 8.71 -1.13 -45.29
CA PRO E 14 8.60 -2.34 -44.48
C PRO E 14 8.74 -3.64 -45.29
N TRP E 15 9.72 -4.46 -44.92
CA TRP E 15 9.93 -5.75 -45.61
C TRP E 15 8.64 -6.56 -45.49
N VAL E 16 7.94 -6.39 -44.37
CA VAL E 16 6.69 -7.09 -44.09
C VAL E 16 5.70 -6.94 -45.24
N GLU E 17 5.64 -5.74 -45.80
CA GLU E 17 4.74 -5.43 -46.89
C GLU E 17 5.37 -5.79 -48.24
N LYS E 18 6.58 -5.28 -48.47
CA LYS E 18 7.30 -5.51 -49.72
C LYS E 18 7.33 -6.98 -50.14
N TYR E 19 7.34 -7.90 -49.18
CA TYR E 19 7.37 -9.31 -49.54
C TYR E 19 6.13 -10.12 -49.18
N ARG E 20 4.99 -9.46 -49.00
CA ARG E 20 3.79 -10.20 -48.68
C ARG E 20 3.34 -10.97 -49.93
N PRO E 21 3.15 -12.29 -49.81
CA PRO E 21 2.72 -13.09 -50.96
C PRO E 21 1.53 -12.46 -51.65
N GLN E 22 1.53 -12.56 -52.98
CA GLN E 22 0.47 -11.97 -53.78
C GLN E 22 -0.62 -12.93 -54.23
N ARG E 23 -0.41 -14.23 -54.06
CA ARG E 23 -1.40 -15.23 -54.49
C ARG E 23 -1.64 -16.36 -53.49
N LEU E 24 -2.87 -16.89 -53.48
CA LEU E 24 -3.25 -17.98 -52.59
C LEU E 24 -2.36 -19.22 -52.71
N ASP E 25 -1.31 -19.13 -53.52
CA ASP E 25 -0.41 -20.25 -53.71
C ASP E 25 0.97 -19.88 -53.22
N ASP E 26 1.12 -18.60 -52.87
CA ASP E 26 2.38 -18.06 -52.37
C ASP E 26 2.37 -18.23 -50.85
N ILE E 27 1.19 -18.07 -50.26
CA ILE E 27 0.99 -18.20 -48.82
C ILE E 27 1.48 -19.58 -48.38
N VAL E 28 1.97 -19.69 -47.15
CA VAL E 28 2.49 -20.95 -46.65
C VAL E 28 1.93 -21.40 -45.29
N GLY E 29 2.21 -22.65 -44.96
CA GLY E 29 1.78 -23.21 -43.69
C GLY E 29 0.31 -23.17 -43.33
N GLN E 30 -0.54 -22.69 -44.22
CA GLN E 30 -1.98 -22.64 -43.95
C GLN E 30 -2.74 -23.55 -44.90
N GLU E 31 -1.99 -24.40 -45.60
CA GLU E 31 -2.49 -25.37 -46.58
C GLU E 31 -3.99 -25.70 -46.58
N HIS E 32 -4.54 -26.02 -45.41
CA HIS E 32 -5.96 -26.34 -45.34
C HIS E 32 -6.81 -25.08 -45.53
N ILE E 33 -6.36 -23.97 -44.95
CA ILE E 33 -7.08 -22.72 -45.07
C ILE E 33 -7.19 -22.30 -46.54
N VAL E 34 -6.09 -22.38 -47.27
CA VAL E 34 -6.08 -21.99 -48.69
C VAL E 34 -7.04 -22.85 -49.50
N LYS E 35 -6.94 -24.17 -49.37
CA LYS E 35 -7.85 -25.05 -50.11
C LYS E 35 -9.28 -24.53 -50.04
N ARG E 36 -9.72 -24.16 -48.85
CA ARG E 36 -11.07 -23.63 -48.68
C ARG E 36 -11.25 -22.31 -49.44
N LEU E 37 -10.26 -21.45 -49.35
CA LEU E 37 -10.30 -20.15 -50.02
C LEU E 37 -10.34 -20.28 -51.54
N LYS E 38 -9.47 -21.11 -52.09
CA LYS E 38 -9.43 -21.33 -53.53
C LYS E 38 -10.82 -21.70 -54.05
N HIS E 39 -11.46 -22.66 -53.38
CA HIS E 39 -12.80 -23.07 -53.78
C HIS E 39 -13.66 -21.86 -54.08
N TYR E 40 -13.45 -20.78 -53.33
CA TYR E 40 -14.23 -19.56 -53.55
C TYR E 40 -13.90 -18.94 -54.89
N VAL E 41 -12.62 -18.64 -55.08
CA VAL E 41 -12.15 -18.02 -56.32
C VAL E 41 -12.45 -18.87 -57.54
N LYS E 42 -12.41 -20.19 -57.39
CA LYS E 42 -12.67 -21.08 -58.51
C LYS E 42 -14.16 -21.13 -58.88
N THR E 43 -15.03 -20.76 -57.95
CA THR E 43 -16.46 -20.81 -58.24
C THR E 43 -17.17 -19.48 -58.03
N GLY E 44 -16.41 -18.41 -57.90
CA GLY E 44 -17.02 -17.09 -57.72
C GLY E 44 -18.14 -17.06 -56.71
N SER E 45 -18.07 -17.96 -55.73
CA SER E 45 -19.07 -18.05 -54.68
C SER E 45 -18.39 -18.11 -53.31
N MET E 46 -18.89 -17.30 -52.37
CA MET E 46 -18.36 -17.25 -51.01
C MET E 46 -19.25 -16.40 -50.10
N PRO E 47 -19.30 -16.76 -48.81
CA PRO E 47 -20.12 -16.04 -47.82
C PRO E 47 -19.29 -15.00 -47.09
N HIS E 48 -19.79 -14.52 -45.96
CA HIS E 48 -19.04 -13.56 -45.15
C HIS E 48 -17.98 -14.41 -44.45
N LEU E 49 -16.78 -13.87 -44.29
CA LEU E 49 -15.72 -14.65 -43.65
C LEU E 49 -15.22 -14.11 -42.31
N LEU E 50 -14.82 -15.04 -41.44
CA LEU E 50 -14.29 -14.69 -40.13
C LEU E 50 -12.94 -15.38 -39.95
N PHE E 51 -11.88 -14.58 -40.00
CA PHE E 51 -10.53 -15.08 -39.84
C PHE E 51 -10.06 -14.90 -38.41
N ALA E 52 -9.98 -15.99 -37.66
CA ALA E 52 -9.55 -15.93 -36.27
C ALA E 52 -8.15 -16.53 -36.10
N GLY E 53 -7.38 -15.95 -35.20
CA GLY E 53 -6.02 -16.40 -34.97
C GLY E 53 -5.12 -15.25 -34.62
N PRO E 54 -3.81 -15.50 -34.42
CA PRO E 54 -2.77 -14.51 -34.08
C PRO E 54 -2.46 -13.53 -35.21
N PRO E 55 -1.62 -12.54 -34.94
CA PRO E 55 -1.26 -11.58 -35.98
C PRO E 55 0.01 -12.10 -36.67
N GLY E 56 0.20 -11.72 -37.93
CA GLY E 56 1.38 -12.14 -38.66
C GLY E 56 1.49 -13.61 -39.04
N VAL E 57 0.36 -14.29 -39.22
CA VAL E 57 0.40 -15.71 -39.58
C VAL E 57 -0.36 -16.06 -40.87
N GLY E 58 -0.97 -15.07 -41.50
CA GLY E 58 -1.69 -15.33 -42.74
C GLY E 58 -2.93 -14.48 -43.02
N LYS E 59 -3.83 -14.41 -42.04
CA LYS E 59 -5.08 -13.67 -42.18
C LYS E 59 -5.17 -12.55 -43.23
N THR E 60 -4.59 -11.38 -42.96
CA THR E 60 -4.67 -10.27 -43.93
C THR E 60 -3.90 -10.51 -45.23
N THR E 61 -2.92 -11.40 -45.22
CA THR E 61 -2.17 -11.70 -46.44
C THR E 61 -3.18 -12.39 -47.34
N ALA E 62 -3.94 -13.31 -46.76
CA ALA E 62 -4.93 -14.06 -47.51
C ALA E 62 -6.14 -13.18 -47.85
N ALA E 63 -6.48 -12.25 -46.97
CA ALA E 63 -7.61 -11.38 -47.23
C ALA E 63 -7.34 -10.54 -48.47
N LEU E 64 -6.06 -10.35 -48.78
CA LEU E 64 -5.68 -9.58 -49.96
C LEU E 64 -5.53 -10.51 -51.14
N ALA E 65 -4.76 -11.58 -50.96
CA ALA E 65 -4.55 -12.55 -52.02
C ALA E 65 -5.89 -12.99 -52.61
N LEU E 66 -6.84 -13.31 -51.74
CA LEU E 66 -8.15 -13.75 -52.20
C LEU E 66 -8.77 -12.72 -53.13
N ALA E 67 -8.91 -11.49 -52.64
CA ALA E 67 -9.49 -10.40 -53.43
C ALA E 67 -8.78 -10.29 -54.78
N ARG E 68 -7.46 -10.46 -54.74
CA ARG E 68 -6.64 -10.37 -55.95
C ARG E 68 -7.06 -11.40 -56.99
N GLU E 69 -7.11 -12.67 -56.57
CA GLU E 69 -7.49 -13.74 -57.48
C GLU E 69 -8.98 -13.74 -57.76
N LEU E 70 -9.71 -12.87 -57.07
CA LEU E 70 -11.14 -12.79 -57.25
C LEU E 70 -11.58 -11.61 -58.13
N PHE E 71 -10.72 -10.60 -58.24
CA PHE E 71 -11.04 -9.42 -59.06
C PHE E 71 -9.94 -9.04 -60.04
N GLY E 72 -8.86 -9.82 -60.07
CA GLY E 72 -7.75 -9.51 -60.96
C GLY E 72 -7.25 -8.10 -60.75
N GLU E 73 -7.37 -7.25 -61.76
CA GLU E 73 -6.92 -5.87 -61.69
C GLU E 73 -7.94 -4.97 -61.00
N ASN E 74 -9.02 -5.56 -60.52
CA ASN E 74 -10.06 -4.79 -59.86
C ASN E 74 -10.06 -4.90 -58.34
N TRP E 75 -9.24 -5.81 -57.81
CA TRP E 75 -9.17 -6.02 -56.37
C TRP E 75 -9.11 -4.71 -55.61
N ARG E 76 -8.24 -3.81 -56.07
CA ARG E 76 -8.05 -2.52 -55.42
C ARG E 76 -9.24 -1.57 -55.54
N HIS E 77 -10.18 -1.88 -56.43
CA HIS E 77 -11.34 -1.03 -56.61
C HIS E 77 -12.58 -1.69 -56.06
N ASN E 78 -12.44 -2.96 -55.68
CA ASN E 78 -13.54 -3.75 -55.12
C ASN E 78 -13.23 -4.24 -53.70
N PHE E 79 -12.11 -3.80 -53.15
CA PHE E 79 -11.70 -4.21 -51.80
C PHE E 79 -11.45 -3.01 -50.89
N LEU E 80 -12.25 -2.90 -49.85
CA LEU E 80 -12.13 -1.81 -48.88
C LEU E 80 -11.46 -2.34 -47.62
N GLU E 81 -10.29 -1.79 -47.28
CA GLU E 81 -9.57 -2.24 -46.10
C GLU E 81 -9.70 -1.22 -44.96
N LEU E 82 -10.51 -1.56 -43.97
CA LEU E 82 -10.73 -0.68 -42.83
C LEU E 82 -10.22 -1.34 -41.56
N ASN E 83 -9.64 -0.53 -40.66
CA ASN E 83 -9.13 -1.06 -39.41
C ASN E 83 -9.96 -0.58 -38.23
N ALA E 84 -10.98 -1.38 -37.88
CA ALA E 84 -11.89 -1.07 -36.79
C ALA E 84 -11.27 -0.35 -35.61
N SER E 85 -10.31 -1.00 -34.96
CA SER E 85 -9.63 -0.46 -33.79
C SER E 85 -9.17 0.99 -33.90
N ASP E 86 -7.94 1.17 -34.36
CA ASP E 86 -7.33 2.49 -34.50
C ASP E 86 -8.26 3.48 -35.23
N GLU E 87 -9.03 2.99 -36.18
CA GLU E 87 -9.93 3.84 -36.94
C GLU E 87 -9.07 4.88 -37.67
N ARG E 88 -8.39 4.41 -38.72
CA ARG E 88 -7.50 5.24 -39.54
C ARG E 88 -8.24 6.34 -40.30
N GLY E 89 -8.29 7.52 -39.69
CA GLY E 89 -8.98 8.64 -40.32
C GLY E 89 -10.23 9.05 -39.56
N ILE E 90 -11.25 9.47 -40.28
CA ILE E 90 -12.52 9.91 -39.71
C ILE E 90 -13.40 8.74 -39.23
N ASN E 91 -14.71 8.92 -39.34
CA ASN E 91 -15.68 7.89 -38.96
C ASN E 91 -15.59 6.75 -39.98
N VAL E 92 -14.45 6.06 -39.97
CA VAL E 92 -14.21 4.96 -40.90
C VAL E 92 -15.12 3.72 -40.70
N ILE E 93 -16.39 3.96 -40.38
CA ILE E 93 -17.34 2.87 -40.18
C ILE E 93 -18.78 3.33 -40.44
N ARG E 94 -18.93 4.53 -41.00
CA ARG E 94 -20.27 5.08 -41.30
C ARG E 94 -20.42 5.56 -42.75
N GLU E 95 -20.37 6.87 -42.92
CA GLU E 95 -20.52 7.48 -44.24
C GLU E 95 -19.52 6.96 -45.27
N LYS E 96 -18.44 6.36 -44.80
CA LYS E 96 -17.44 5.82 -45.71
C LYS E 96 -18.01 4.61 -46.45
N VAL E 97 -18.51 3.66 -45.66
CA VAL E 97 -19.08 2.44 -46.21
C VAL E 97 -20.26 2.66 -47.14
N LYS E 98 -21.26 3.41 -46.68
CA LYS E 98 -22.44 3.68 -47.50
C LYS E 98 -22.06 4.00 -48.94
N GLU E 99 -20.93 4.67 -49.12
CA GLU E 99 -20.45 5.02 -50.46
C GLU E 99 -20.11 3.74 -51.21
N PHE E 100 -19.03 3.10 -50.77
CA PHE E 100 -18.52 1.86 -51.36
C PHE E 100 -19.63 0.82 -51.56
N ALA E 101 -20.45 0.65 -50.52
CA ALA E 101 -21.54 -0.31 -50.54
C ALA E 101 -22.63 -0.05 -51.58
N ARG E 102 -22.97 1.21 -51.81
CA ARG E 102 -24.01 1.55 -52.78
C ARG E 102 -23.66 1.28 -54.25
N THR E 103 -22.42 1.55 -54.63
CA THR E 103 -22.00 1.32 -56.02
C THR E 103 -22.00 -0.18 -56.36
N LYS E 104 -21.48 -0.53 -57.53
CA LYS E 104 -21.44 -1.94 -57.95
C LYS E 104 -20.01 -2.41 -58.16
N PRO E 105 -19.82 -3.74 -58.26
CA PRO E 105 -18.48 -4.29 -58.47
C PRO E 105 -17.92 -3.88 -59.83
N ILE E 106 -16.61 -3.92 -59.95
CA ILE E 106 -15.93 -3.57 -61.20
C ILE E 106 -15.70 -4.87 -61.96
N GLY E 107 -16.07 -4.89 -63.24
CA GLY E 107 -15.92 -6.09 -64.04
C GLY E 107 -17.19 -6.88 -63.85
N GLY E 108 -17.18 -8.15 -64.22
CA GLY E 108 -18.37 -8.97 -64.08
C GLY E 108 -18.54 -9.46 -62.66
N ALA E 109 -17.74 -8.88 -61.76
CA ALA E 109 -17.73 -9.23 -60.33
C ALA E 109 -19.11 -9.27 -59.70
N SER E 110 -19.36 -10.34 -58.94
CA SER E 110 -20.65 -10.57 -58.27
C SER E 110 -20.81 -9.79 -56.96
N PHE E 111 -19.71 -9.31 -56.39
CA PHE E 111 -19.77 -8.57 -55.13
C PHE E 111 -18.45 -7.89 -54.80
N LYS E 112 -18.49 -7.03 -53.79
CA LYS E 112 -17.31 -6.31 -53.32
C LYS E 112 -16.82 -6.98 -52.02
N ILE E 113 -15.75 -6.43 -51.43
CA ILE E 113 -15.23 -6.97 -50.19
C ILE E 113 -14.72 -5.92 -49.21
N ILE E 114 -15.33 -5.88 -48.04
CA ILE E 114 -14.90 -4.95 -47.00
C ILE E 114 -14.16 -5.78 -45.95
N PHE E 115 -12.87 -5.52 -45.82
CA PHE E 115 -12.03 -6.24 -44.87
C PHE E 115 -11.87 -5.47 -43.55
N LEU E 116 -12.70 -5.80 -42.57
CA LEU E 116 -12.60 -5.14 -41.28
C LEU E 116 -11.57 -5.85 -40.41
N ASP E 117 -10.38 -5.25 -40.30
CA ASP E 117 -9.30 -5.82 -39.50
C ASP E 117 -9.43 -5.41 -38.03
N GLU E 118 -9.01 -6.29 -37.13
CA GLU E 118 -9.10 -6.05 -35.70
C GLU E 118 -10.54 -5.73 -35.34
N ALA E 119 -11.45 -6.59 -35.79
CA ALA E 119 -12.87 -6.43 -35.53
C ALA E 119 -13.25 -6.61 -34.06
N ASP E 120 -12.56 -7.51 -33.37
CA ASP E 120 -12.86 -7.78 -31.96
C ASP E 120 -12.54 -6.60 -31.04
N ALA E 121 -12.07 -5.51 -31.63
CA ALA E 121 -11.75 -4.32 -30.87
C ALA E 121 -13.00 -3.43 -30.81
N LEU E 122 -14.01 -3.79 -31.58
CA LEU E 122 -15.25 -3.02 -31.61
C LEU E 122 -16.16 -3.45 -30.47
N THR E 123 -16.73 -2.47 -29.78
CA THR E 123 -17.62 -2.75 -28.65
C THR E 123 -18.82 -3.55 -29.11
N GLN E 124 -19.55 -4.13 -28.16
CA GLN E 124 -20.72 -4.94 -28.50
C GLN E 124 -21.71 -4.11 -29.31
N ASP E 125 -21.80 -2.82 -28.99
CA ASP E 125 -22.72 -1.93 -29.70
C ASP E 125 -22.21 -1.71 -31.12
N ALA E 126 -20.92 -1.40 -31.25
CA ALA E 126 -20.34 -1.19 -32.56
C ALA E 126 -20.59 -2.42 -33.42
N GLN E 127 -20.53 -3.60 -32.79
CA GLN E 127 -20.77 -4.85 -33.50
C GLN E 127 -22.24 -5.07 -33.83
N GLN E 128 -23.12 -4.46 -33.05
CA GLN E 128 -24.55 -4.60 -33.33
C GLN E 128 -24.82 -3.79 -34.59
N ALA E 129 -24.32 -2.55 -34.60
CA ALA E 129 -24.48 -1.67 -35.74
C ALA E 129 -23.87 -2.35 -36.96
N LEU E 130 -22.65 -2.86 -36.78
CA LEU E 130 -21.96 -3.54 -37.86
C LEU E 130 -22.75 -4.75 -38.35
N ARG E 131 -23.53 -5.36 -37.47
CA ARG E 131 -24.31 -6.52 -37.88
C ARG E 131 -25.32 -6.08 -38.92
N ARG E 132 -26.01 -4.97 -38.63
CA ARG E 132 -27.00 -4.43 -39.54
C ARG E 132 -26.30 -3.93 -40.80
N THR E 133 -25.31 -3.07 -40.60
CA THR E 133 -24.53 -2.53 -41.71
C THR E 133 -23.96 -3.68 -42.54
N MET E 134 -24.07 -4.90 -42.02
CA MET E 134 -23.55 -6.07 -42.69
C MET E 134 -24.61 -6.79 -43.50
N GLU E 135 -25.73 -7.11 -42.87
CA GLU E 135 -26.82 -7.79 -43.55
C GLU E 135 -27.49 -6.84 -44.53
N MET E 136 -27.27 -5.54 -44.32
CA MET E 136 -27.84 -4.50 -45.16
C MET E 136 -27.41 -4.62 -46.61
N PHE E 137 -26.11 -4.70 -46.85
CA PHE E 137 -25.58 -4.81 -48.19
C PHE E 137 -25.01 -6.19 -48.47
N SER E 138 -25.59 -7.22 -47.86
CA SER E 138 -25.10 -8.56 -48.08
C SER E 138 -25.09 -8.84 -49.58
N SER E 139 -26.21 -8.57 -50.24
CA SER E 139 -26.34 -8.80 -51.68
C SER E 139 -25.22 -8.20 -52.53
N ASN E 140 -24.71 -7.04 -52.13
CA ASN E 140 -23.65 -6.39 -52.88
C ASN E 140 -22.25 -6.59 -52.29
N VAL E 141 -22.13 -6.45 -50.97
CA VAL E 141 -20.83 -6.59 -50.33
C VAL E 141 -20.64 -7.91 -49.58
N ARG E 142 -19.39 -8.34 -49.49
CA ARG E 142 -19.02 -9.57 -48.80
C ARG E 142 -18.02 -9.17 -47.72
N PHE E 143 -18.27 -9.52 -46.46
CA PHE E 143 -17.37 -9.14 -45.39
C PHE E 143 -16.32 -10.17 -45.00
N ILE E 144 -15.14 -9.67 -44.65
CA ILE E 144 -14.05 -10.50 -44.19
C ILE E 144 -13.57 -9.88 -42.89
N LEU E 145 -14.02 -10.44 -41.77
CA LEU E 145 -13.68 -9.94 -40.46
C LEU E 145 -12.46 -10.62 -39.82
N SER E 146 -11.46 -9.82 -39.47
CA SER E 146 -10.24 -10.34 -38.85
C SER E 146 -10.33 -10.11 -37.35
N CYS E 147 -9.93 -11.11 -36.57
CA CYS E 147 -9.99 -11.02 -35.10
C CYS E 147 -9.02 -11.98 -34.43
N ASN E 148 -8.71 -11.70 -33.16
CA ASN E 148 -7.82 -12.56 -32.40
C ASN E 148 -8.58 -13.80 -31.95
N TYR E 149 -9.80 -13.61 -31.43
CA TYR E 149 -10.60 -14.74 -30.97
C TYR E 149 -12.05 -14.65 -31.41
N SER E 150 -12.51 -15.69 -32.10
CA SER E 150 -13.88 -15.75 -32.59
C SER E 150 -14.87 -15.49 -31.46
N SER E 151 -14.51 -15.93 -30.27
CA SER E 151 -15.34 -15.77 -29.07
C SER E 151 -15.50 -14.31 -28.65
N LYS E 152 -14.86 -13.40 -29.36
CA LYS E 152 -14.96 -11.98 -29.04
C LYS E 152 -15.89 -11.27 -29.99
N ILE E 153 -16.45 -12.03 -30.93
CA ILE E 153 -17.37 -11.50 -31.92
C ILE E 153 -18.77 -11.98 -31.55
N ILE E 154 -19.72 -11.06 -31.44
CA ILE E 154 -21.10 -11.41 -31.10
C ILE E 154 -21.62 -12.47 -32.05
N GLU E 155 -22.40 -13.42 -31.51
CA GLU E 155 -22.96 -14.52 -32.30
C GLU E 155 -23.78 -14.14 -33.56
N PRO E 156 -24.59 -13.08 -33.47
CA PRO E 156 -25.38 -12.71 -34.66
C PRO E 156 -24.49 -12.57 -35.89
N ILE E 157 -23.30 -12.00 -35.70
CA ILE E 157 -22.33 -11.80 -36.77
C ILE E 157 -21.61 -13.10 -37.08
N GLN E 158 -21.31 -13.85 -36.04
CA GLN E 158 -20.58 -15.10 -36.17
C GLN E 158 -21.36 -16.18 -36.92
N SER E 159 -22.68 -16.20 -36.76
CA SER E 159 -23.51 -17.21 -37.42
C SER E 159 -23.64 -17.00 -38.93
N ARG E 160 -23.25 -15.82 -39.39
CA ARG E 160 -23.32 -15.47 -40.81
C ARG E 160 -21.95 -15.60 -41.50
N CYS E 161 -20.98 -16.18 -40.78
CA CYS E 161 -19.63 -16.32 -41.34
C CYS E 161 -19.12 -17.74 -41.34
N ALA E 162 -18.17 -17.98 -42.22
CA ALA E 162 -17.52 -19.28 -42.32
C ALA E 162 -16.29 -19.03 -41.47
N ILE E 163 -16.09 -19.84 -40.44
CA ILE E 163 -14.96 -19.64 -39.55
C ILE E 163 -13.67 -20.28 -40.02
N PHE E 164 -12.60 -19.50 -40.03
CA PHE E 164 -11.27 -19.97 -40.39
C PHE E 164 -10.41 -19.73 -39.18
N ARG E 165 -9.59 -20.70 -38.83
CA ARG E 165 -8.72 -20.54 -37.67
C ARG E 165 -7.27 -20.69 -38.07
N PHE E 166 -6.58 -19.56 -38.15
CA PHE E 166 -5.16 -19.53 -38.51
C PHE E 166 -4.32 -19.81 -37.29
N ARG E 167 -3.35 -20.71 -37.43
CA ARG E 167 -2.46 -21.01 -36.32
C ARG E 167 -1.02 -20.62 -36.67
N PRO E 168 -0.11 -20.69 -35.68
CA PRO E 168 1.28 -20.33 -35.95
C PRO E 168 1.93 -21.15 -37.07
N LEU E 169 2.95 -20.59 -37.68
CA LEU E 169 3.66 -21.26 -38.76
C LEU E 169 4.86 -22.02 -38.22
N ARG E 170 5.25 -23.08 -38.92
CA ARG E 170 6.41 -23.89 -38.54
C ARG E 170 7.68 -23.12 -38.93
N ASP E 171 8.79 -23.43 -38.26
CA ASP E 171 10.06 -22.76 -38.53
C ASP E 171 10.56 -22.86 -39.97
N GLU E 172 10.51 -24.05 -40.54
CA GLU E 172 10.98 -24.24 -41.92
C GLU E 172 10.38 -23.17 -42.82
N ASP E 173 9.06 -23.05 -42.78
CA ASP E 173 8.35 -22.06 -43.59
C ASP E 173 8.82 -20.64 -43.33
N ILE E 174 8.92 -20.26 -42.05
CA ILE E 174 9.38 -18.92 -41.70
C ILE E 174 10.82 -18.77 -42.21
N ALA E 175 11.57 -19.87 -42.19
CA ALA E 175 12.96 -19.87 -42.62
C ALA E 175 13.14 -19.65 -44.12
N LYS E 176 12.35 -20.35 -44.93
CA LYS E 176 12.43 -20.21 -46.38
C LYS E 176 12.22 -18.76 -46.79
N ARG E 177 11.22 -18.12 -46.19
CA ARG E 177 10.93 -16.72 -46.48
C ARG E 177 12.10 -15.82 -46.07
N LEU E 178 12.66 -16.10 -44.89
CA LEU E 178 13.79 -15.32 -44.37
C LEU E 178 15.02 -15.49 -45.24
N ARG E 179 15.24 -16.72 -45.73
CA ARG E 179 16.39 -16.97 -46.59
C ARG E 179 16.22 -16.19 -47.90
N TYR E 180 15.00 -16.17 -48.42
CA TYR E 180 14.71 -15.47 -49.66
C TYR E 180 14.95 -13.98 -49.49
N ILE E 181 14.23 -13.36 -48.55
CA ILE E 181 14.37 -11.93 -48.31
C ILE E 181 15.84 -11.57 -48.05
N ALA E 182 16.56 -12.50 -47.44
CA ALA E 182 17.97 -12.28 -47.13
C ALA E 182 18.77 -12.16 -48.42
N GLU E 183 18.75 -13.20 -49.25
CA GLU E 183 19.48 -13.21 -50.52
C GLU E 183 19.08 -12.01 -51.36
N ASN E 184 17.77 -11.81 -51.52
CA ASN E 184 17.28 -10.71 -52.33
C ASN E 184 17.22 -9.39 -51.58
N GLU E 185 18.30 -9.04 -50.90
CA GLU E 185 18.38 -7.79 -50.15
C GLU E 185 19.84 -7.46 -49.81
N GLY E 186 20.74 -8.39 -50.08
CA GLY E 186 22.15 -8.17 -49.81
C GLY E 186 22.60 -8.54 -48.41
N LEU E 187 21.80 -9.35 -47.73
CA LEU E 187 22.10 -9.77 -46.36
C LEU E 187 22.90 -11.07 -46.31
N GLU E 188 23.75 -11.19 -45.29
CA GLU E 188 24.54 -12.39 -45.07
C GLU E 188 23.92 -13.07 -43.86
N LEU E 189 22.75 -13.66 -44.06
CA LEU E 189 22.05 -14.32 -42.97
C LEU E 189 22.81 -15.51 -42.39
N THR E 190 23.56 -15.27 -41.32
CA THR E 190 24.32 -16.34 -40.67
C THR E 190 23.31 -17.27 -40.02
N GLU E 191 23.66 -18.55 -39.89
CA GLU E 191 22.75 -19.50 -39.29
C GLU E 191 22.43 -19.19 -37.84
N GLU E 192 23.41 -18.69 -37.10
CA GLU E 192 23.19 -18.33 -35.70
C GLU E 192 22.08 -17.30 -35.69
N GLY E 193 22.22 -16.28 -36.54
CA GLY E 193 21.21 -15.25 -36.63
C GLY E 193 19.88 -15.83 -37.07
N LEU E 194 19.91 -16.86 -37.91
CA LEU E 194 18.69 -17.50 -38.38
C LEU E 194 17.94 -18.06 -37.19
N GLN E 195 18.60 -18.95 -36.47
CA GLN E 195 18.05 -19.60 -35.28
C GLN E 195 17.58 -18.57 -34.25
N ALA E 196 18.37 -17.53 -34.06
CA ALA E 196 18.04 -16.46 -33.12
C ALA E 196 16.73 -15.76 -33.48
N ILE E 197 16.41 -15.72 -34.77
CA ILE E 197 15.16 -15.09 -35.23
C ILE E 197 14.00 -16.06 -35.10
N LEU E 198 14.21 -17.31 -35.52
CA LEU E 198 13.15 -18.31 -35.45
C LEU E 198 12.63 -18.47 -34.03
N TYR E 199 13.56 -18.65 -33.09
CA TYR E 199 13.24 -18.84 -31.68
C TYR E 199 12.38 -17.72 -31.11
N ILE E 200 12.85 -16.48 -31.23
CA ILE E 200 12.10 -15.34 -30.72
C ILE E 200 10.73 -15.21 -31.39
N ALA E 201 10.75 -15.17 -32.73
CA ALA E 201 9.53 -15.03 -33.53
C ALA E 201 8.44 -16.02 -33.15
N GLU E 202 8.83 -17.23 -32.76
CA GLU E 202 7.86 -18.24 -32.36
C GLU E 202 6.64 -18.37 -33.28
N GLY E 203 6.88 -18.65 -34.56
CA GLY E 203 5.79 -18.83 -35.50
C GLY E 203 5.07 -17.63 -36.10
N ASP E 204 5.44 -16.42 -35.67
CA ASP E 204 4.80 -15.22 -36.21
C ASP E 204 5.69 -14.65 -37.31
N MET E 205 5.30 -14.90 -38.55
CA MET E 205 6.04 -14.45 -39.73
C MET E 205 6.38 -12.96 -39.68
N ARG E 206 5.37 -12.12 -39.53
CA ARG E 206 5.57 -10.67 -39.48
C ARG E 206 6.72 -10.34 -38.52
N ARG E 207 6.64 -10.90 -37.32
CA ARG E 207 7.62 -10.72 -36.26
C ARG E 207 9.05 -11.06 -36.71
N ALA E 208 9.21 -12.21 -37.36
CA ALA E 208 10.51 -12.64 -37.85
C ALA E 208 11.06 -11.63 -38.87
N ILE E 209 10.19 -11.16 -39.76
CA ILE E 209 10.60 -10.18 -40.77
C ILE E 209 11.06 -8.90 -40.09
N ASN E 210 10.23 -8.37 -39.19
CA ASN E 210 10.55 -7.14 -38.47
C ASN E 210 11.89 -7.20 -37.75
N ILE E 211 12.25 -8.38 -37.27
CA ILE E 211 13.53 -8.53 -36.59
C ILE E 211 14.64 -8.58 -37.63
N LEU E 212 14.39 -9.30 -38.73
CA LEU E 212 15.35 -9.42 -39.82
C LEU E 212 15.73 -8.05 -40.38
N GLN E 213 14.72 -7.25 -40.72
CA GLN E 213 14.94 -5.92 -41.26
C GLN E 213 15.74 -5.02 -40.33
N ALA E 214 15.20 -4.78 -39.13
CA ALA E 214 15.86 -3.94 -38.14
C ALA E 214 17.31 -4.39 -37.93
N ALA E 215 17.51 -5.70 -38.02
CA ALA E 215 18.84 -6.28 -37.86
C ALA E 215 19.76 -5.78 -38.98
N ALA E 216 19.28 -5.90 -40.22
CA ALA E 216 20.02 -5.47 -41.40
C ALA E 216 20.39 -3.98 -41.38
N ALA E 217 19.54 -3.16 -40.77
CA ALA E 217 19.80 -1.72 -40.68
C ALA E 217 21.11 -1.45 -39.95
N LEU E 218 21.45 -2.31 -39.00
CA LEU E 218 22.70 -2.17 -38.24
C LEU E 218 23.89 -2.69 -39.07
N ASP E 219 23.65 -3.76 -39.82
CA ASP E 219 24.68 -4.36 -40.65
C ASP E 219 24.08 -5.40 -41.59
N LYS E 220 24.67 -5.54 -42.78
CA LYS E 220 24.19 -6.49 -43.77
C LYS E 220 24.41 -7.94 -43.37
N LYS E 221 25.24 -8.15 -42.35
CA LYS E 221 25.51 -9.49 -41.86
C LYS E 221 24.66 -9.75 -40.61
N ILE E 222 23.53 -10.42 -40.80
CA ILE E 222 22.64 -10.72 -39.70
C ILE E 222 23.20 -11.75 -38.71
N THR E 223 23.82 -11.27 -37.64
CA THR E 223 24.37 -12.12 -36.59
C THR E 223 23.36 -12.20 -35.46
N ASP E 224 23.41 -13.28 -34.69
CA ASP E 224 22.49 -13.45 -33.57
C ASP E 224 22.66 -12.35 -32.53
N GLU E 225 23.90 -11.95 -32.30
CA GLU E 225 24.19 -10.90 -31.32
C GLU E 225 23.34 -9.69 -31.64
N ASN E 226 23.15 -9.42 -32.93
CA ASN E 226 22.35 -8.29 -33.39
C ASN E 226 20.84 -8.58 -33.36
N VAL E 227 20.49 -9.86 -33.51
CA VAL E 227 19.10 -10.25 -33.45
C VAL E 227 18.62 -9.87 -32.06
N PHE E 228 19.49 -10.14 -31.09
CA PHE E 228 19.24 -9.87 -29.68
C PHE E 228 19.25 -8.37 -29.38
N MET E 229 20.09 -7.61 -30.07
CA MET E 229 20.17 -6.17 -29.83
C MET E 229 18.96 -5.44 -30.40
N VAL E 230 18.35 -6.03 -31.43
CA VAL E 230 17.18 -5.44 -32.06
C VAL E 230 15.93 -5.69 -31.25
N ALA E 231 15.74 -6.92 -30.79
CA ALA E 231 14.59 -7.26 -29.96
C ALA E 231 15.07 -7.10 -28.52
N SER E 232 14.24 -6.65 -27.59
CA SER E 232 14.72 -6.54 -26.22
C SER E 232 14.86 -7.98 -25.73
N ARG E 233 15.80 -8.71 -26.33
CA ARG E 233 16.04 -10.10 -25.98
C ARG E 233 17.46 -10.38 -25.57
N ALA E 234 17.64 -11.46 -24.83
CA ALA E 234 18.93 -11.87 -24.36
C ALA E 234 19.19 -13.28 -24.86
N ARG E 235 20.44 -13.70 -24.83
CA ARG E 235 20.80 -15.03 -25.29
C ARG E 235 20.12 -16.09 -24.40
N PRO E 236 19.30 -16.96 -24.99
CA PRO E 236 18.63 -17.99 -24.21
C PRO E 236 19.57 -18.76 -23.30
N GLU E 237 20.86 -18.80 -23.66
CA GLU E 237 21.88 -19.50 -22.87
C GLU E 237 22.21 -18.72 -21.61
N ASP E 238 22.25 -17.40 -21.73
CA ASP E 238 22.52 -16.53 -20.58
C ASP E 238 21.39 -16.58 -19.54
N ILE E 239 20.15 -16.58 -20.01
CA ILE E 239 19.01 -16.63 -19.10
C ILE E 239 19.03 -17.90 -18.29
N ARG E 240 19.31 -19.03 -18.93
CA ARG E 240 19.35 -20.30 -18.21
C ARG E 240 20.48 -20.32 -17.18
N GLU E 241 21.68 -19.92 -17.58
CA GLU E 241 22.80 -19.93 -16.65
C GLU E 241 22.43 -19.12 -15.42
N MET E 242 21.90 -17.92 -15.64
CA MET E 242 21.48 -17.04 -14.55
C MET E 242 20.57 -17.79 -13.58
N MET E 243 19.64 -18.57 -14.13
CA MET E 243 18.74 -19.30 -13.27
C MET E 243 19.41 -20.48 -12.58
N LEU E 244 20.11 -21.31 -13.33
CA LEU E 244 20.82 -22.47 -12.76
C LEU E 244 21.78 -22.01 -11.67
N LEU E 245 22.53 -20.96 -11.95
CA LEU E 245 23.45 -20.41 -10.97
C LEU E 245 22.70 -20.17 -9.67
N ALA E 246 21.52 -19.57 -9.77
CA ALA E 246 20.71 -19.27 -8.60
C ALA E 246 20.22 -20.55 -7.96
N LEU E 247 19.63 -21.42 -8.77
CA LEU E 247 19.12 -22.68 -8.29
C LEU E 247 20.21 -23.43 -7.52
N LYS E 248 21.37 -23.58 -8.15
CA LYS E 248 22.51 -24.27 -7.55
C LYS E 248 22.87 -23.66 -6.20
N GLY E 249 22.60 -22.37 -6.03
CA GLY E 249 22.91 -21.70 -4.78
C GLY E 249 23.84 -20.52 -4.92
N ASN E 250 24.23 -20.23 -6.16
CA ASN E 250 25.15 -19.14 -6.41
C ASN E 250 24.41 -17.84 -6.72
N PHE E 251 23.63 -17.41 -5.73
CA PHE E 251 22.82 -16.20 -5.79
C PHE E 251 23.62 -14.97 -6.22
N LEU E 252 24.70 -14.68 -5.52
CA LEU E 252 25.49 -13.52 -5.87
C LEU E 252 25.92 -13.56 -7.34
N LYS E 253 26.36 -14.72 -7.82
CA LYS E 253 26.77 -14.84 -9.21
C LYS E 253 25.61 -14.59 -10.17
N ALA E 254 24.44 -15.17 -9.88
CA ALA E 254 23.27 -14.97 -10.73
C ALA E 254 22.90 -13.47 -10.76
N ARG E 255 23.07 -12.79 -9.63
CA ARG E 255 22.78 -11.36 -9.56
C ARG E 255 23.74 -10.68 -10.53
N GLU E 256 24.95 -11.22 -10.60
CA GLU E 256 26.00 -10.70 -11.48
C GLU E 256 25.59 -10.88 -12.94
N LYS E 257 25.20 -12.10 -13.27
CA LYS E 257 24.76 -12.44 -14.61
C LYS E 257 23.62 -11.51 -15.00
N LEU E 258 22.60 -11.44 -14.14
CA LEU E 258 21.45 -10.58 -14.38
C LEU E 258 21.90 -9.15 -14.67
N ARG E 259 22.88 -8.70 -13.90
CA ARG E 259 23.42 -7.35 -14.06
C ARG E 259 23.96 -7.13 -15.47
N GLU E 260 24.69 -8.14 -15.97
CA GLU E 260 25.28 -8.09 -17.31
C GLU E 260 24.20 -8.10 -18.39
N ILE E 261 23.37 -9.14 -18.40
CA ILE E 261 22.31 -9.23 -19.38
C ILE E 261 21.54 -7.92 -19.42
N LEU E 262 21.29 -7.36 -18.25
CA LEU E 262 20.56 -6.11 -18.13
C LEU E 262 21.30 -4.95 -18.77
N LEU E 263 22.60 -4.87 -18.50
CA LEU E 263 23.43 -3.79 -19.03
C LEU E 263 23.73 -3.89 -20.53
N LYS E 264 23.98 -5.11 -21.01
CA LYS E 264 24.27 -5.35 -22.41
C LYS E 264 23.06 -5.20 -23.32
N GLN E 265 21.93 -5.71 -22.88
CA GLN E 265 20.73 -5.69 -23.68
C GLN E 265 19.79 -4.53 -23.39
N GLY E 266 19.88 -3.96 -22.20
CA GLY E 266 19.01 -2.85 -21.86
C GLY E 266 17.53 -3.22 -21.90
N LEU E 267 17.20 -4.50 -21.69
CA LEU E 267 15.81 -4.94 -21.70
C LEU E 267 15.08 -4.70 -20.38
N SER E 268 13.76 -4.75 -20.43
CA SER E 268 12.93 -4.51 -19.24
C SER E 268 12.76 -5.72 -18.34
N GLY E 269 12.27 -5.46 -17.13
CA GLY E 269 12.03 -6.52 -16.18
C GLY E 269 11.11 -7.51 -16.82
N GLU E 270 10.01 -7.02 -17.40
CA GLU E 270 9.07 -7.91 -18.07
C GLU E 270 9.78 -8.74 -19.13
N ASP E 271 10.68 -8.11 -19.88
CA ASP E 271 11.41 -8.82 -20.92
C ASP E 271 12.11 -10.02 -20.30
N VAL E 272 12.87 -9.79 -19.24
CA VAL E 272 13.58 -10.86 -18.56
C VAL E 272 12.63 -11.92 -17.99
N LEU E 273 11.57 -11.47 -17.34
CA LEU E 273 10.59 -12.37 -16.76
C LEU E 273 10.04 -13.32 -17.82
N VAL E 274 9.65 -12.77 -18.96
CA VAL E 274 9.09 -13.58 -20.05
C VAL E 274 10.11 -14.60 -20.56
N GLN E 275 11.36 -14.18 -20.75
CA GLN E 275 12.38 -15.11 -21.19
C GLN E 275 12.58 -16.16 -20.08
N MET E 276 12.56 -15.72 -18.82
CA MET E 276 12.70 -16.64 -17.70
C MET E 276 11.60 -17.69 -17.73
N HIS E 277 10.36 -17.25 -17.92
CA HIS E 277 9.23 -18.17 -17.99
C HIS E 277 9.36 -19.18 -19.14
N LYS E 278 10.12 -18.83 -20.17
CA LYS E 278 10.30 -19.72 -21.30
C LYS E 278 11.41 -20.73 -21.05
N GLU E 279 12.57 -20.24 -20.62
CA GLU E 279 13.70 -21.11 -20.38
C GLU E 279 13.57 -22.06 -19.18
N VAL E 280 12.82 -21.65 -18.17
CA VAL E 280 12.64 -22.47 -16.96
C VAL E 280 12.24 -23.89 -17.33
N PHE E 281 11.49 -24.04 -18.42
CA PHE E 281 11.02 -25.35 -18.84
C PHE E 281 12.01 -26.15 -19.67
N ASN E 282 13.18 -25.57 -19.93
CA ASN E 282 14.24 -26.24 -20.68
C ASN E 282 15.39 -26.45 -19.70
N LEU E 283 15.05 -26.67 -18.43
CA LEU E 283 16.07 -26.88 -17.41
C LEU E 283 16.04 -28.28 -16.80
N PRO E 284 17.23 -28.83 -16.51
CA PRO E 284 17.43 -30.15 -15.92
C PRO E 284 17.07 -30.05 -14.43
N ILE E 285 15.82 -29.72 -14.17
CA ILE E 285 15.31 -29.54 -12.82
C ILE E 285 14.16 -30.49 -12.57
N GLU E 286 14.11 -31.07 -11.37
CA GLU E 286 13.04 -32.00 -11.02
C GLU E 286 11.70 -31.28 -11.19
N GLU E 287 10.68 -32.00 -11.63
CA GLU E 287 9.38 -31.40 -11.88
C GLU E 287 8.86 -30.48 -10.78
N PRO E 288 8.83 -30.97 -9.52
CA PRO E 288 8.34 -30.16 -8.41
C PRO E 288 8.93 -28.76 -8.33
N LYS E 289 10.18 -28.61 -8.76
CA LYS E 289 10.81 -27.30 -8.70
C LYS E 289 10.31 -26.39 -9.80
N LYS E 290 9.87 -26.97 -10.91
CA LYS E 290 9.36 -26.20 -12.02
C LYS E 290 8.00 -25.66 -11.59
N VAL E 291 7.28 -26.46 -10.82
CA VAL E 291 5.96 -26.05 -10.34
C VAL E 291 6.12 -24.80 -9.49
N LEU E 292 7.06 -24.83 -8.55
CA LEU E 292 7.31 -23.69 -7.67
C LEU E 292 7.83 -22.48 -8.46
N LEU E 293 8.75 -22.75 -9.37
CA LEU E 293 9.31 -21.69 -10.19
C LEU E 293 8.20 -21.02 -10.98
N ALA E 294 7.34 -21.82 -11.61
CA ALA E 294 6.24 -21.28 -12.41
C ALA E 294 5.33 -20.36 -11.60
N ASP E 295 4.99 -20.79 -10.39
CA ASP E 295 4.13 -19.98 -9.54
C ASP E 295 4.76 -18.63 -9.21
N LYS E 296 6.05 -18.65 -8.88
CA LYS E 296 6.78 -17.45 -8.52
C LYS E 296 6.83 -16.44 -9.67
N ILE E 297 7.06 -16.93 -10.88
CA ILE E 297 7.11 -16.08 -12.05
C ILE E 297 5.75 -15.42 -12.25
N GLY E 298 4.69 -16.18 -11.99
CA GLY E 298 3.37 -15.59 -12.12
C GLY E 298 3.22 -14.46 -11.11
N GLU E 299 3.50 -14.75 -9.84
CA GLU E 299 3.39 -13.75 -8.80
C GLU E 299 4.22 -12.50 -9.05
N TYR E 300 5.48 -12.68 -9.44
CA TYR E 300 6.33 -11.52 -9.68
C TYR E 300 5.91 -10.72 -10.92
N ASN E 301 5.28 -11.40 -11.88
CA ASN E 301 4.79 -10.75 -13.08
C ASN E 301 3.71 -9.78 -12.65
N PHE E 302 2.90 -10.21 -11.69
CA PHE E 302 1.85 -9.34 -11.21
C PHE E 302 2.42 -8.16 -10.40
N ARG E 303 3.55 -8.36 -9.75
CA ARG E 303 4.15 -7.29 -8.96
C ARG E 303 4.65 -6.20 -9.89
N LEU E 304 5.17 -6.61 -11.04
CA LEU E 304 5.68 -5.68 -12.03
C LEU E 304 4.48 -4.89 -12.56
N VAL E 305 3.39 -5.60 -12.86
CA VAL E 305 2.16 -4.97 -13.33
C VAL E 305 1.70 -3.88 -12.35
N GLU E 306 1.84 -4.10 -11.05
CA GLU E 306 1.41 -3.09 -10.10
C GLU E 306 2.37 -1.92 -9.99
N GLY E 307 3.57 -2.05 -10.56
CA GLY E 307 4.53 -0.96 -10.51
C GLY E 307 5.73 -1.19 -9.61
N ALA E 308 5.87 -2.42 -9.11
CA ALA E 308 7.00 -2.72 -8.25
C ALA E 308 8.30 -2.44 -9.01
N ASN E 309 9.36 -2.15 -8.25
CA ASN E 309 10.68 -1.86 -8.79
C ASN E 309 11.30 -3.07 -9.54
N GLU E 310 11.54 -2.89 -10.83
CA GLU E 310 12.10 -3.95 -11.68
C GLU E 310 13.31 -4.73 -11.18
N ILE E 311 14.39 -4.02 -10.86
CA ILE E 311 15.61 -4.67 -10.40
C ILE E 311 15.47 -5.30 -9.03
N ILE E 312 14.78 -4.60 -8.12
CA ILE E 312 14.56 -5.14 -6.80
C ILE E 312 13.75 -6.43 -6.89
N GLN E 313 12.71 -6.43 -7.72
CA GLN E 313 11.87 -7.61 -7.88
C GLN E 313 12.54 -8.77 -8.58
N LEU E 314 13.36 -8.47 -9.58
CA LEU E 314 14.07 -9.49 -10.32
C LEU E 314 15.08 -10.19 -9.39
N GLU E 315 15.77 -9.41 -8.57
CA GLU E 315 16.74 -9.97 -7.64
C GLU E 315 16.01 -10.76 -6.55
N ALA E 316 14.84 -10.29 -6.14
CA ALA E 316 14.07 -11.00 -5.12
C ALA E 316 13.57 -12.33 -5.70
N LEU E 317 13.36 -12.37 -7.02
CA LEU E 317 12.90 -13.57 -7.69
C LEU E 317 14.05 -14.59 -7.80
N LEU E 318 15.26 -14.10 -8.08
CA LEU E 318 16.42 -14.99 -8.18
C LEU E 318 16.70 -15.62 -6.81
N ALA E 319 16.50 -14.84 -5.75
CA ALA E 319 16.71 -15.33 -4.39
C ALA E 319 15.67 -16.42 -4.11
N GLN E 320 14.49 -16.26 -4.70
CA GLN E 320 13.46 -17.26 -4.54
C GLN E 320 13.94 -18.53 -5.22
N PHE E 321 14.66 -18.40 -6.33
CA PHE E 321 15.20 -19.55 -7.02
C PHE E 321 16.23 -20.26 -6.14
N THR E 322 17.11 -19.49 -5.52
CA THR E 322 18.08 -20.08 -4.62
C THR E 322 17.33 -20.81 -3.51
N LEU E 323 16.19 -20.27 -3.10
CA LEU E 323 15.40 -20.88 -2.05
C LEU E 323 14.72 -22.17 -2.53
N ILE E 324 14.14 -22.14 -3.73
CA ILE E 324 13.50 -23.32 -4.28
C ILE E 324 14.53 -24.38 -4.63
N GLY E 325 15.77 -23.95 -4.83
CA GLY E 325 16.84 -24.88 -5.17
C GLY E 325 17.30 -25.74 -4.02
N LYS E 326 17.30 -25.19 -2.79
CA LYS E 326 17.70 -25.93 -1.60
C LYS E 326 16.71 -27.07 -1.36
N LYS E 327 15.49 -26.86 -1.84
CA LYS E 327 14.40 -27.83 -1.72
C LYS E 327 14.06 -28.17 -0.26
N SER F 2 26.42 32.96 5.22
CA SER F 2 25.70 32.54 3.98
C SER F 2 26.32 33.16 2.73
N GLU F 3 25.65 32.98 1.59
CA GLU F 3 26.13 33.53 0.32
C GLU F 3 25.11 34.57 -0.19
N GLU F 4 25.46 35.85 -0.04
CA GLU F 4 24.57 36.94 -0.45
C GLU F 4 23.92 36.73 -1.82
N ILE F 5 24.67 36.99 -2.89
CA ILE F 5 24.15 36.82 -4.24
C ILE F 5 24.68 35.55 -4.90
N ARG F 6 25.69 34.94 -4.29
CA ARG F 6 26.26 33.70 -4.83
C ARG F 6 25.13 32.69 -5.04
N GLU F 7 24.26 32.59 -4.03
CA GLU F 7 23.11 31.68 -4.08
C GLU F 7 22.04 32.25 -5.01
N VAL F 8 22.48 32.93 -6.06
CA VAL F 8 21.58 33.51 -7.05
C VAL F 8 22.20 33.34 -8.44
N LYS F 9 23.53 33.41 -8.52
CA LYS F 9 24.21 33.24 -9.80
C LYS F 9 24.73 31.82 -9.96
N VAL F 10 25.14 31.20 -8.86
CA VAL F 10 25.65 29.82 -8.92
C VAL F 10 24.49 28.87 -9.19
N LEU F 11 23.28 29.41 -9.21
CA LEU F 11 22.10 28.60 -9.46
C LEU F 11 20.99 29.36 -10.17
N GLU F 12 21.31 30.04 -11.26
CA GLU F 12 20.31 30.79 -12.02
C GLU F 12 20.08 30.10 -13.37
N LYS F 13 21.11 29.39 -13.83
CA LYS F 13 21.06 28.66 -15.08
C LYS F 13 21.49 27.22 -14.78
N PRO F 14 20.70 26.23 -15.23
CA PRO F 14 20.99 24.81 -15.02
C PRO F 14 22.31 24.39 -15.64
N TRP F 15 23.26 23.95 -14.80
CA TRP F 15 24.57 23.56 -15.29
C TRP F 15 24.53 22.38 -16.25
N VAL F 16 23.37 21.76 -16.41
CA VAL F 16 23.23 20.65 -17.33
C VAL F 16 22.92 21.25 -18.69
N GLU F 17 22.28 22.42 -18.68
CA GLU F 17 21.95 23.16 -19.90
C GLU F 17 22.89 24.37 -19.98
N LYS F 18 24.15 24.13 -19.63
CA LYS F 18 25.19 25.16 -19.65
C LYS F 18 26.51 24.49 -19.97
N TYR F 19 26.68 23.28 -19.46
CA TYR F 19 27.89 22.52 -19.71
C TYR F 19 27.58 21.34 -20.61
N ARG F 20 26.36 21.32 -21.14
CA ARG F 20 25.92 20.26 -22.04
C ARG F 20 26.68 20.26 -23.35
N PRO F 21 27.34 19.14 -23.68
CA PRO F 21 28.09 19.06 -24.93
C PRO F 21 27.27 19.58 -26.10
N GLN F 22 27.92 20.36 -26.97
CA GLN F 22 27.27 20.94 -28.12
C GLN F 22 27.86 20.35 -29.40
N ARG F 23 28.77 19.41 -29.23
CA ARG F 23 29.45 18.76 -30.34
C ARG F 23 29.49 17.26 -30.08
N LEU F 24 29.07 16.47 -31.05
CA LEU F 24 29.08 15.01 -30.89
C LEU F 24 30.37 14.50 -30.27
N ASP F 25 31.49 15.13 -30.61
CA ASP F 25 32.79 14.71 -30.06
C ASP F 25 33.02 15.19 -28.64
N ASP F 26 32.05 15.93 -28.10
CA ASP F 26 32.13 16.43 -26.73
C ASP F 26 31.33 15.49 -25.81
N ILE F 27 30.98 14.32 -26.33
CA ILE F 27 30.21 13.33 -25.60
C ILE F 27 31.07 12.15 -25.14
N VAL F 28 30.89 11.74 -23.88
CA VAL F 28 31.65 10.62 -23.31
C VAL F 28 30.79 9.40 -23.01
N GLY F 29 31.37 8.21 -23.20
CA GLY F 29 30.66 6.99 -22.90
C GLY F 29 29.87 6.32 -24.01
N GLN F 30 29.31 7.09 -24.92
CA GLN F 30 28.52 6.51 -26.00
C GLN F 30 29.29 6.43 -27.31
N GLU F 31 30.55 6.02 -27.23
CA GLU F 31 31.42 5.94 -28.40
C GLU F 31 30.83 5.39 -29.69
N HIS F 32 30.53 4.10 -29.71
CA HIS F 32 29.97 3.46 -30.90
C HIS F 32 28.71 4.16 -31.39
N ILE F 33 27.99 4.78 -30.46
CA ILE F 33 26.77 5.50 -30.80
C ILE F 33 27.13 6.81 -31.47
N VAL F 34 28.15 7.50 -30.95
CA VAL F 34 28.61 8.77 -31.51
C VAL F 34 29.11 8.55 -32.93
N LYS F 35 29.86 7.46 -33.12
CA LYS F 35 30.39 7.13 -34.43
C LYS F 35 29.24 7.13 -35.42
N ARG F 36 28.21 6.35 -35.13
CA ARG F 36 27.02 6.25 -35.99
C ARG F 36 26.37 7.60 -36.23
N LEU F 37 26.24 8.39 -35.16
CA LEU F 37 25.62 9.70 -35.28
C LEU F 37 26.40 10.65 -36.18
N LYS F 38 27.73 10.62 -36.07
CA LYS F 38 28.56 11.49 -36.92
C LYS F 38 28.35 11.14 -38.39
N HIS F 39 28.20 9.86 -38.67
CA HIS F 39 28.01 9.40 -40.04
C HIS F 39 26.74 10.03 -40.64
N TYR F 40 25.80 10.44 -39.79
CA TYR F 40 24.57 11.05 -40.28
C TYR F 40 24.83 12.48 -40.74
N VAL F 41 25.46 13.28 -39.87
CA VAL F 41 25.74 14.67 -40.20
C VAL F 41 26.71 14.76 -41.39
N LYS F 42 27.47 13.68 -41.61
CA LYS F 42 28.43 13.64 -42.71
C LYS F 42 27.89 12.95 -43.95
N THR F 43 26.58 13.05 -44.19
CA THR F 43 25.95 12.45 -45.37
C THR F 43 24.66 13.21 -45.64
N GLY F 44 24.15 13.87 -44.61
CA GLY F 44 22.93 14.63 -44.77
C GLY F 44 21.69 13.73 -44.76
N SER F 45 21.90 12.43 -44.54
CA SER F 45 20.77 11.52 -44.50
C SER F 45 20.75 10.69 -43.22
N MET F 46 19.57 10.58 -42.62
CA MET F 46 19.38 9.81 -41.41
C MET F 46 17.93 9.35 -41.38
N PRO F 47 17.68 8.11 -40.93
CA PRO F 47 16.29 7.64 -40.87
C PRO F 47 15.74 8.10 -39.54
N HIS F 48 14.59 7.57 -39.15
CA HIS F 48 14.01 7.91 -37.86
C HIS F 48 14.87 7.26 -36.79
N LEU F 49 15.01 7.93 -35.65
CA LEU F 49 15.83 7.39 -34.56
C LEU F 49 15.05 6.96 -33.32
N LEU F 50 15.45 5.82 -32.76
CA LEU F 50 14.84 5.30 -31.54
C LEU F 50 15.95 5.19 -30.51
N PHE F 51 15.90 6.05 -29.49
CA PHE F 51 16.91 6.05 -28.44
C PHE F 51 16.39 5.36 -27.18
N ALA F 52 17.03 4.24 -26.83
CA ALA F 52 16.64 3.46 -25.67
C ALA F 52 17.70 3.50 -24.59
N GLY F 53 17.26 3.64 -23.34
CA GLY F 53 18.19 3.69 -22.22
C GLY F 53 17.71 4.53 -21.05
N PRO F 54 18.57 4.75 -20.05
CA PRO F 54 18.20 5.57 -18.88
C PRO F 54 18.29 7.06 -19.16
N PRO F 55 17.75 7.89 -18.26
CA PRO F 55 17.79 9.34 -18.44
C PRO F 55 19.15 9.88 -18.04
N GLY F 56 19.40 11.13 -18.44
CA GLY F 56 20.66 11.79 -18.11
C GLY F 56 21.90 10.99 -18.35
N VAL F 57 21.94 10.22 -19.44
CA VAL F 57 23.12 9.44 -19.72
C VAL F 57 23.63 9.72 -21.14
N GLY F 58 22.93 10.60 -21.87
CA GLY F 58 23.34 10.96 -23.21
C GLY F 58 22.24 11.11 -24.27
N LYS F 59 21.10 10.48 -24.05
CA LYS F 59 20.00 10.56 -25.01
C LYS F 59 19.58 11.95 -25.49
N THR F 60 19.42 12.92 -24.60
CA THR F 60 19.00 14.23 -25.10
C THR F 60 20.16 15.13 -25.51
N THR F 61 21.32 15.00 -24.87
CA THR F 61 22.45 15.83 -25.27
C THR F 61 22.93 15.36 -26.64
N ALA F 62 22.69 14.10 -26.95
CA ALA F 62 23.09 13.54 -28.25
C ALA F 62 22.08 13.91 -29.32
N ALA F 63 20.90 14.35 -28.89
CA ALA F 63 19.87 14.77 -29.84
C ALA F 63 20.17 16.20 -30.23
N LEU F 64 20.52 17.01 -29.22
CA LEU F 64 20.84 18.41 -29.42
C LEU F 64 22.20 18.54 -30.11
N ALA F 65 23.18 17.77 -29.65
CA ALA F 65 24.52 17.80 -30.22
C ALA F 65 24.49 17.32 -31.67
N LEU F 66 23.34 16.82 -32.11
CA LEU F 66 23.19 16.35 -33.48
C LEU F 66 22.46 17.44 -34.25
N ALA F 67 21.50 18.07 -33.59
CA ALA F 67 20.75 19.15 -34.21
C ALA F 67 21.76 20.25 -34.50
N ARG F 68 22.66 20.49 -33.55
CA ARG F 68 23.69 21.50 -33.69
C ARG F 68 24.55 21.23 -34.92
N GLU F 69 25.26 20.10 -34.91
CA GLU F 69 26.11 19.76 -36.03
C GLU F 69 25.36 19.61 -37.35
N LEU F 70 24.03 19.67 -37.32
CA LEU F 70 23.25 19.54 -38.55
C LEU F 70 22.54 20.81 -38.96
N PHE F 71 22.16 21.62 -37.99
CA PHE F 71 21.44 22.85 -38.27
C PHE F 71 22.20 24.10 -37.85
N GLY F 72 23.45 23.94 -37.44
CA GLY F 72 24.24 25.07 -37.00
C GLY F 72 23.42 25.99 -36.09
N GLU F 73 23.60 27.30 -36.22
CA GLU F 73 22.87 28.23 -35.40
C GLU F 73 21.37 28.12 -35.69
N ASN F 74 21.02 27.38 -36.74
CA ASN F 74 19.62 27.20 -37.12
C ASN F 74 18.94 26.04 -36.41
N TRP F 75 19.54 25.54 -35.33
CA TRP F 75 18.94 24.43 -34.61
C TRP F 75 17.67 24.83 -33.85
N ARG F 76 17.72 25.95 -33.14
CA ARG F 76 16.55 26.39 -32.39
C ARG F 76 15.28 26.57 -33.22
N HIS F 77 15.38 26.48 -34.54
CA HIS F 77 14.18 26.64 -35.36
C HIS F 77 13.90 25.44 -36.25
N ASN F 78 14.86 24.52 -36.30
CA ASN F 78 14.69 23.31 -37.11
C ASN F 78 14.52 22.07 -36.24
N PHE F 79 14.97 22.16 -34.99
CA PHE F 79 14.88 21.07 -34.03
C PHE F 79 13.86 21.35 -32.94
N LEU F 80 12.80 20.56 -32.91
CA LEU F 80 11.74 20.72 -31.93
C LEU F 80 11.74 19.58 -30.91
N GLU F 81 11.44 19.91 -29.66
CA GLU F 81 11.41 18.90 -28.60
C GLU F 81 10.07 18.90 -27.89
N LEU F 82 9.44 17.73 -27.85
CA LEU F 82 8.15 17.60 -27.18
C LEU F 82 8.13 16.38 -26.27
N ASN F 83 7.63 16.58 -25.05
CA ASN F 83 7.54 15.49 -24.10
C ASN F 83 6.21 14.78 -24.29
N ALA F 84 6.29 13.51 -24.68
CA ALA F 84 5.11 12.71 -24.94
C ALA F 84 4.16 12.58 -23.77
N SER F 85 4.67 12.65 -22.55
CA SER F 85 3.82 12.53 -21.36
C SER F 85 3.18 13.86 -20.95
N ASP F 86 4.00 14.77 -20.42
CA ASP F 86 3.50 16.08 -19.98
C ASP F 86 2.51 16.70 -20.96
N GLU F 87 2.85 16.66 -22.24
CA GLU F 87 1.99 17.23 -23.27
C GLU F 87 0.55 16.75 -23.09
N ARG F 88 -0.40 17.68 -23.19
CA ARG F 88 -1.83 17.39 -23.03
C ARG F 88 -2.24 15.99 -23.49
N GLY F 89 -2.01 15.69 -24.77
CA GLY F 89 -2.38 14.38 -25.29
C GLY F 89 -1.87 14.11 -26.70
N ILE F 90 -2.21 12.93 -27.23
CA ILE F 90 -1.79 12.50 -28.56
C ILE F 90 -2.10 13.58 -29.60
N ASN F 91 -3.34 14.05 -29.59
CA ASN F 91 -3.80 15.07 -30.53
C ASN F 91 -2.93 16.32 -30.46
N VAL F 92 -2.76 16.88 -29.26
CA VAL F 92 -1.92 18.05 -29.10
C VAL F 92 -0.53 17.77 -29.68
N ILE F 93 -0.15 16.50 -29.63
CA ILE F 93 1.15 16.06 -30.15
C ILE F 93 1.14 16.05 -31.68
N ARG F 94 0.19 15.32 -32.27
CA ARG F 94 0.08 15.26 -33.73
C ARG F 94 -0.26 16.64 -34.28
N GLU F 95 -0.49 17.58 -33.36
CA GLU F 95 -0.85 18.95 -33.72
C GLU F 95 0.36 19.88 -33.83
N LYS F 96 1.09 20.00 -32.71
CA LYS F 96 2.27 20.87 -32.67
C LYS F 96 3.26 20.57 -33.79
N VAL F 97 3.36 19.29 -34.18
CA VAL F 97 4.25 18.87 -35.25
C VAL F 97 3.64 19.17 -36.61
N LYS F 98 2.31 19.18 -36.66
CA LYS F 98 1.57 19.45 -37.88
C LYS F 98 1.86 20.85 -38.43
N GLU F 99 2.18 21.79 -37.54
CA GLU F 99 2.49 23.15 -37.94
C GLU F 99 3.99 23.36 -38.09
N PHE F 100 4.76 22.51 -37.42
CA PHE F 100 6.22 22.58 -37.46
C PHE F 100 6.76 21.95 -38.74
N ALA F 101 6.18 20.82 -39.12
CA ALA F 101 6.62 20.09 -40.30
C ALA F 101 5.88 20.49 -41.58
N ARG F 102 5.24 21.65 -41.55
CA ARG F 102 4.50 22.12 -42.74
C ARG F 102 5.31 23.21 -43.45
N THR F 103 6.32 23.73 -42.77
CA THR F 103 7.16 24.77 -43.35
C THR F 103 8.61 24.29 -43.48
N LYS F 104 9.15 24.41 -44.69
CA LYS F 104 10.52 24.00 -44.99
C LYS F 104 11.52 24.42 -43.91
N PRO F 105 12.70 23.79 -43.92
CA PRO F 105 13.76 24.08 -42.95
C PRO F 105 14.31 25.50 -43.11
N ILE F 106 15.46 25.75 -42.50
CA ILE F 106 16.09 27.06 -42.54
C ILE F 106 17.60 26.88 -42.70
N GLY F 107 18.17 27.56 -43.69
CA GLY F 107 19.60 27.45 -43.92
C GLY F 107 19.90 26.41 -44.97
N GLY F 108 18.86 25.92 -45.63
CA GLY F 108 19.03 24.93 -46.68
C GLY F 108 19.11 23.50 -46.18
N ALA F 109 18.81 23.30 -44.90
CA ALA F 109 18.84 21.96 -44.32
C ALA F 109 17.78 21.12 -45.02
N SER F 110 18.15 19.89 -45.38
CA SER F 110 17.23 19.00 -46.07
C SER F 110 15.99 18.63 -45.26
N PHE F 111 16.12 18.59 -43.94
CA PHE F 111 14.99 18.26 -43.08
C PHE F 111 15.11 18.85 -41.67
N LYS F 112 13.97 18.90 -40.98
CA LYS F 112 13.90 19.40 -39.60
C LYS F 112 13.78 18.17 -38.71
N ILE F 113 13.89 18.36 -37.39
CA ILE F 113 13.81 17.24 -36.48
C ILE F 113 12.89 17.46 -35.29
N ILE F 114 12.16 16.40 -34.91
CA ILE F 114 11.27 16.45 -33.76
C ILE F 114 11.76 15.43 -32.76
N PHE F 115 11.88 15.85 -31.50
CA PHE F 115 12.35 14.96 -30.46
C PHE F 115 11.24 14.61 -29.49
N LEU F 116 10.70 13.40 -29.63
CA LEU F 116 9.63 12.94 -28.75
C LEU F 116 10.26 12.27 -27.54
N ASP F 117 10.29 13.01 -26.43
CA ASP F 117 10.85 12.52 -25.19
C ASP F 117 9.79 11.71 -24.45
N GLU F 118 10.24 10.66 -23.76
CA GLU F 118 9.31 9.78 -23.02
C GLU F 118 8.21 9.31 -23.96
N ALA F 119 8.63 8.73 -25.09
CA ALA F 119 7.71 8.24 -26.09
C ALA F 119 7.01 6.95 -25.68
N ASP F 120 7.63 6.16 -24.83
CA ASP F 120 7.00 4.92 -24.40
C ASP F 120 5.93 5.19 -23.36
N ALA F 121 5.75 6.46 -23.03
CA ALA F 121 4.74 6.85 -22.07
C ALA F 121 3.38 6.87 -22.78
N LEU F 122 3.43 6.75 -24.10
CA LEU F 122 2.22 6.76 -24.91
C LEU F 122 1.53 5.42 -24.89
N THR F 123 0.20 5.46 -24.94
CA THR F 123 -0.60 4.25 -24.95
C THR F 123 -0.41 3.63 -26.34
N GLN F 124 -0.93 2.43 -26.54
CA GLN F 124 -0.79 1.80 -27.84
C GLN F 124 -1.53 2.59 -28.89
N ASP F 125 -2.73 3.05 -28.57
CA ASP F 125 -3.52 3.82 -29.53
C ASP F 125 -2.76 5.09 -29.89
N ALA F 126 -2.18 5.73 -28.88
CA ALA F 126 -1.41 6.95 -29.06
C ALA F 126 -0.27 6.68 -30.05
N GLN F 127 0.41 5.56 -29.87
CA GLN F 127 1.53 5.19 -30.74
C GLN F 127 1.06 4.87 -32.16
N GLN F 128 -0.25 4.69 -32.31
CA GLN F 128 -0.84 4.40 -33.61
C GLN F 128 -0.97 5.73 -34.34
N ALA F 129 -1.38 6.76 -33.59
CA ALA F 129 -1.56 8.10 -34.11
C ALA F 129 -0.21 8.67 -34.54
N LEU F 130 0.73 8.67 -33.61
CA LEU F 130 2.07 9.17 -33.89
C LEU F 130 2.66 8.41 -35.10
N ARG F 131 2.35 7.13 -35.19
CA ARG F 131 2.85 6.29 -36.28
C ARG F 131 2.44 6.88 -37.62
N ARG F 132 1.14 7.11 -37.79
CA ARG F 132 0.64 7.69 -39.03
C ARG F 132 1.26 9.05 -39.28
N THR F 133 1.24 9.90 -38.26
CA THR F 133 1.81 11.23 -38.36
C THR F 133 3.29 11.18 -38.70
N MET F 134 3.98 10.14 -38.22
CA MET F 134 5.41 9.99 -38.49
C MET F 134 5.62 9.75 -39.97
N GLU F 135 4.75 8.95 -40.55
CA GLU F 135 4.82 8.60 -41.96
C GLU F 135 4.30 9.73 -42.84
N MET F 136 3.35 10.49 -42.29
CA MET F 136 2.75 11.61 -43.00
C MET F 136 3.81 12.63 -43.41
N PHE F 137 4.62 13.06 -42.43
CA PHE F 137 5.67 14.03 -42.68
C PHE F 137 7.04 13.34 -42.75
N SER F 138 7.11 12.19 -43.40
CA SER F 138 8.36 11.44 -43.50
C SER F 138 9.42 12.08 -44.39
N SER F 139 9.01 13.02 -45.24
CA SER F 139 9.95 13.68 -46.14
C SER F 139 10.54 14.95 -45.53
N ASN F 140 9.69 15.78 -44.94
CA ASN F 140 10.13 17.02 -44.33
C ASN F 140 10.82 16.89 -42.97
N VAL F 141 10.26 16.05 -42.09
CA VAL F 141 10.83 15.85 -40.75
C VAL F 141 11.31 14.44 -40.44
N ARG F 142 12.37 14.36 -39.62
CA ARG F 142 12.93 13.10 -39.18
C ARG F 142 12.62 13.02 -37.70
N PHE F 143 12.14 11.87 -37.22
CA PHE F 143 11.80 11.73 -35.80
C PHE F 143 12.84 11.03 -34.93
N ILE F 144 13.01 11.55 -33.72
CA ILE F 144 13.92 10.95 -32.75
C ILE F 144 13.05 10.63 -31.52
N LEU F 145 12.75 9.36 -31.34
CA LEU F 145 11.92 8.89 -30.23
C LEU F 145 12.78 8.37 -29.09
N SER F 146 12.56 8.92 -27.90
CA SER F 146 13.31 8.51 -26.71
C SER F 146 12.41 7.65 -25.84
N CYS F 147 12.96 6.55 -25.33
CA CYS F 147 12.16 5.65 -24.51
C CYS F 147 13.06 4.89 -23.54
N ASN F 148 12.47 4.42 -22.45
CA ASN F 148 13.23 3.67 -21.47
C ASN F 148 13.54 2.27 -21.98
N TYR F 149 12.62 1.72 -22.76
CA TYR F 149 12.81 0.39 -23.34
C TYR F 149 12.16 0.35 -24.71
N SER F 150 12.89 -0.21 -25.66
CA SER F 150 12.39 -0.33 -27.01
C SER F 150 11.19 -1.26 -27.06
N SER F 151 11.14 -2.21 -26.12
CA SER F 151 10.04 -3.18 -26.07
C SER F 151 8.70 -2.56 -25.66
N LYS F 152 8.70 -1.27 -25.35
CA LYS F 152 7.47 -0.59 -24.98
C LYS F 152 7.00 0.32 -26.10
N ILE F 153 7.63 0.16 -27.27
CA ILE F 153 7.30 0.92 -28.47
C ILE F 153 6.73 -0.11 -29.43
N ILE F 154 5.55 0.16 -29.98
CA ILE F 154 4.91 -0.77 -30.90
C ILE F 154 5.83 -1.11 -32.08
N GLU F 155 5.79 -2.36 -32.51
CA GLU F 155 6.63 -2.82 -33.61
C GLU F 155 6.61 -1.99 -34.89
N PRO F 156 5.43 -1.52 -35.32
CA PRO F 156 5.39 -0.71 -36.54
C PRO F 156 6.37 0.46 -36.52
N ILE F 157 6.55 1.07 -35.36
CA ILE F 157 7.47 2.21 -35.24
C ILE F 157 8.93 1.79 -35.13
N GLN F 158 9.19 0.69 -34.44
CA GLN F 158 10.55 0.21 -34.27
C GLN F 158 11.17 -0.25 -35.58
N SER F 159 10.34 -0.85 -36.44
CA SER F 159 10.77 -1.36 -37.74
C SER F 159 11.07 -0.24 -38.72
N ARG F 160 10.95 1.01 -38.25
CA ARG F 160 11.23 2.15 -39.09
C ARG F 160 12.37 2.99 -38.55
N CYS F 161 12.87 2.62 -37.38
CA CYS F 161 13.96 3.38 -36.76
C CYS F 161 15.28 2.65 -36.66
N ALA F 162 16.33 3.43 -36.47
CA ALA F 162 17.66 2.91 -36.27
C ALA F 162 17.72 2.87 -34.75
N ILE F 163 17.96 1.69 -34.18
CA ILE F 163 18.00 1.57 -32.73
C ILE F 163 19.35 1.88 -32.09
N PHE F 164 19.31 2.68 -31.03
CA PHE F 164 20.50 3.05 -30.28
C PHE F 164 20.29 2.74 -28.79
N ARG F 165 21.24 2.06 -28.16
CA ARG F 165 21.12 1.73 -26.74
C ARG F 165 22.15 2.44 -25.90
N PHE F 166 21.69 3.46 -25.17
CA PHE F 166 22.57 4.24 -24.30
C PHE F 166 22.76 3.57 -22.94
N ARG F 167 24.02 3.39 -22.54
CA ARG F 167 24.31 2.75 -21.26
C ARG F 167 24.80 3.75 -20.22
N PRO F 168 24.86 3.34 -18.94
CA PRO F 168 25.34 4.24 -17.89
C PRO F 168 26.81 4.62 -18.04
N LEU F 169 27.13 5.89 -17.82
CA LEU F 169 28.50 6.37 -17.94
C LEU F 169 29.37 5.80 -16.82
N ARG F 170 30.65 5.61 -17.13
CA ARG F 170 31.58 5.12 -16.13
C ARG F 170 31.90 6.23 -15.14
N ASP F 171 32.20 5.86 -13.90
CA ASP F 171 32.51 6.85 -12.88
C ASP F 171 33.64 7.77 -13.32
N GLU F 172 34.61 7.21 -14.05
CA GLU F 172 35.73 8.00 -14.53
C GLU F 172 35.26 9.28 -15.24
N ASP F 173 34.60 9.10 -16.38
CA ASP F 173 34.11 10.23 -17.16
C ASP F 173 33.26 11.23 -16.39
N ILE F 174 32.39 10.73 -15.52
CA ILE F 174 31.52 11.60 -14.73
C ILE F 174 32.32 12.55 -13.85
N ALA F 175 33.41 12.05 -13.28
CA ALA F 175 34.27 12.86 -12.43
C ALA F 175 35.03 13.89 -13.27
N LYS F 176 35.56 13.44 -14.40
CA LYS F 176 36.30 14.32 -15.29
C LYS F 176 35.50 15.60 -15.55
N ARG F 177 34.23 15.43 -15.88
CA ARG F 177 33.38 16.58 -16.15
C ARG F 177 32.97 17.35 -14.90
N LEU F 178 32.86 16.66 -13.78
CA LEU F 178 32.46 17.30 -12.54
C LEU F 178 33.54 18.26 -12.04
N ARG F 179 34.80 17.88 -12.22
CA ARG F 179 35.92 18.73 -11.80
C ARG F 179 35.93 19.98 -12.66
N TYR F 180 35.71 19.79 -13.96
CA TYR F 180 35.66 20.88 -14.92
C TYR F 180 34.64 21.92 -14.46
N ILE F 181 33.37 21.53 -14.41
CA ILE F 181 32.31 22.43 -13.96
C ILE F 181 32.73 23.04 -12.64
N ALA F 182 33.39 22.24 -11.82
CA ALA F 182 33.85 22.67 -10.51
C ALA F 182 34.83 23.84 -10.62
N GLU F 183 35.86 23.67 -11.43
CA GLU F 183 36.86 24.73 -11.61
C GLU F 183 36.22 26.02 -12.08
N ASN F 184 35.64 25.98 -13.28
CA ASN F 184 35.00 27.16 -13.88
C ASN F 184 33.87 27.77 -13.06
N GLU F 185 33.50 27.12 -11.96
CA GLU F 185 32.43 27.63 -11.11
C GLU F 185 32.95 28.05 -9.75
N GLY F 186 34.22 27.72 -9.49
CA GLY F 186 34.85 28.06 -8.22
C GLY F 186 34.25 27.27 -7.08
N LEU F 187 34.65 26.01 -6.97
CA LEU F 187 34.13 25.14 -5.91
C LEU F 187 35.22 24.29 -5.28
N GLU F 188 35.11 24.10 -3.96
CA GLU F 188 36.06 23.28 -3.22
C GLU F 188 35.54 21.85 -3.38
N LEU F 189 35.86 21.23 -4.51
CA LEU F 189 35.41 19.89 -4.80
C LEU F 189 36.18 18.87 -3.97
N THR F 190 35.78 18.74 -2.71
CA THR F 190 36.42 17.81 -1.79
C THR F 190 36.35 16.37 -2.29
N GLU F 191 37.40 15.62 -2.02
CA GLU F 191 37.46 14.23 -2.46
C GLU F 191 36.24 13.46 -1.97
N GLU F 192 35.74 13.82 -0.78
CA GLU F 192 34.57 13.17 -0.21
C GLU F 192 33.34 13.45 -1.04
N GLY F 193 32.91 14.71 -1.03
CA GLY F 193 31.75 15.12 -1.79
C GLY F 193 31.73 14.55 -3.19
N LEU F 194 32.91 14.32 -3.77
CA LEU F 194 32.99 13.76 -5.12
C LEU F 194 32.48 12.34 -5.09
N GLN F 195 33.14 11.49 -4.32
CA GLN F 195 32.76 10.09 -4.21
C GLN F 195 31.28 9.93 -3.93
N ALA F 196 30.74 10.81 -3.09
CA ALA F 196 29.33 10.79 -2.76
C ALA F 196 28.51 10.86 -4.04
N ILE F 197 28.65 11.98 -4.75
CA ILE F 197 27.94 12.21 -6.01
C ILE F 197 28.06 11.03 -6.98
N LEU F 198 29.21 10.38 -7.02
CA LEU F 198 29.40 9.24 -7.91
C LEU F 198 28.59 8.04 -7.41
N TYR F 199 28.72 7.74 -6.13
CA TYR F 199 28.02 6.63 -5.52
C TYR F 199 26.51 6.77 -5.67
N ILE F 200 26.02 8.00 -5.63
CA ILE F 200 24.60 8.27 -5.75
C ILE F 200 24.10 8.31 -7.18
N ALA F 201 24.91 8.86 -8.07
CA ALA F 201 24.56 8.99 -9.49
C ALA F 201 24.64 7.66 -10.21
N GLU F 202 25.62 6.86 -9.83
CA GLU F 202 25.85 5.56 -10.43
C GLU F 202 25.59 5.48 -11.92
N GLY F 203 26.30 6.30 -12.68
CA GLY F 203 26.18 6.31 -14.13
C GLY F 203 25.35 7.40 -14.76
N ASP F 204 24.56 8.12 -13.97
CA ASP F 204 23.70 9.17 -14.50
C ASP F 204 24.36 10.54 -14.45
N MET F 205 24.94 10.95 -15.58
CA MET F 205 25.61 12.24 -15.71
C MET F 205 24.76 13.38 -15.17
N ARG F 206 23.57 13.54 -15.74
CA ARG F 206 22.67 14.62 -15.33
C ARG F 206 22.54 14.66 -13.81
N ARG F 207 22.02 13.59 -13.25
CA ARG F 207 21.80 13.46 -11.81
C ARG F 207 23.03 13.91 -11.01
N ALA F 208 24.22 13.52 -11.48
CA ALA F 208 25.46 13.89 -10.80
C ALA F 208 25.65 15.40 -10.80
N ILE F 209 25.40 16.03 -11.95
CA ILE F 209 25.53 17.48 -12.08
C ILE F 209 24.50 18.22 -11.24
N ASN F 210 23.22 17.91 -11.44
CA ASN F 210 22.16 18.56 -10.67
C ASN F 210 22.51 18.55 -9.19
N ILE F 211 23.08 17.45 -8.72
CA ILE F 211 23.47 17.33 -7.32
C ILE F 211 24.64 18.27 -7.04
N LEU F 212 25.67 18.20 -7.85
CA LEU F 212 26.84 19.06 -7.68
C LEU F 212 26.37 20.51 -7.53
N GLN F 213 25.70 21.02 -8.56
CA GLN F 213 25.19 22.38 -8.53
C GLN F 213 24.36 22.67 -7.28
N ALA F 214 23.49 21.74 -6.91
CA ALA F 214 22.64 21.92 -5.73
C ALA F 214 23.43 22.14 -4.44
N ALA F 215 24.45 21.31 -4.22
CA ALA F 215 25.27 21.42 -3.02
C ALA F 215 26.02 22.74 -3.03
N ALA F 216 26.40 23.18 -4.22
CA ALA F 216 27.12 24.44 -4.38
C ALA F 216 26.19 25.60 -4.01
N ALA F 217 24.93 25.47 -4.38
CA ALA F 217 23.93 26.50 -4.08
C ALA F 217 23.77 26.70 -2.59
N LEU F 218 24.30 25.78 -1.80
CA LEU F 218 24.22 25.84 -0.35
C LEU F 218 25.53 26.35 0.24
N ASP F 219 26.63 25.97 -0.38
CA ASP F 219 27.94 26.39 0.11
C ASP F 219 29.05 26.09 -0.91
N LYS F 220 29.80 27.12 -1.25
CA LYS F 220 30.89 26.99 -2.22
C LYS F 220 31.75 25.76 -2.05
N LYS F 221 31.90 25.29 -0.82
CA LYS F 221 32.70 24.09 -0.60
C LYS F 221 31.75 22.89 -0.65
N ILE F 222 32.03 21.97 -1.57
CA ILE F 222 31.19 20.80 -1.74
C ILE F 222 31.52 19.72 -0.72
N THR F 223 30.70 19.65 0.33
CA THR F 223 30.87 18.68 1.41
C THR F 223 29.91 17.51 1.21
N ASP F 224 30.39 16.28 1.43
CA ASP F 224 29.52 15.12 1.27
C ASP F 224 28.27 15.25 2.14
N GLU F 225 28.35 16.08 3.18
CA GLU F 225 27.22 16.33 4.07
C GLU F 225 26.10 16.98 3.25
N ASN F 226 26.43 18.09 2.60
CA ASN F 226 25.46 18.81 1.78
C ASN F 226 25.00 18.00 0.57
N VAL F 227 25.87 17.13 0.08
CA VAL F 227 25.54 16.27 -1.05
C VAL F 227 24.35 15.43 -0.65
N PHE F 228 24.53 14.64 0.41
CA PHE F 228 23.49 13.77 0.95
C PHE F 228 22.24 14.57 1.29
N MET F 229 22.43 15.83 1.68
CA MET F 229 21.32 16.69 2.02
C MET F 229 20.43 16.91 0.82
N VAL F 230 20.98 17.51 -0.24
CA VAL F 230 20.21 17.77 -1.44
C VAL F 230 19.89 16.50 -2.21
N ALA F 231 20.83 15.56 -2.21
CA ALA F 231 20.65 14.29 -2.90
C ALA F 231 19.45 13.52 -2.36
N SER F 232 19.02 13.90 -1.16
CA SER F 232 17.92 13.24 -0.49
C SER F 232 18.22 11.75 -0.35
N ARG F 233 19.44 11.48 0.11
CA ARG F 233 19.93 10.13 0.34
C ARG F 233 20.77 10.13 1.61
N ALA F 234 20.57 9.10 2.43
CA ALA F 234 21.30 8.96 3.69
C ALA F 234 22.73 8.48 3.42
N ARG F 235 23.57 8.56 4.45
CA ARG F 235 24.94 8.12 4.32
C ARG F 235 24.99 6.60 4.31
N PRO F 236 25.59 6.01 3.28
CA PRO F 236 25.67 4.55 3.20
C PRO F 236 26.10 3.93 4.53
N GLU F 237 27.03 4.59 5.22
CA GLU F 237 27.50 4.09 6.51
C GLU F 237 26.32 3.98 7.48
N ASP F 238 25.50 5.02 7.52
CA ASP F 238 24.32 5.03 8.40
C ASP F 238 23.35 3.90 8.04
N ILE F 239 23.03 3.80 6.74
CA ILE F 239 22.12 2.76 6.25
C ILE F 239 22.64 1.40 6.68
N ARG F 240 23.90 1.10 6.36
CA ARG F 240 24.49 -0.19 6.73
C ARG F 240 24.46 -0.41 8.24
N GLU F 241 24.75 0.62 9.02
CA GLU F 241 24.75 0.46 10.46
C GLU F 241 23.35 0.03 10.90
N MET F 242 22.36 0.80 10.47
CA MET F 242 20.97 0.51 10.79
C MET F 242 20.63 -0.96 10.51
N MET F 243 20.92 -1.40 9.30
CA MET F 243 20.64 -2.78 8.92
C MET F 243 21.46 -3.77 9.72
N LEU F 244 22.70 -3.41 10.02
CA LEU F 244 23.61 -4.28 10.74
C LEU F 244 23.14 -4.45 12.17
N LEU F 245 22.76 -3.33 12.79
CA LEU F 245 22.25 -3.33 14.16
C LEU F 245 21.08 -4.32 14.26
N ALA F 246 20.09 -4.14 13.40
CA ALA F 246 18.92 -5.01 13.35
C ALA F 246 19.33 -6.47 13.16
N LEU F 247 20.32 -6.71 12.32
CA LEU F 247 20.78 -8.07 12.06
C LEU F 247 21.38 -8.65 13.35
N LYS F 248 22.18 -7.85 14.05
CA LYS F 248 22.81 -8.27 15.31
C LYS F 248 21.73 -8.69 16.31
N GLY F 249 20.62 -7.97 16.29
CA GLY F 249 19.52 -8.27 17.18
C GLY F 249 19.13 -7.03 17.96
N ASN F 250 19.62 -5.88 17.54
CA ASN F 250 19.29 -4.66 18.25
C ASN F 250 18.24 -3.86 17.47
N PHE F 251 17.06 -4.45 17.37
CA PHE F 251 15.95 -3.83 16.68
C PHE F 251 15.67 -2.44 17.20
N LEU F 252 15.54 -2.32 18.51
CA LEU F 252 15.25 -1.04 19.13
C LEU F 252 16.22 0.04 18.70
N LYS F 253 17.49 -0.33 18.54
CA LYS F 253 18.52 0.63 18.12
C LYS F 253 18.49 0.89 16.61
N ALA F 254 18.21 -0.15 15.83
CA ALA F 254 18.11 0.00 14.38
C ALA F 254 16.98 0.98 14.08
N ARG F 255 15.93 0.88 14.90
CA ARG F 255 14.77 1.72 14.74
C ARG F 255 15.01 3.18 15.08
N GLU F 256 15.88 3.45 16.05
CA GLU F 256 16.19 4.83 16.41
C GLU F 256 16.97 5.42 15.24
N LYS F 257 17.98 4.66 14.79
CA LYS F 257 18.80 5.07 13.67
C LYS F 257 17.86 5.47 12.52
N LEU F 258 16.92 4.59 12.19
CA LEU F 258 15.96 4.85 11.13
C LEU F 258 15.23 6.16 11.39
N ARG F 259 14.57 6.27 12.53
CA ARG F 259 13.83 7.48 12.90
C ARG F 259 14.70 8.72 12.69
N GLU F 260 15.93 8.69 13.18
CA GLU F 260 16.85 9.81 13.01
C GLU F 260 16.89 10.20 11.55
N ILE F 261 17.32 9.26 10.71
CA ILE F 261 17.40 9.50 9.27
C ILE F 261 16.11 10.13 8.73
N LEU F 262 14.99 9.43 8.85
CA LEU F 262 13.72 9.96 8.37
C LEU F 262 13.46 11.33 8.95
N LEU F 263 14.07 11.61 10.11
CA LEU F 263 13.91 12.90 10.78
C LEU F 263 14.80 13.97 10.16
N LYS F 264 16.09 13.67 10.08
CA LYS F 264 17.06 14.58 9.51
C LYS F 264 16.68 14.98 8.07
N GLN F 265 17.01 14.14 7.09
CA GLN F 265 16.69 14.47 5.70
C GLN F 265 15.27 14.15 5.23
N GLY F 266 14.42 13.75 6.17
CA GLY F 266 13.05 13.44 5.81
C GLY F 266 12.89 12.62 4.53
N LEU F 267 13.67 11.56 4.40
CA LEU F 267 13.60 10.71 3.22
C LEU F 267 12.23 10.07 3.13
N SER F 268 12.06 9.18 2.16
CA SER F 268 10.80 8.50 1.97
C SER F 268 10.97 6.98 2.13
N GLY F 269 9.85 6.27 2.18
CA GLY F 269 9.93 4.84 2.33
C GLY F 269 10.78 4.27 1.22
N GLU F 270 10.44 4.59 -0.03
CA GLU F 270 11.18 4.09 -1.17
C GLU F 270 12.65 4.51 -1.18
N ASP F 271 12.93 5.72 -0.69
CA ASP F 271 14.30 6.20 -0.65
C ASP F 271 15.13 5.24 0.19
N VAL F 272 14.71 5.06 1.43
CA VAL F 272 15.37 4.15 2.35
C VAL F 272 15.47 2.74 1.80
N LEU F 273 14.39 2.27 1.18
CA LEU F 273 14.36 0.92 0.63
C LEU F 273 15.41 0.71 -0.45
N VAL F 274 15.47 1.66 -1.38
CA VAL F 274 16.43 1.57 -2.46
C VAL F 274 17.85 1.62 -1.89
N GLN F 275 18.07 2.45 -0.87
CA GLN F 275 19.40 2.50 -0.28
C GLN F 275 19.71 1.17 0.43
N MET F 276 18.69 0.56 1.04
CA MET F 276 18.88 -0.71 1.73
C MET F 276 19.18 -1.82 0.72
N HIS F 277 18.48 -1.77 -0.41
CA HIS F 277 18.66 -2.76 -1.47
C HIS F 277 20.10 -2.74 -1.96
N LYS F 278 20.66 -1.54 -2.03
CA LYS F 278 22.01 -1.34 -2.49
C LYS F 278 23.04 -1.85 -1.47
N GLU F 279 22.90 -1.39 -0.23
CA GLU F 279 23.83 -1.75 0.82
C GLU F 279 23.77 -3.20 1.29
N VAL F 280 22.79 -3.96 0.85
CA VAL F 280 22.74 -5.34 1.31
C VAL F 280 23.98 -6.07 0.84
N PHE F 281 24.53 -5.61 -0.27
CA PHE F 281 25.69 -6.26 -0.83
C PHE F 281 27.02 -5.67 -0.41
N ASN F 282 26.99 -4.81 0.58
CA ASN F 282 28.22 -4.20 1.11
C ASN F 282 28.36 -4.61 2.56
N LEU F 283 27.45 -5.47 3.01
CA LEU F 283 27.44 -5.95 4.37
C LEU F 283 28.31 -7.20 4.49
N PRO F 284 28.94 -7.39 5.66
CA PRO F 284 29.81 -8.53 5.97
C PRO F 284 29.01 -9.74 6.43
N ILE F 285 28.15 -10.28 5.56
CA ILE F 285 27.34 -11.41 5.95
C ILE F 285 27.37 -12.56 4.96
N GLU F 286 27.07 -13.76 5.45
CA GLU F 286 27.05 -14.94 4.62
C GLU F 286 26.03 -14.75 3.50
N GLU F 287 26.36 -15.28 2.33
CA GLU F 287 25.50 -15.17 1.17
C GLU F 287 24.03 -15.53 1.44
N PRO F 288 23.78 -16.69 2.10
CA PRO F 288 22.41 -17.12 2.40
C PRO F 288 21.57 -16.04 3.10
N LYS F 289 22.22 -15.21 3.89
CA LYS F 289 21.53 -14.13 4.56
C LYS F 289 21.19 -13.03 3.56
N LYS F 290 22.07 -12.83 2.59
CA LYS F 290 21.86 -11.83 1.54
C LYS F 290 20.65 -12.28 0.72
N VAL F 291 20.56 -13.59 0.50
CA VAL F 291 19.47 -14.19 -0.25
C VAL F 291 18.17 -13.75 0.43
N LEU F 292 18.09 -13.98 1.73
CA LEU F 292 16.90 -13.63 2.50
C LEU F 292 16.61 -12.13 2.49
N LEU F 293 17.62 -11.33 2.76
CA LEU F 293 17.42 -9.89 2.78
C LEU F 293 16.90 -9.37 1.45
N ALA F 294 17.42 -9.91 0.34
CA ALA F 294 17.01 -9.50 -1.00
C ALA F 294 15.54 -9.83 -1.25
N ASP F 295 15.12 -10.98 -0.75
CA ASP F 295 13.76 -11.44 -0.89
C ASP F 295 12.84 -10.52 -0.08
N LYS F 296 13.27 -10.18 1.12
CA LYS F 296 12.50 -9.33 2.02
C LYS F 296 12.34 -7.92 1.50
N ILE F 297 13.40 -7.37 0.93
CA ILE F 297 13.34 -6.03 0.42
C ILE F 297 12.43 -6.01 -0.81
N GLY F 298 12.45 -7.08 -1.59
CA GLY F 298 11.55 -7.14 -2.75
C GLY F 298 10.14 -7.08 -2.20
N GLU F 299 9.85 -7.96 -1.23
CA GLU F 299 8.53 -8.01 -0.62
C GLU F 299 8.01 -6.67 -0.08
N TYR F 300 8.84 -5.94 0.67
CA TYR F 300 8.37 -4.67 1.19
C TYR F 300 8.29 -3.60 0.11
N ASN F 301 9.05 -3.79 -0.97
CA ASN F 301 8.94 -2.84 -2.06
C ASN F 301 7.53 -3.00 -2.59
N PHE F 302 7.09 -4.26 -2.69
CA PHE F 302 5.76 -4.55 -3.20
C PHE F 302 4.69 -4.03 -2.25
N ARG F 303 4.88 -4.26 -0.95
CA ARG F 303 3.93 -3.79 0.05
C ARG F 303 3.70 -2.29 -0.12
N LEU F 304 4.79 -1.55 -0.31
CA LEU F 304 4.73 -0.10 -0.50
C LEU F 304 3.96 0.22 -1.78
N VAL F 305 4.36 -0.45 -2.87
CA VAL F 305 3.74 -0.29 -4.18
C VAL F 305 2.24 -0.62 -4.18
N GLU F 306 1.90 -1.78 -3.63
CA GLU F 306 0.51 -2.22 -3.56
C GLU F 306 -0.31 -1.25 -2.73
N GLY F 307 0.33 -0.63 -1.75
CA GLY F 307 -0.37 0.33 -0.92
C GLY F 307 -0.75 1.60 -1.66
N ALA F 308 0.19 2.13 -2.43
CA ALA F 308 -0.04 3.37 -3.17
C ALA F 308 -0.80 3.20 -4.48
N ASN F 309 -1.11 1.97 -4.86
CA ASN F 309 -1.82 1.73 -6.11
C ASN F 309 -3.29 1.58 -5.77
N GLU F 310 -3.96 2.72 -5.63
CA GLU F 310 -5.36 2.79 -5.27
C GLU F 310 -6.37 2.16 -6.24
N ILE F 311 -6.13 2.31 -7.54
CA ILE F 311 -7.05 1.72 -8.52
C ILE F 311 -7.07 0.20 -8.40
N ILE F 312 -5.88 -0.40 -8.26
CA ILE F 312 -5.76 -1.85 -8.13
C ILE F 312 -6.52 -2.31 -6.88
N GLN F 313 -6.37 -1.53 -5.81
CA GLN F 313 -7.04 -1.80 -4.54
C GLN F 313 -8.56 -1.71 -4.70
N LEU F 314 -9.02 -0.57 -5.22
CA LEU F 314 -10.43 -0.33 -5.44
C LEU F 314 -11.08 -1.43 -6.27
N GLU F 315 -10.42 -1.82 -7.35
CA GLU F 315 -10.98 -2.86 -8.17
C GLU F 315 -10.97 -4.22 -7.45
N ALA F 316 -9.93 -4.49 -6.66
CA ALA F 316 -9.91 -5.74 -5.92
C ALA F 316 -11.11 -5.73 -4.95
N LEU F 317 -11.48 -4.54 -4.48
CA LEU F 317 -12.62 -4.41 -3.57
C LEU F 317 -13.92 -4.75 -4.32
N LEU F 318 -14.14 -4.11 -5.45
CA LEU F 318 -15.35 -4.36 -6.26
C LEU F 318 -15.48 -5.86 -6.57
N ALA F 319 -14.35 -6.53 -6.77
CA ALA F 319 -14.36 -7.96 -7.05
C ALA F 319 -14.78 -8.72 -5.80
N GLN F 320 -14.44 -8.18 -4.64
CA GLN F 320 -14.81 -8.82 -3.38
C GLN F 320 -16.32 -8.73 -3.24
N PHE F 321 -16.89 -7.61 -3.70
CA PHE F 321 -18.34 -7.40 -3.69
C PHE F 321 -19.03 -8.53 -4.48
N THR F 322 -18.48 -8.87 -5.64
CA THR F 322 -19.04 -9.90 -6.48
C THR F 322 -19.12 -11.26 -5.79
N LEU F 323 -18.12 -11.60 -4.99
CA LEU F 323 -18.13 -12.88 -4.30
C LEU F 323 -19.09 -12.81 -3.13
N ILE F 324 -19.38 -11.58 -2.70
CA ILE F 324 -20.27 -11.33 -1.57
C ILE F 324 -21.73 -11.26 -2.02
N GLY F 325 -21.99 -10.38 -2.99
CA GLY F 325 -23.33 -10.19 -3.51
C GLY F 325 -24.01 -11.39 -4.16
N LYS F 326 -23.47 -12.58 -3.95
CA LYS F 326 -24.06 -13.79 -4.50
C LYS F 326 -23.91 -14.93 -3.50
N LYS F 327 -23.74 -14.58 -2.23
CA LYS F 327 -23.58 -15.57 -1.18
C LYS F 327 -24.94 -15.97 -0.60
PB ADP G . 32.91 -9.16 25.63
O1B ADP G . 31.57 -9.32 25.00
O2B ADP G . 34.05 -9.77 24.79
O3B ADP G . 33.22 -7.71 26.00
PA ADP G . 33.73 -9.75 28.47
O1A ADP G . 35.16 -9.55 28.13
O2A ADP G . 33.41 -10.87 29.34
O3A ADP G . 32.96 -9.98 27.01
O5' ADP G . 33.15 -8.36 29.07
C5' ADP G . 31.74 -8.25 29.52
C4' ADP G . 31.54 -8.04 31.04
O4' ADP G . 31.13 -9.36 31.65
C3' ADP G . 32.77 -7.65 31.88
O3' ADP G . 32.89 -6.22 31.94
C2' ADP G . 32.40 -8.20 33.33
O2' ADP G . 31.48 -7.35 34.10
C1' ADP G . 31.63 -9.49 32.99
N9 ADP G . 32.51 -10.74 33.07
C8 ADP G . 32.80 -11.55 32.08
N7 ADP G . 33.57 -12.51 32.42
C5 ADP G . 33.81 -12.31 33.76
C6 ADP G . 34.59 -13.01 34.77
N6 ADP G . 35.30 -14.14 34.48
N1 ADP G . 34.61 -12.51 36.03
C2 ADP G . 33.91 -11.40 36.32
N3 ADP G . 33.16 -10.67 35.45
C4 ADP G . 33.15 -11.19 34.19
PB ADP H . 2.55 11.39 38.63
O1B ADP H . 4.00 11.26 38.96
O2B ADP H . 2.08 12.84 38.31
O3B ADP H . 2.12 10.43 37.54
PA ADP H . 1.32 11.79 41.32
O1A ADP H . 2.63 12.24 41.82
O2A ADP H . 0.52 10.93 42.15
O3A ADP H . 1.69 11.01 39.91
O5' ADP H . 0.48 13.12 40.91
C5' ADP H . -0.90 13.03 40.43
C4' ADP H . -1.95 13.60 41.41
O4' ADP H . -2.70 12.48 42.07
C3' ADP H . -1.39 14.43 42.58
O3' ADP H . -1.68 15.82 42.35
C2' ADP H . -2.15 13.96 43.90
O2' ADP H . -3.23 14.86 44.32
C1' ADP H . -2.83 12.64 43.49
N9 ADP H . -2.26 11.38 44.18
C8 ADP H . -1.79 10.33 43.55
N7 ADP H . -1.38 9.40 44.31
C5 ADP H . -1.60 9.87 45.59
C6 ADP H . -1.37 9.32 46.91
N6 ADP H . -0.82 8.08 47.12
N1 ADP H . -1.71 10.07 47.98
C2 ADP H . -2.23 11.27 47.79
N3 ADP H . -2.49 11.88 46.60
C4 ADP H . -2.15 11.12 45.53
PB ADP I . -16.21 27.60 13.29
O1B ADP I . -15.90 29.03 12.96
O2B ADP I . -15.96 26.61 12.11
O3B ADP I . -15.52 27.10 14.57
PA ADP I . -18.97 28.54 13.85
O1A ADP I . -18.49 29.44 14.95
O2A ADP I . -20.23 27.82 14.06
O3A ADP I . -17.76 27.45 13.57
O5' ADP I . -19.04 29.44 12.49
C5' ADP I . -19.48 28.86 11.22
C4' ADP I . -20.79 29.43 10.67
O4' ADP I . -21.82 28.36 10.78
C3' ADP I . -21.43 30.60 11.44
O3' ADP I . -20.97 31.86 10.92
C2' ADP I . -22.95 30.46 11.07
O2' ADP I . -23.29 30.97 9.73
C1' ADP I . -23.13 28.92 11.02
N9 ADP I . -23.71 28.29 12.32
C8 ADP I . -23.10 27.42 13.11
N7 ADP I . -23.81 27.06 14.12
C5 ADP I . -25.00 27.77 14.00
C6 ADP I . -26.21 27.84 14.79
N6 ADP I . -26.39 27.12 15.93
N1 ADP I . -27.21 28.66 14.36
C2 ADP I . -27.04 29.38 13.25
N3 ADP I . -25.95 29.38 12.44
C4 ADP I . -24.96 28.56 12.88
PB ADP J . -2.37 -10.24 -39.68
O1B ADP J . -3.81 -10.67 -39.65
O2B ADP J . -2.10 -8.94 -40.51
O3B ADP J . -1.77 -10.10 -38.29
PA ADP J . -0.94 -11.49 -41.98
O1A ADP J . -2.14 -11.28 -42.84
O2A ADP J . -0.24 -12.75 -42.11
O3A ADP J . -1.51 -11.35 -40.43
O5' ADP J . 0.07 -10.23 -42.22
C5' ADP J . 1.36 -10.16 -41.54
C4' ADP J . 2.60 -10.32 -42.46
O4' ADP J . 3.18 -11.68 -42.22
C3' ADP J . 2.36 -10.26 -43.97
O3' ADP J . 2.70 -8.96 -44.46
C2' ADP J . 3.38 -11.31 -44.60
O2' ADP J . 4.67 -10.72 -44.99
C1' ADP J . 3.66 -12.30 -43.43
N9 ADP J . 2.98 -13.69 -43.57
C8 ADP J . 2.08 -14.21 -42.75
N7 ADP J . 1.66 -15.37 -43.08
C5 ADP J . 2.35 -15.68 -44.25
C6 ADP J . 2.37 -16.82 -45.14
N6 ADP J . 1.59 -17.94 -44.95
N1 ADP J . 3.18 -16.78 -46.22
C2 ADP J . 3.94 -15.70 -46.42
N3 ADP J . 3.99 -14.59 -45.65
C4 ADP J . 3.18 -14.63 -44.57
#